data_5KVJ
# 
_entry.id   5KVJ 
# 
_audit_conform.dict_name       mmcif_pdbx.dic 
_audit_conform.dict_version    5.379 
_audit_conform.dict_location   http://mmcif.pdb.org/dictionaries/ascii/mmcif_pdbx.dic 
# 
loop_
_database_2.database_id 
_database_2.database_code 
_database_2.pdbx_database_accession 
_database_2.pdbx_DOI 
PDB   5KVJ         pdb_00005kvj 10.2210/pdb5kvj/pdb 
WWPDB D_1000222796 ?            ?                   
# 
_pdbx_database_status.status_code                     REL 
_pdbx_database_status.status_code_sf                  REL 
_pdbx_database_status.status_code_mr                  ? 
_pdbx_database_status.entry_id                        5KVJ 
_pdbx_database_status.recvd_initial_deposition_date   2016-07-14 
_pdbx_database_status.SG_entry                        Y 
_pdbx_database_status.deposit_site                    RCSB 
_pdbx_database_status.process_site                    RCSB 
_pdbx_database_status.status_code_cs                  ? 
_pdbx_database_status.methods_development_category    ? 
_pdbx_database_status.pdb_format_compatible           Y 
_pdbx_database_status.status_code_nmr_data            ? 
# 
loop_
_audit_author.name 
_audit_author.pdbx_ordinal 
'Vorobiev, S.M.'                                  1 
'Ma, L.-C.'                                       2 
'Montelione, G.T.'                                3 
'Northeast Structural Genomics Consortium (NESG)' 4 
# 
_citation.abstract                  ? 
_citation.abstract_id_CAS           ? 
_citation.book_id_ISBN              ? 
_citation.book_publisher            ? 
_citation.book_publisher_city       ? 
_citation.book_title                ? 
_citation.coordinate_linkage        ? 
_citation.country                   ? 
_citation.database_id_Medline       ? 
_citation.details                   ? 
_citation.id                        primary 
_citation.journal_abbrev            'To be published' 
_citation.journal_id_ASTM           ? 
_citation.journal_id_CSD            0353 
_citation.journal_id_ISSN           ? 
_citation.journal_full              ? 
_citation.journal_issue             ? 
_citation.journal_volume            ? 
_citation.language                  ? 
_citation.page_first                ? 
_citation.page_last                 ? 
_citation.title                     'Crystal structure of the 16-mer double stranded RNA.' 
_citation.year                      ? 
_citation.database_id_CSD           ? 
_citation.pdbx_database_id_DOI      ? 
_citation.pdbx_database_id_PubMed   ? 
_citation.unpublished_flag          ? 
# 
loop_
_citation_author.citation_id 
_citation_author.name 
_citation_author.ordinal 
_citation_author.identifier_ORCID 
primary 'Vorobiev, S.M.'   1 ? 
primary 'Ma, L.-C.'        2 ? 
primary 'Montelione, G.T.' 3 ? 
# 
_cell.angle_alpha                  90.00 
_cell.angle_alpha_esd              ? 
_cell.angle_beta                   90.00 
_cell.angle_beta_esd               ? 
_cell.angle_gamma                  120.00 
_cell.angle_gamma_esd              ? 
_cell.entry_id                     5KVJ 
_cell.details                      ? 
_cell.formula_units_Z              ? 
_cell.length_a                     43.299 
_cell.length_a_esd                 ? 
_cell.length_b                     43.299 
_cell.length_b_esd                 ? 
_cell.length_c                     124.441 
_cell.length_c_esd                 ? 
_cell.volume                       ? 
_cell.volume_esd                   ? 
_cell.Z_PDB                        9 
_cell.reciprocal_angle_alpha       ? 
_cell.reciprocal_angle_beta        ? 
_cell.reciprocal_angle_gamma       ? 
_cell.reciprocal_angle_alpha_esd   ? 
_cell.reciprocal_angle_beta_esd    ? 
_cell.reciprocal_angle_gamma_esd   ? 
_cell.reciprocal_length_a          ? 
_cell.reciprocal_length_b          ? 
_cell.reciprocal_length_c          ? 
_cell.reciprocal_length_a_esd      ? 
_cell.reciprocal_length_b_esd      ? 
_cell.reciprocal_length_c_esd      ? 
_cell.pdbx_unique_axis             ? 
# 
_symmetry.entry_id                         5KVJ 
_symmetry.cell_setting                     ? 
_symmetry.Int_Tables_number                146 
_symmetry.space_group_name_Hall            ? 
_symmetry.space_group_name_H-M             'H 3' 
_symmetry.pdbx_full_space_group_name_H-M   ? 
# 
loop_
_entity.id 
_entity.type 
_entity.src_method 
_entity.pdbx_description 
_entity.formula_weight 
_entity.pdbx_number_of_molecules 
_entity.pdbx_ec 
_entity.pdbx_mutation 
_entity.pdbx_fragment 
_entity.details 
1 polymer     syn 
;RNA (5'-R(P*CP*CP*AP*UP*CP*CP*UP*CP*UP*AP*CP*AP*GP*GP*CP*G)-3')
;
5033.047 1  ? ? ? ? 
2 polymer     syn 
;RNA (5'-R(P*CP*GP*CP*CP*UP*GP*UP*AP*GP*AP*GP*GP*AP*UP*GP*G)-3')
;
5193.144 1  ? ? ? ? 
3 non-polymer syn ARGININE                                                          175.209  1  ? ? ? ? 
4 water       nat water                                                             18.015   10 ? ? ? ? 
# 
loop_
_entity_poly.entity_id 
_entity_poly.type 
_entity_poly.nstd_linkage 
_entity_poly.nstd_monomer 
_entity_poly.pdbx_seq_one_letter_code 
_entity_poly.pdbx_seq_one_letter_code_can 
_entity_poly.pdbx_strand_id 
_entity_poly.pdbx_target_identifier 
1 polyribonucleotide no no CCAUCCUCUACAGGCG CCAUCCUCUACAGGCG A ? 
2 polyribonucleotide no no CGCCUGUAGAGGAUGG CGCCUGUAGAGGAUGG B ? 
# 
loop_
_entity_poly_seq.entity_id 
_entity_poly_seq.num 
_entity_poly_seq.mon_id 
_entity_poly_seq.hetero 
1 1  C n 
1 2  C n 
1 3  A n 
1 4  U n 
1 5  C n 
1 6  C n 
1 7  U n 
1 8  C n 
1 9  U n 
1 10 A n 
1 11 C n 
1 12 A n 
1 13 G n 
1 14 G n 
1 15 C n 
1 16 G n 
2 1  C n 
2 2  G n 
2 3  C n 
2 4  C n 
2 5  U n 
2 6  G n 
2 7  U n 
2 8  A n 
2 9  G n 
2 10 A n 
2 11 G n 
2 12 G n 
2 13 A n 
2 14 U n 
2 15 G n 
2 16 G n 
# 
loop_
_pdbx_entity_src_syn.entity_id 
_pdbx_entity_src_syn.pdbx_src_id 
_pdbx_entity_src_syn.pdbx_alt_source_flag 
_pdbx_entity_src_syn.pdbx_beg_seq_num 
_pdbx_entity_src_syn.pdbx_end_seq_num 
_pdbx_entity_src_syn.organism_scientific 
_pdbx_entity_src_syn.organism_common_name 
_pdbx_entity_src_syn.ncbi_taxonomy_id 
_pdbx_entity_src_syn.details 
1 1 sample 1 16 'synthetic construct' ? 32630 ? 
2 1 sample 1 16 'synthetic construct' ? 32630 ? 
# 
loop_
_struct_ref.id 
_struct_ref.db_name 
_struct_ref.db_code 
_struct_ref.pdbx_db_accession 
_struct_ref.pdbx_db_isoform 
_struct_ref.entity_id 
_struct_ref.pdbx_seq_one_letter_code 
_struct_ref.pdbx_align_begin 
1 PDB 5KVJ 5KVJ ? 1 ? 1 
2 PDB 5KVJ 5KVJ ? 2 ? 1 
# 
loop_
_struct_ref_seq.align_id 
_struct_ref_seq.ref_id 
_struct_ref_seq.pdbx_PDB_id_code 
_struct_ref_seq.pdbx_strand_id 
_struct_ref_seq.seq_align_beg 
_struct_ref_seq.pdbx_seq_align_beg_ins_code 
_struct_ref_seq.seq_align_end 
_struct_ref_seq.pdbx_seq_align_end_ins_code 
_struct_ref_seq.pdbx_db_accession 
_struct_ref_seq.db_align_beg 
_struct_ref_seq.pdbx_db_align_beg_ins_code 
_struct_ref_seq.db_align_end 
_struct_ref_seq.pdbx_db_align_end_ins_code 
_struct_ref_seq.pdbx_auth_seq_align_beg 
_struct_ref_seq.pdbx_auth_seq_align_end 
1 1 5KVJ A 1 ? 16 ? 5KVJ 1 ? 16 ? 1 16 
2 2 5KVJ B 1 ? 16 ? 5KVJ 1 ? 16 ? 1 16 
# 
loop_
_chem_comp.id 
_chem_comp.type 
_chem_comp.mon_nstd_flag 
_chem_comp.name 
_chem_comp.pdbx_synonyms 
_chem_comp.formula 
_chem_comp.formula_weight 
A   'RNA linking'       y "ADENOSINE-5'-MONOPHOSPHATE" ? 'C10 H14 N5 O7 P' 347.221 
ARG 'L-peptide linking' y ARGININE                     ? 'C6 H15 N4 O2 1'  175.209 
C   'RNA linking'       y "CYTIDINE-5'-MONOPHOSPHATE"  ? 'C9 H14 N3 O8 P'  323.197 
G   'RNA linking'       y "GUANOSINE-5'-MONOPHOSPHATE" ? 'C10 H14 N5 O8 P' 363.221 
HOH non-polymer         . WATER                        ? 'H2 O'            18.015  
U   'RNA linking'       y "URIDINE-5'-MONOPHOSPHATE"   ? 'C9 H13 N2 O9 P'  324.181 
# 
_exptl.absorpt_coefficient_mu     ? 
_exptl.absorpt_correction_T_max   ? 
_exptl.absorpt_correction_T_min   ? 
_exptl.absorpt_correction_type    ? 
_exptl.absorpt_process_details    ? 
_exptl.entry_id                   5KVJ 
_exptl.crystals_number            1 
_exptl.details                    ? 
_exptl.method                     'X-RAY DIFFRACTION' 
_exptl.method_details             ? 
# 
_exptl_crystal.colour                      ? 
_exptl_crystal.density_diffrn              ? 
_exptl_crystal.density_Matthews            2.13 
_exptl_crystal.density_method              ? 
_exptl_crystal.density_percent_sol         42.15 
_exptl_crystal.description                 ? 
_exptl_crystal.F_000                       ? 
_exptl_crystal.id                          1 
_exptl_crystal.preparation                 ? 
_exptl_crystal.size_max                    ? 
_exptl_crystal.size_mid                    ? 
_exptl_crystal.size_min                    ? 
_exptl_crystal.size_rad                    ? 
_exptl_crystal.colour_lustre               ? 
_exptl_crystal.colour_modifier             ? 
_exptl_crystal.colour_primary              ? 
_exptl_crystal.density_meas                ? 
_exptl_crystal.density_meas_esd            ? 
_exptl_crystal.density_meas_gt             ? 
_exptl_crystal.density_meas_lt             ? 
_exptl_crystal.density_meas_temp           ? 
_exptl_crystal.density_meas_temp_esd       ? 
_exptl_crystal.density_meas_temp_gt        ? 
_exptl_crystal.density_meas_temp_lt        ? 
_exptl_crystal.pdbx_crystal_image_url      ? 
_exptl_crystal.pdbx_crystal_image_format   ? 
_exptl_crystal.pdbx_mosaicity              ? 
_exptl_crystal.pdbx_mosaicity_esd          ? 
# 
_exptl_crystal_grow.apparatus       ? 
_exptl_crystal_grow.atmosphere      ? 
_exptl_crystal_grow.crystal_id      1 
_exptl_crystal_grow.details         ? 
_exptl_crystal_grow.method          'Microbatch under paraffin oil' 
_exptl_crystal_grow.method_ref      ? 
_exptl_crystal_grow.pH              9.0 
_exptl_crystal_grow.pressure        ? 
_exptl_crystal_grow.pressure_esd    ? 
_exptl_crystal_grow.seeding         ? 
_exptl_crystal_grow.seeding_ref     ? 
_exptl_crystal_grow.temp            291 
_exptl_crystal_grow.temp_details    ? 
_exptl_crystal_grow.temp_esd        ? 
_exptl_crystal_grow.time            ? 
_exptl_crystal_grow.pdbx_details    
;2.4 M Ammonium sulfate, 0.1 M BICINE, pH 9.0, dsRNA buffer: 0.025M NH4OAc, pH 5.5, 0.275 M
NaCl, 0.005 M CaCl2, 0.001 M EDTA, 0.001 M TCEP, 0.025 M Arg, and 0.02% NaN3
;
_exptl_crystal_grow.pdbx_pH_range   7.0-9.0 
# 
_diffrn.ambient_environment    ? 
_diffrn.ambient_temp           100 
_diffrn.ambient_temp_details   ? 
_diffrn.ambient_temp_esd       ? 
_diffrn.crystal_id             1 
_diffrn.crystal_support        ? 
_diffrn.crystal_treatment      ? 
_diffrn.details                ? 
_diffrn.id                     1 
_diffrn.ambient_pressure       ? 
_diffrn.ambient_pressure_esd   ? 
_diffrn.ambient_pressure_gt    ? 
_diffrn.ambient_pressure_lt    ? 
_diffrn.ambient_temp_gt        ? 
_diffrn.ambient_temp_lt        ? 
# 
_diffrn_detector.details                      ? 
_diffrn_detector.detector                     'IMAGE PLATE' 
_diffrn_detector.diffrn_id                    1 
_diffrn_detector.type                         'RIGAKU RAXIS IV++' 
_diffrn_detector.area_resol_mean              ? 
_diffrn_detector.dtime                        ? 
_diffrn_detector.pdbx_frames_total            ? 
_diffrn_detector.pdbx_collection_time_total   ? 
_diffrn_detector.pdbx_collection_date         2016-05-05 
# 
_diffrn_radiation.collimation                      ? 
_diffrn_radiation.diffrn_id                        1 
_diffrn_radiation.filter_edge                      ? 
_diffrn_radiation.inhomogeneity                    ? 
_diffrn_radiation.monochromator                    ? 
_diffrn_radiation.polarisn_norm                    ? 
_diffrn_radiation.polarisn_ratio                   ? 
_diffrn_radiation.probe                            ? 
_diffrn_radiation.type                             ? 
_diffrn_radiation.xray_symbol                      ? 
_diffrn_radiation.wavelength_id                    1 
_diffrn_radiation.pdbx_monochromatic_or_laue_m_l   M 
_diffrn_radiation.pdbx_wavelength_list             ? 
_diffrn_radiation.pdbx_wavelength                  ? 
_diffrn_radiation.pdbx_diffrn_protocol             'SINGLE WAVELENGTH' 
_diffrn_radiation.pdbx_analyzer                    ? 
_diffrn_radiation.pdbx_scattering_type             x-ray 
# 
_diffrn_radiation_wavelength.id           1 
_diffrn_radiation_wavelength.wavelength   1.54 
_diffrn_radiation_wavelength.wt           1.0 
# 
_diffrn_source.current                     ? 
_diffrn_source.details                     ? 
_diffrn_source.diffrn_id                   1 
_diffrn_source.power                       ? 
_diffrn_source.size                        ? 
_diffrn_source.source                      'ROTATING ANODE' 
_diffrn_source.target                      ? 
_diffrn_source.type                        'RIGAKU MICROMAX-007' 
_diffrn_source.voltage                     ? 
_diffrn_source.take-off_angle              ? 
_diffrn_source.pdbx_wavelength_list        1.54 
_diffrn_source.pdbx_wavelength             ? 
_diffrn_source.pdbx_synchrotron_beamline   ? 
_diffrn_source.pdbx_synchrotron_site       ? 
# 
_reflns.B_iso_Wilson_estimate            ? 
_reflns.entry_id                         5KVJ 
_reflns.data_reduction_details           ? 
_reflns.data_reduction_method            ? 
_reflns.d_resolution_high                2.26 
_reflns.d_resolution_low                 50.00 
_reflns.details                          ? 
_reflns.limit_h_max                      ? 
_reflns.limit_h_min                      ? 
_reflns.limit_k_max                      ? 
_reflns.limit_k_min                      ? 
_reflns.limit_l_max                      ? 
_reflns.limit_l_min                      ? 
_reflns.number_all                       ? 
_reflns.number_obs                       3824 
_reflns.observed_criterion               ? 
_reflns.observed_criterion_F_max         ? 
_reflns.observed_criterion_F_min         ? 
_reflns.observed_criterion_I_max         ? 
_reflns.observed_criterion_I_min         ? 
_reflns.observed_criterion_sigma_F       ? 
_reflns.observed_criterion_sigma_I       ? 
_reflns.percent_possible_obs             93.6 
_reflns.R_free_details                   ? 
_reflns.Rmerge_F_all                     ? 
_reflns.Rmerge_F_obs                     ? 
_reflns.Friedel_coverage                 ? 
_reflns.number_gt                        ? 
_reflns.threshold_expression             ? 
_reflns.pdbx_redundancy                  2.0 
_reflns.pdbx_Rmerge_I_obs                0.028 
_reflns.pdbx_Rmerge_I_all                ? 
_reflns.pdbx_Rsym_value                  ? 
_reflns.pdbx_netI_over_av_sigmaI         ? 
_reflns.pdbx_netI_over_sigmaI            37.2 
_reflns.pdbx_res_netI_over_av_sigmaI_2   ? 
_reflns.pdbx_res_netI_over_sigmaI_2      ? 
_reflns.pdbx_chi_squared                 ? 
_reflns.pdbx_scaling_rejects             ? 
_reflns.pdbx_d_res_high_opt              ? 
_reflns.pdbx_d_res_low_opt               ? 
_reflns.pdbx_d_res_opt_method            ? 
_reflns.phase_calculation_details        ? 
_reflns.pdbx_Rrim_I_all                  ? 
_reflns.pdbx_Rpim_I_all                  ? 
_reflns.pdbx_d_opt                       ? 
_reflns.pdbx_number_measured_all         ? 
_reflns.pdbx_diffrn_id                   1 
_reflns.pdbx_ordinal                     1 
_reflns.pdbx_CC_half                     ? 
_reflns.pdbx_R_split                     ? 
# 
_reflns_shell.d_res_high                  2.26 
_reflns_shell.d_res_low                   2.30 
_reflns_shell.meanI_over_sigI_all         ? 
_reflns_shell.meanI_over_sigI_obs         3.5 
_reflns_shell.number_measured_all         ? 
_reflns_shell.number_measured_obs         ? 
_reflns_shell.number_possible             ? 
_reflns_shell.number_unique_all           ? 
_reflns_shell.number_unique_obs           ? 
_reflns_shell.percent_possible_all        97.7 
_reflns_shell.percent_possible_obs        ? 
_reflns_shell.Rmerge_F_all                ? 
_reflns_shell.Rmerge_F_obs                ? 
_reflns_shell.Rmerge_I_all                ? 
_reflns_shell.Rmerge_I_obs                0.334 
_reflns_shell.meanI_over_sigI_gt          ? 
_reflns_shell.meanI_over_uI_all           ? 
_reflns_shell.meanI_over_uI_gt            ? 
_reflns_shell.number_measured_gt          ? 
_reflns_shell.number_unique_gt            ? 
_reflns_shell.percent_possible_gt         ? 
_reflns_shell.Rmerge_F_gt                 ? 
_reflns_shell.Rmerge_I_gt                 ? 
_reflns_shell.pdbx_redundancy             1.7 
_reflns_shell.pdbx_Rsym_value             ? 
_reflns_shell.pdbx_chi_squared            ? 
_reflns_shell.pdbx_netI_over_sigmaI_all   ? 
_reflns_shell.pdbx_netI_over_sigmaI_obs   ? 
_reflns_shell.pdbx_Rrim_I_all             ? 
_reflns_shell.pdbx_Rpim_I_all             ? 
_reflns_shell.pdbx_rejects                ? 
_reflns_shell.pdbx_ordinal                1 
_reflns_shell.pdbx_diffrn_id              1 
_reflns_shell.pdbx_CC_half                ? 
_reflns_shell.pdbx_R_split                ? 
# 
_refine.aniso_B[1][1]                            ? 
_refine.aniso_B[1][2]                            ? 
_refine.aniso_B[1][3]                            ? 
_refine.aniso_B[2][2]                            ? 
_refine.aniso_B[2][3]                            ? 
_refine.aniso_B[3][3]                            ? 
_refine.B_iso_max                                ? 
_refine.B_iso_mean                               ? 
_refine.B_iso_min                                ? 
_refine.correlation_coeff_Fo_to_Fc               ? 
_refine.correlation_coeff_Fo_to_Fc_free          ? 
_refine.details                                  ? 
_refine.diff_density_max                         ? 
_refine.diff_density_max_esd                     ? 
_refine.diff_density_min                         ? 
_refine.diff_density_min_esd                     ? 
_refine.diff_density_rms                         ? 
_refine.diff_density_rms_esd                     ? 
_refine.entry_id                                 5KVJ 
_refine.pdbx_refine_id                           'X-RAY DIFFRACTION' 
_refine.ls_abs_structure_details                 ? 
_refine.ls_abs_structure_Flack                   ? 
_refine.ls_abs_structure_Flack_esd               ? 
_refine.ls_abs_structure_Rogers                  ? 
_refine.ls_abs_structure_Rogers_esd              ? 
_refine.ls_d_res_high                            2.261 
_refine.ls_d_res_low                             21.649 
_refine.ls_extinction_coef                       ? 
_refine.ls_extinction_coef_esd                   ? 
_refine.ls_extinction_expression                 ? 
_refine.ls_extinction_method                     ? 
_refine.ls_goodness_of_fit_all                   ? 
_refine.ls_goodness_of_fit_all_esd               ? 
_refine.ls_goodness_of_fit_obs                   ? 
_refine.ls_goodness_of_fit_obs_esd               ? 
_refine.ls_hydrogen_treatment                    ? 
_refine.ls_matrix_type                           ? 
_refine.ls_number_constraints                    ? 
_refine.ls_number_parameters                     ? 
_refine.ls_number_reflns_all                     ? 
_refine.ls_number_reflns_obs                     3802 
_refine.ls_number_reflns_R_free                  189 
_refine.ls_number_reflns_R_work                  ? 
_refine.ls_number_restraints                     ? 
_refine.ls_percent_reflns_obs                    93.14 
_refine.ls_percent_reflns_R_free                 4.97 
_refine.ls_R_factor_all                          ? 
_refine.ls_R_factor_obs                          0.1958 
_refine.ls_R_factor_R_free                       0.2334 
_refine.ls_R_factor_R_free_error                 ? 
_refine.ls_R_factor_R_free_error_details         ? 
_refine.ls_R_factor_R_work                       0.1937 
_refine.ls_R_Fsqd_factor_obs                     ? 
_refine.ls_R_I_factor_obs                        ? 
_refine.ls_redundancy_reflns_all                 ? 
_refine.ls_redundancy_reflns_obs                 ? 
_refine.ls_restrained_S_all                      ? 
_refine.ls_restrained_S_obs                      ? 
_refine.ls_shift_over_esd_max                    ? 
_refine.ls_shift_over_esd_mean                   ? 
_refine.ls_structure_factor_coef                 ? 
_refine.ls_weighting_details                     ? 
_refine.ls_weighting_scheme                      ? 
_refine.ls_wR_factor_all                         ? 
_refine.ls_wR_factor_obs                         ? 
_refine.ls_wR_factor_R_free                      ? 
_refine.ls_wR_factor_R_work                      ? 
_refine.occupancy_max                            ? 
_refine.occupancy_min                            ? 
_refine.solvent_model_details                    ? 
_refine.solvent_model_param_bsol                 ? 
_refine.solvent_model_param_ksol                 ? 
_refine.ls_R_factor_gt                           ? 
_refine.ls_goodness_of_fit_gt                    ? 
_refine.ls_goodness_of_fit_ref                   ? 
_refine.ls_shift_over_su_max                     ? 
_refine.ls_shift_over_su_max_lt                  ? 
_refine.ls_shift_over_su_mean                    ? 
_refine.ls_shift_over_su_mean_lt                 ? 
_refine.pdbx_ls_sigma_I                          ? 
_refine.pdbx_ls_sigma_F                          1.97 
_refine.pdbx_ls_sigma_Fsqd                       ? 
_refine.pdbx_data_cutoff_high_absF               ? 
_refine.pdbx_data_cutoff_high_rms_absF           ? 
_refine.pdbx_data_cutoff_low_absF                ? 
_refine.pdbx_isotropic_thermal_model             ? 
_refine.pdbx_ls_cross_valid_method               THROUGHOUT 
_refine.pdbx_method_to_determine_struct          'MOLECULAR REPLACEMENT' 
_refine.pdbx_starting_model                      3nd3 
_refine.pdbx_stereochemistry_target_values       ? 
_refine.pdbx_R_Free_selection_details            ? 
_refine.pdbx_stereochem_target_val_spec_case     ? 
_refine.pdbx_overall_ESU_R                       ? 
_refine.pdbx_overall_ESU_R_Free                  ? 
_refine.pdbx_solvent_vdw_probe_radii             1.11 
_refine.pdbx_solvent_ion_probe_radii             ? 
_refine.pdbx_solvent_shrinkage_radii             0.90 
_refine.pdbx_real_space_R                        ? 
_refine.pdbx_density_correlation                 ? 
_refine.pdbx_pd_number_of_powder_patterns        ? 
_refine.pdbx_pd_number_of_points                 ? 
_refine.pdbx_pd_meas_number_of_points            ? 
_refine.pdbx_pd_proc_ls_prof_R_factor            ? 
_refine.pdbx_pd_proc_ls_prof_wR_factor           ? 
_refine.pdbx_pd_Marquardt_correlation_coeff      ? 
_refine.pdbx_pd_Fsqrd_R_factor                   ? 
_refine.pdbx_pd_ls_matrix_band_width             ? 
_refine.pdbx_overall_phase_error                 28.14 
_refine.pdbx_overall_SU_R_free_Cruickshank_DPI   ? 
_refine.pdbx_overall_SU_R_free_Blow_DPI          ? 
_refine.pdbx_overall_SU_R_Blow_DPI               ? 
_refine.pdbx_TLS_residual_ADP_flag               ? 
_refine.pdbx_diffrn_id                           1 
_refine.overall_SU_B                             ? 
_refine.overall_SU_ML                            0.11 
_refine.overall_SU_R_Cruickshank_DPI             ? 
_refine.overall_SU_R_free                        ? 
_refine.overall_FOM_free_R_set                   ? 
_refine.overall_FOM_work_R_set                   ? 
_refine.pdbx_average_fsc_overall                 ? 
_refine.pdbx_average_fsc_work                    ? 
_refine.pdbx_average_fsc_free                    ? 
# 
_refine_hist.pdbx_refine_id                   'X-RAY DIFFRACTION' 
_refine_hist.cycle_id                         LAST 
_refine_hist.pdbx_number_atoms_protein        12 
_refine_hist.pdbx_number_atoms_nucleic_acid   682 
_refine_hist.pdbx_number_atoms_ligand         0 
_refine_hist.number_atoms_solvent             10 
_refine_hist.number_atoms_total               704 
_refine_hist.d_res_high                       2.261 
_refine_hist.d_res_low                        21.649 
# 
loop_
_refine_ls_restr.pdbx_refine_id 
_refine_ls_restr.criterion 
_refine_ls_restr.dev_ideal 
_refine_ls_restr.dev_ideal_target 
_refine_ls_restr.number 
_refine_ls_restr.rejects 
_refine_ls_restr.type 
_refine_ls_restr.weight 
_refine_ls_restr.pdbx_restraint_function 
'X-RAY DIFFRACTION' ? 0.010 ? 771  ? f_bond_d           ? ? 
'X-RAY DIFFRACTION' ? 1.341 ? 1193 ? f_angle_d          ? ? 
'X-RAY DIFFRACTION' ? 9.923 ? 384  ? f_dihedral_angle_d ? ? 
'X-RAY DIFFRACTION' ? 0.054 ? 161  ? f_chiral_restr     ? ? 
'X-RAY DIFFRACTION' ? 0.054 ? 34   ? f_plane_restr      ? ? 
# 
_refine_ls_shell.pdbx_refine_id                   'X-RAY DIFFRACTION' 
_refine_ls_shell.d_res_high                       2.2605 
_refine_ls_shell.d_res_low                        21.6505 
_refine_ls_shell.number_reflns_all                ? 
_refine_ls_shell.number_reflns_obs                ? 
_refine_ls_shell.number_reflns_R_free             189 
_refine_ls_shell.number_reflns_R_work             3613 
_refine_ls_shell.percent_reflns_obs               93.00 
_refine_ls_shell.percent_reflns_R_free            ? 
_refine_ls_shell.R_factor_all                     ? 
_refine_ls_shell.R_factor_obs                     ? 
_refine_ls_shell.R_factor_R_free                  0.2334 
_refine_ls_shell.R_factor_R_free_error            ? 
_refine_ls_shell.R_factor_R_work                  0.1937 
_refine_ls_shell.redundancy_reflns_all            ? 
_refine_ls_shell.redundancy_reflns_obs            ? 
_refine_ls_shell.wR_factor_all                    ? 
_refine_ls_shell.wR_factor_obs                    ? 
_refine_ls_shell.wR_factor_R_free                 ? 
_refine_ls_shell.wR_factor_R_work                 ? 
_refine_ls_shell.pdbx_total_number_of_bins_used   ? 
_refine_ls_shell.pdbx_phase_error                 ? 
_refine_ls_shell.pdbx_fsc_work                    ? 
_refine_ls_shell.pdbx_fsc_free                    ? 
# 
_struct.entry_id                     5KVJ 
_struct.title                        
'Crystal structure of the 16-mer doublestranded RNA. Northeast Structural Genomics Consortium (NESG) target RNA1' 
_struct.pdbx_model_details           ? 
_struct.pdbx_formula_weight          ? 
_struct.pdbx_formula_weight_method   ? 
_struct.pdbx_model_type_details      ? 
_struct.pdbx_CASP_flag               N 
# 
_struct_keywords.entry_id        5KVJ 
_struct_keywords.text            'double stranded RNA, dsRNA, Northeast Structural Genomics Consortium, NESG, PSI-Biology, RNA' 
_struct_keywords.pdbx_keywords   RNA 
# 
loop_
_struct_asym.id 
_struct_asym.pdbx_blank_PDB_chainid_flag 
_struct_asym.pdbx_modified 
_struct_asym.entity_id 
_struct_asym.details 
A N N 1 ? 
B N N 2 ? 
C N N 3 ? 
D N N 4 ? 
E N N 4 ? 
# 
loop_
_struct_conn.id 
_struct_conn.conn_type_id 
_struct_conn.pdbx_leaving_atom_flag 
_struct_conn.pdbx_PDB_id 
_struct_conn.ptnr1_label_asym_id 
_struct_conn.ptnr1_label_comp_id 
_struct_conn.ptnr1_label_seq_id 
_struct_conn.ptnr1_label_atom_id 
_struct_conn.pdbx_ptnr1_label_alt_id 
_struct_conn.pdbx_ptnr1_PDB_ins_code 
_struct_conn.pdbx_ptnr1_standard_comp_id 
_struct_conn.ptnr1_symmetry 
_struct_conn.ptnr2_label_asym_id 
_struct_conn.ptnr2_label_comp_id 
_struct_conn.ptnr2_label_seq_id 
_struct_conn.ptnr2_label_atom_id 
_struct_conn.pdbx_ptnr2_label_alt_id 
_struct_conn.pdbx_ptnr2_PDB_ins_code 
_struct_conn.ptnr1_auth_asym_id 
_struct_conn.ptnr1_auth_comp_id 
_struct_conn.ptnr1_auth_seq_id 
_struct_conn.ptnr2_auth_asym_id 
_struct_conn.ptnr2_auth_comp_id 
_struct_conn.ptnr2_auth_seq_id 
_struct_conn.ptnr2_symmetry 
_struct_conn.pdbx_ptnr3_label_atom_id 
_struct_conn.pdbx_ptnr3_label_seq_id 
_struct_conn.pdbx_ptnr3_label_comp_id 
_struct_conn.pdbx_ptnr3_label_asym_id 
_struct_conn.pdbx_ptnr3_label_alt_id 
_struct_conn.pdbx_ptnr3_PDB_ins_code 
_struct_conn.details 
_struct_conn.pdbx_dist_value 
_struct_conn.pdbx_value_order 
_struct_conn.pdbx_role 
hydrog1  hydrog ? ? A C 1  N3 ? ? ? 1_555 B G 16 N1 ? ? A C 1  B G 16 1_555 ? ? ? ? ? ? WATSON-CRICK ? ? ? 
hydrog2  hydrog ? ? A C 1  N4 ? ? ? 1_555 B G 16 O6 ? ? A C 1  B G 16 1_555 ? ? ? ? ? ? WATSON-CRICK ? ? ? 
hydrog3  hydrog ? ? A C 1  O2 ? ? ? 1_555 B G 16 N2 ? ? A C 1  B G 16 1_555 ? ? ? ? ? ? WATSON-CRICK ? ? ? 
hydrog4  hydrog ? ? A C 2  N3 ? ? ? 1_555 B G 15 N1 ? ? A C 2  B G 15 1_555 ? ? ? ? ? ? WATSON-CRICK ? ? ? 
hydrog5  hydrog ? ? A C 2  N4 ? ? ? 1_555 B G 15 O6 ? ? A C 2  B G 15 1_555 ? ? ? ? ? ? WATSON-CRICK ? ? ? 
hydrog6  hydrog ? ? A C 2  O2 ? ? ? 1_555 B G 15 N2 ? ? A C 2  B G 15 1_555 ? ? ? ? ? ? WATSON-CRICK ? ? ? 
hydrog7  hydrog ? ? A A 3  N1 ? ? ? 1_555 B U 14 N3 ? ? A A 3  B U 14 1_555 ? ? ? ? ? ? WATSON-CRICK ? ? ? 
hydrog8  hydrog ? ? A A 3  N6 ? ? ? 1_555 B U 14 O4 ? ? A A 3  B U 14 1_555 ? ? ? ? ? ? WATSON-CRICK ? ? ? 
hydrog9  hydrog ? ? A U 4  N3 ? ? ? 1_555 B A 13 N1 ? ? A U 4  B A 13 1_555 ? ? ? ? ? ? WATSON-CRICK ? ? ? 
hydrog10 hydrog ? ? A U 4  O4 ? ? ? 1_555 B A 13 N6 ? ? A U 4  B A 13 1_555 ? ? ? ? ? ? WATSON-CRICK ? ? ? 
hydrog11 hydrog ? ? A C 5  N3 ? ? ? 1_555 B G 12 N1 ? ? A C 5  B G 12 1_555 ? ? ? ? ? ? WATSON-CRICK ? ? ? 
hydrog12 hydrog ? ? A C 5  N4 ? ? ? 1_555 B G 12 O6 ? ? A C 5  B G 12 1_555 ? ? ? ? ? ? WATSON-CRICK ? ? ? 
hydrog13 hydrog ? ? A C 5  O2 ? ? ? 1_555 B G 12 N2 ? ? A C 5  B G 12 1_555 ? ? ? ? ? ? WATSON-CRICK ? ? ? 
hydrog14 hydrog ? ? A C 6  O2 ? ? ? 1_555 B G 11 N2 ? ? A C 6  B G 11 1_555 ? ? ? ? ? ? 'C-G PAIR'   ? ? ? 
hydrog15 hydrog ? ? A U 7  N3 ? ? ? 1_555 B A 10 N1 ? ? A U 7  B A 10 1_555 ? ? ? ? ? ? WATSON-CRICK ? ? ? 
hydrog16 hydrog ? ? A U 7  O4 ? ? ? 1_555 B A 10 N6 ? ? A U 7  B A 10 1_555 ? ? ? ? ? ? WATSON-CRICK ? ? ? 
hydrog17 hydrog ? ? A C 8  N3 ? ? ? 1_555 B G 9  N1 ? ? A C 8  B G 9  1_555 ? ? ? ? ? ? WATSON-CRICK ? ? ? 
hydrog18 hydrog ? ? A C 8  N4 ? ? ? 1_555 B G 9  O6 ? ? A C 8  B G 9  1_555 ? ? ? ? ? ? WATSON-CRICK ? ? ? 
hydrog19 hydrog ? ? A C 8  O2 ? ? ? 1_555 B G 9  N2 ? ? A C 8  B G 9  1_555 ? ? ? ? ? ? WATSON-CRICK ? ? ? 
hydrog20 hydrog ? ? A U 9  N3 ? ? ? 1_555 B A 8  N1 ? ? A U 9  B A 8  1_555 ? ? ? ? ? ? WATSON-CRICK ? ? ? 
hydrog21 hydrog ? ? A U 9  O4 ? ? ? 1_555 B A 8  N6 ? ? A U 9  B A 8  1_555 ? ? ? ? ? ? WATSON-CRICK ? ? ? 
hydrog22 hydrog ? ? A A 10 N1 ? ? ? 1_555 B U 7  N3 ? ? A A 10 B U 7  1_555 ? ? ? ? ? ? WATSON-CRICK ? ? ? 
hydrog23 hydrog ? ? A A 10 N6 ? ? ? 1_555 B U 7  O4 ? ? A A 10 B U 7  1_555 ? ? ? ? ? ? WATSON-CRICK ? ? ? 
hydrog24 hydrog ? ? A C 11 N3 ? ? ? 1_555 B G 6  N1 ? ? A C 11 B G 6  1_555 ? ? ? ? ? ? WATSON-CRICK ? ? ? 
hydrog25 hydrog ? ? A C 11 N4 ? ? ? 1_555 B G 6  O6 ? ? A C 11 B G 6  1_555 ? ? ? ? ? ? WATSON-CRICK ? ? ? 
hydrog26 hydrog ? ? A C 11 O2 ? ? ? 1_555 B G 6  N2 ? ? A C 11 B G 6  1_555 ? ? ? ? ? ? WATSON-CRICK ? ? ? 
hydrog27 hydrog ? ? A A 12 N1 ? ? ? 1_555 B U 5  N3 ? ? A A 12 B U 5  1_555 ? ? ? ? ? ? WATSON-CRICK ? ? ? 
hydrog28 hydrog ? ? A A 12 N6 ? ? ? 1_555 B U 5  O4 ? ? A A 12 B U 5  1_555 ? ? ? ? ? ? WATSON-CRICK ? ? ? 
hydrog29 hydrog ? ? A G 13 N1 ? ? ? 1_555 B C 4  N3 ? ? A G 13 B C 4  1_555 ? ? ? ? ? ? WATSON-CRICK ? ? ? 
hydrog30 hydrog ? ? A G 13 N2 ? ? ? 1_555 B C 4  O2 ? ? A G 13 B C 4  1_555 ? ? ? ? ? ? WATSON-CRICK ? ? ? 
hydrog31 hydrog ? ? A G 13 O6 ? ? ? 1_555 B C 4  N4 ? ? A G 13 B C 4  1_555 ? ? ? ? ? ? WATSON-CRICK ? ? ? 
hydrog32 hydrog ? ? A G 14 N1 ? ? ? 1_555 B C 3  N3 ? ? A G 14 B C 3  1_555 ? ? ? ? ? ? WATSON-CRICK ? ? ? 
hydrog33 hydrog ? ? A G 14 N2 ? ? ? 1_555 B C 3  O2 ? ? A G 14 B C 3  1_555 ? ? ? ? ? ? WATSON-CRICK ? ? ? 
hydrog34 hydrog ? ? A G 14 O6 ? ? ? 1_555 B C 3  N4 ? ? A G 14 B C 3  1_555 ? ? ? ? ? ? WATSON-CRICK ? ? ? 
hydrog35 hydrog ? ? A C 15 N3 ? ? ? 1_555 B G 2  N1 ? ? A C 15 B G 2  1_555 ? ? ? ? ? ? WATSON-CRICK ? ? ? 
hydrog36 hydrog ? ? A C 15 N4 ? ? ? 1_555 B G 2  O6 ? ? A C 15 B G 2  1_555 ? ? ? ? ? ? WATSON-CRICK ? ? ? 
hydrog37 hydrog ? ? A C 15 O2 ? ? ? 1_555 B G 2  N2 ? ? A C 15 B G 2  1_555 ? ? ? ? ? ? WATSON-CRICK ? ? ? 
hydrog38 hydrog ? ? A G 16 N1 ? ? ? 1_555 B C 1  N3 ? ? A G 16 B C 1  1_555 ? ? ? ? ? ? WATSON-CRICK ? ? ? 
hydrog39 hydrog ? ? A G 16 N2 ? ? ? 1_555 B C 1  O2 ? ? A G 16 B C 1  1_555 ? ? ? ? ? ? WATSON-CRICK ? ? ? 
hydrog40 hydrog ? ? A G 16 O6 ? ? ? 1_555 B C 1  N4 ? ? A G 16 B C 1  1_555 ? ? ? ? ? ? WATSON-CRICK ? ? ? 
# 
_struct_conn_type.id          hydrog 
_struct_conn_type.criteria    ? 
_struct_conn_type.reference   ? 
# 
_struct_site.id                   AC1 
_struct_site.pdbx_evidence_code   Software 
_struct_site.pdbx_auth_asym_id    A 
_struct_site.pdbx_auth_comp_id    ARG 
_struct_site.pdbx_auth_seq_id     101 
_struct_site.pdbx_auth_ins_code   ? 
_struct_site.pdbx_num_residues    2 
_struct_site.details              'binding site for residue ARG A 101' 
# 
loop_
_struct_site_gen.id 
_struct_site_gen.site_id 
_struct_site_gen.pdbx_num_res 
_struct_site_gen.label_comp_id 
_struct_site_gen.label_asym_id 
_struct_site_gen.label_seq_id 
_struct_site_gen.pdbx_auth_ins_code 
_struct_site_gen.auth_comp_id 
_struct_site_gen.auth_asym_id 
_struct_site_gen.auth_seq_id 
_struct_site_gen.label_atom_id 
_struct_site_gen.label_alt_id 
_struct_site_gen.symmetry 
_struct_site_gen.details 
1 AC1 2 C   A 1 ? C   A 1   . ? 1_555 ? 
2 AC1 2 HOH D . ? HOH A 203 . ? 1_555 ? 
# 
_atom_sites.entry_id                    5KVJ 
_atom_sites.fract_transf_matrix[1][1]   0.01247270 
_atom_sites.fract_transf_matrix[1][2]   -0.02249741 
_atom_sites.fract_transf_matrix[1][3]   -0.00703370 
_atom_sites.fract_transf_matrix[2][1]   0.01796312 
_atom_sites.fract_transf_matrix[2][2]   0.00031464 
_atom_sites.fract_transf_matrix[2][3]   -0.01970811 
_atom_sites.fract_transf_matrix[3][1]   0.00581395 
_atom_sites.fract_transf_matrix[3][2]   0.00155875 
_atom_sites.fract_transf_matrix[3][3]   0.00532406 
_atom_sites.fract_transf_vector[1]      0.352273 
_atom_sites.fract_transf_vector[2]      0.301908 
_atom_sites.fract_transf_vector[3]      0.220548 
# 
loop_
_atom_type.symbol 
C 
N 
O 
P 
# 
loop_
_atom_site.group_PDB 
_atom_site.id 
_atom_site.type_symbol 
_atom_site.label_atom_id 
_atom_site.label_alt_id 
_atom_site.label_comp_id 
_atom_site.label_asym_id 
_atom_site.label_entity_id 
_atom_site.label_seq_id 
_atom_site.pdbx_PDB_ins_code 
_atom_site.Cartn_x 
_atom_site.Cartn_y 
_atom_site.Cartn_z 
_atom_site.occupancy 
_atom_site.B_iso_or_equiv 
_atom_site.pdbx_formal_charge 
_atom_site.auth_seq_id 
_atom_site.auth_comp_id 
_atom_site.auth_asym_id 
_atom_site.auth_atom_id 
_atom_site.pdbx_PDB_model_num 
ATOM   1   P P     . C   A 1 1  ? -6.452  7.127   -6.495  1.00 171.05 ? 1   C   A P     1 
ATOM   2   O OP1   . C   A 1 1  ? -6.997  8.514   -6.554  1.00 168.07 ? 1   C   A OP1   1 
ATOM   3   O OP2   . C   A 1 1  ? -7.260  6.000   -7.043  1.00 161.89 ? 1   C   A OP2   1 
ATOM   4   O "O5'" . C   A 1 1  ? -4.997  7.095   -7.163  1.00 159.47 ? 1   C   A "O5'" 1 
ATOM   5   C "C5'" . C   A 1 1  ? -4.516  8.206   -7.908  1.00 139.26 ? 1   C   A "C5'" 1 
ATOM   6   C "C4'" . C   A 1 1  ? -3.112  8.003   -8.437  1.00 119.39 ? 1   C   A "C4'" 1 
ATOM   7   O "O4'" . C   A 1 1  ? -2.201  7.669   -7.365  1.00 102.32 ? 1   C   A "O4'" 1 
ATOM   8   C "C3'" . C   A 1 1  ? -2.889  6.891   -9.447  1.00 98.62  ? 1   C   A "C3'" 1 
ATOM   9   O "O3'" . C   A 1 1  ? -3.334  7.220   -10.742 1.00 100.02 ? 1   C   A "O3'" 1 
ATOM   10  C "C2'" . C   A 1 1  ? -1.381  6.692   -9.374  1.00 109.24 ? 1   C   A "C2'" 1 
ATOM   11  O "O2'" . C   A 1 1  ? -0.710  7.715   -10.100 1.00 122.61 ? 1   C   A "O2'" 1 
ATOM   12  C "C1'" . C   A 1 1  ? -1.120  6.925   -7.887  1.00 101.41 ? 1   C   A "C1'" 1 
ATOM   13  N N1    . C   A 1 1  ? -0.967  5.669   -7.122  1.00 108.66 ? 1   C   A N1    1 
ATOM   14  C C2    . C   A 1 1  ? 0.307   5.110   -7.125  1.00 117.79 ? 1   C   A C2    1 
ATOM   15  O O2    . C   A 1 1  ? 1.194   5.684   -7.778  1.00 121.31 ? 1   C   A O2    1 
ATOM   16  N N3    . C   A 1 1  ? 0.543   3.975   -6.428  1.00 122.12 ? 1   C   A N3    1 
ATOM   17  C C4    . C   A 1 1  ? -0.444  3.400   -5.742  1.00 111.18 ? 1   C   A C4    1 
ATOM   18  N N4    . C   A 1 1  ? -0.136  2.290   -5.065  1.00 92.72  ? 1   C   A N4    1 
ATOM   19  C C5    . C   A 1 1  ? -1.764  3.951   -5.726  1.00 104.49 ? 1   C   A C5    1 
ATOM   20  C C6    . C   A 1 1  ? -1.982  5.078   -6.421  1.00 105.03 ? 1   C   A C6    1 
ATOM   21  P P     . C   A 1 2  ? -3.933  6.062   -11.673 1.00 103.38 ? 2   C   A P     1 
ATOM   22  O OP1   . C   A 1 2  ? -4.595  6.657   -12.868 1.00 99.65  ? 2   C   A OP1   1 
ATOM   23  O OP2   . C   A 1 2  ? -4.709  5.186   -10.754 1.00 109.47 ? 2   C   A OP2   1 
ATOM   24  O "O5'" . C   A 1 2  ? -2.644  5.254   -12.155 1.00 96.20  ? 2   C   A "O5'" 1 
ATOM   25  C "C5'" . C   A 1 2  ? -1.544  5.928   -12.744 1.00 94.17  ? 2   C   A "C5'" 1 
ATOM   26  C "C4'" . C   A 1 2  ? -0.379  5.000   -12.979 1.00 93.21  ? 2   C   A "C4'" 1 
ATOM   27  O "O4'" . C   A 1 2  ? 0.365   4.749   -11.748 1.00 99.90  ? 2   C   A "O4'" 1 
ATOM   28  C "C3'" . C   A 1 2  ? -0.721  3.609   -13.467 1.00 75.12  ? 2   C   A "C3'" 1 
ATOM   29  O "O3'" . C   A 1 2  ? -1.102  3.584   -14.825 1.00 82.96  ? 2   C   A "O3'" 1 
ATOM   30  C "C2'" . C   A 1 2  ? 0.566   2.857   -13.161 1.00 84.28  ? 2   C   A "C2'" 1 
ATOM   31  O "O2'" . C   A 1 2  ? 1.588   3.241   -14.066 1.00 100.05 ? 2   C   A "O2'" 1 
ATOM   32  C "C1'" . C   A 1 2  ? 0.931   3.450   -11.803 1.00 93.14  ? 2   C   A "C1'" 1 
ATOM   33  N N1    . C   A 1 2  ? 0.414   2.627   -10.685 1.00 94.46  ? 2   C   A N1    1 
ATOM   34  C C2    . C   A 1 2  ? 1.114   1.460   -10.350 1.00 98.39  ? 2   C   A C2    1 
ATOM   35  O O2    . C   A 1 2  ? 2.151   1.176   -10.976 1.00 110.71 ? 2   C   A O2    1 
ATOM   36  N N3    . C   A 1 2  ? 0.688   0.686   -9.322  1.00 88.36  ? 2   C   A N3    1 
ATOM   37  C C4    . C   A 1 2  ? -0.418  1.025   -8.660  1.00 90.60  ? 2   C   A C4    1 
ATOM   38  N N4    . C   A 1 2  ? -0.818  0.238   -7.662  1.00 86.85  ? 2   C   A N4    1 
ATOM   39  C C5    . C   A 1 2  ? -1.171  2.188   -8.992  1.00 87.72  ? 2   C   A C5    1 
ATOM   40  C C6    . C   A 1 2  ? -0.722  2.952   -9.995  1.00 92.84  ? 2   C   A C6    1 
ATOM   41  P P     . A   A 1 3  ? -2.225  2.543   -15.335 1.00 87.40  ? 3   A   A P     1 
ATOM   42  O OP1   . A   A 1 3  ? -2.682  2.983   -16.676 1.00 62.68  ? 3   A   A OP1   1 
ATOM   43  O OP2   . A   A 1 3  ? -3.226  2.400   -14.247 1.00 108.75 ? 3   A   A OP2   1 
ATOM   44  O "O5'" . A   A 1 3  ? -1.413  1.178   -15.440 1.00 76.25  ? 3   A   A "O5'" 1 
ATOM   45  C "C5'" . A   A 1 3  ? -0.165  1.172   -16.112 1.00 74.58  ? 3   A   A "C5'" 1 
ATOM   46  C "C4'" . A   A 1 3  ? 0.585   -0.120  -15.951 1.00 75.28  ? 3   A   A "C4'" 1 
ATOM   47  O "O4'" . A   A 1 3  ? 1.121   -0.175  -14.614 1.00 82.60  ? 3   A   A "O4'" 1 
ATOM   48  C "C3'" . A   A 1 3  ? -0.218  -1.388  -16.104 1.00 59.63  ? 3   A   A "C3'" 1 
ATOM   49  O "O3'" . A   A 1 3  ? -0.172  -1.912  -17.401 1.00 67.04  ? 3   A   A "O3'" 1 
ATOM   50  C "C2'" . A   A 1 3  ? 0.522   -2.373  -15.221 1.00 76.59  ? 3   A   A "C2'" 1 
ATOM   51  O "O2'" . A   A 1 3  ? 1.580   -2.994  -15.911 1.00 74.15  ? 3   A   A "O2'" 1 
ATOM   52  C "C1'" . A   A 1 3  ? 1.092   -1.504  -14.123 1.00 79.44  ? 3   A   A "C1'" 1 
ATOM   53  N N9    . A   A 1 3  ? 0.250   -1.545  -12.929 1.00 79.03  ? 3   A   A N9    1 
ATOM   54  C C8    . A   A 1 3  ? -0.791  -0.711  -12.609 1.00 87.86  ? 3   A   A C8    1 
ATOM   55  N N7    . A   A 1 3  ? -1.349  -0.986  -11.454 1.00 98.28  ? 3   A   A N7    1 
ATOM   56  C C5    . A   A 1 3  ? -0.642  -2.086  -10.990 1.00 93.41  ? 3   A   A C5    1 
ATOM   57  C C6    . A   A 1 3  ? -0.754  -2.862  -9.817  1.00 91.39  ? 3   A   A C6    1 
ATOM   58  N N6    . A   A 1 3  ? -1.666  -2.630  -8.862  1.00 80.96  ? 3   A   A N6    1 
ATOM   59  N N1    . A   A 1 3  ? 0.108   -3.897  -9.667  1.00 96.49  ? 3   A   A N1    1 
ATOM   60  C C2    . A   A 1 3  ? 1.015   -4.122  -10.632 1.00 99.17  ? 3   A   A C2    1 
ATOM   61  N N3    . A   A 1 3  ? 1.218   -3.459  -11.776 1.00 100.21 ? 3   A   A N3    1 
ATOM   62  C C4    . A   A 1 3  ? 0.345   -2.441  -11.897 1.00 92.76  ? 3   A   A C4    1 
ATOM   63  P P     . U   A 1 4  ? -1.379  -2.891  -17.792 1.00 66.74  ? 4   U   A P     1 
ATOM   64  O OP1   . U   A 1 4  ? -1.419  -3.047  -19.268 1.00 82.82  ? 4   U   A OP1   1 
ATOM   65  O OP2   . U   A 1 4  ? -2.595  -2.445  -17.068 1.00 74.06  ? 4   U   A OP2   1 
ATOM   66  O "O5'" . U   A 1 4  ? -1.056  -4.259  -17.048 1.00 62.27  ? 4   U   A "O5'" 1 
ATOM   67  C "C5'" . U   A 1 4  ? 0.090   -5.047  -17.352 1.00 58.53  ? 4   U   A "C5'" 1 
ATOM   68  C "C4'" . U   A 1 4  ? 0.184   -6.214  -16.396 1.00 63.93  ? 4   U   A "C4'" 1 
ATOM   69  O "O4'" . U   A 1 4  ? 0.386   -5.713  -15.048 1.00 74.70  ? 4   U   A "O4'" 1 
ATOM   70  C "C3'" . U   A 1 4  ? -1.069  -7.074  -16.278 1.00 64.80  ? 4   U   A "C3'" 1 
ATOM   71  O "O3'" . U   A 1 4  ? -1.236  -8.009  -17.336 1.00 68.18  ? 4   U   A "O3'" 1 
ATOM   72  C "C2'" . U   A 1 4  ? -0.920  -7.695  -14.893 1.00 75.32  ? 4   U   A "C2'" 1 
ATOM   73  O "O2'" . U   A 1 4  ? -0.004  -8.784  -14.901 1.00 77.28  ? 4   U   A "O2'" 1 
ATOM   74  C "C1'" . U   A 1 4  ? -0.278  -6.546  -14.116 1.00 77.38  ? 4   U   A "C1'" 1 
ATOM   75  N N1    . U   A 1 4  ? -1.277  -5.742  -13.372 1.00 72.41  ? 4   U   A N1    1 
ATOM   76  C C2    . U   A 1 4  ? -1.621  -6.168  -12.105 1.00 75.60  ? 4   U   A C2    1 
ATOM   77  O O2    . U   A 1 4  ? -1.137  -7.158  -11.581 1.00 81.75  ? 4   U   A O2    1 
ATOM   78  N N3    . U   A 1 4  ? -2.542  -5.385  -11.458 1.00 84.78  ? 4   U   A N3    1 
ATOM   79  C C4    . U   A 1 4  ? -3.155  -4.244  -11.931 1.00 78.70  ? 4   U   A C4    1 
ATOM   80  O O4    . U   A 1 4  ? -3.975  -3.638  -11.222 1.00 87.05  ? 4   U   A O4    1 
ATOM   81  C C5    . U   A 1 4  ? -2.749  -3.879  -13.252 1.00 74.66  ? 4   U   A C5    1 
ATOM   82  C C6    . U   A 1 4  ? -1.849  -4.618  -13.906 1.00 73.26  ? 4   U   A C6    1 
ATOM   83  P P     . C   A 1 5  ? -2.717  -8.357  -17.856 1.00 73.71  ? 5   C   A P     1 
ATOM   84  O OP1   . C   A 1 5  ? -2.600  -9.050  -19.161 1.00 88.51  ? 5   C   A OP1   1 
ATOM   85  O OP2   . C   A 1 5  ? -3.557  -7.130  -17.780 1.00 74.89  ? 5   C   A OP2   1 
ATOM   86  O "O5'" . C   A 1 5  ? -3.249  -9.439  -16.808 1.00 69.67  ? 5   C   A "O5'" 1 
ATOM   87  C "C5'" . C   A 1 5  ? -2.391  -10.481 -16.362 1.00 66.42  ? 5   C   A "C5'" 1 
ATOM   88  C "C4'" . C   A 1 5  ? -3.032  -11.311 -15.278 1.00 64.39  ? 5   C   A "C4'" 1 
ATOM   89  O "O4'" . C   A 1 5  ? -2.745  -10.727 -13.987 1.00 68.48  ? 5   C   A "O4'" 1 
ATOM   90  C "C3'" . C   A 1 5  ? -4.550  -11.404 -15.316 1.00 59.81  ? 5   C   A "C3'" 1 
ATOM   91  O "O3'" . C   A 1 5  ? -5.042  -12.374 -16.209 1.00 68.74  ? 5   C   A "O3'" 1 
ATOM   92  C "C2'" . C   A 1 5  ? -4.893  -11.706 -13.875 1.00 61.43  ? 5   C   A "C2'" 1 
ATOM   93  O "O2'" . C   A 1 5  ? -4.615  -13.071 -13.582 1.00 55.66  ? 5   C   A "O2'" 1 
ATOM   94  C "C1'" . C   A 1 5  ? -3.881  -10.816 -13.158 1.00 75.19  ? 5   C   A "C1'" 1 
ATOM   95  N N1    . C   A 1 5  ? -4.423  -9.445  -12.960 1.00 77.30  ? 5   C   A N1    1 
ATOM   96  C C2    . C   A 1 5  ? -4.983  -9.136  -11.727 1.00 77.96  ? 5   C   A C2    1 
ATOM   97  O O2    . C   A 1 5  ? -4.967  -10.023 -10.859 1.00 87.73  ? 5   C   A O2    1 
ATOM   98  N N3    . C   A 1 5  ? -5.497  -7.897  -11.515 1.00 71.55  ? 5   C   A N3    1 
ATOM   99  C C4    . C   A 1 5  ? -5.498  -6.984  -12.492 1.00 84.05  ? 5   C   A C4    1 
ATOM   100 N N4    . C   A 1 5  ? -6.024  -5.771  -12.266 1.00 82.16  ? 5   C   A N4    1 
ATOM   101 C C5    . C   A 1 5  ? -4.943  -7.275  -13.773 1.00 80.66  ? 5   C   A C5    1 
ATOM   102 C C6    . C   A 1 5  ? -4.427  -8.495  -13.953 1.00 77.88  ? 5   C   A C6    1 
ATOM   103 P P     . C   A 1 6  ? -6.485  -12.191 -16.880 1.00 55.35  ? 6   C   A P     1 
ATOM   104 O OP1   . C   A 1 6  ? -6.570  -13.276 -17.897 1.00 66.75  ? 6   C   A OP1   1 
ATOM   105 O OP2   . C   A 1 6  ? -6.727  -10.784 -17.276 1.00 73.90  ? 6   C   A OP2   1 
ATOM   106 O "O5'" . C   A 1 6  ? -7.513  -12.469 -15.717 1.00 48.43  ? 6   C   A "O5'" 1 
ATOM   107 C "C5'" . C   A 1 6  ? -7.548  -13.730 -15.074 1.00 48.27  ? 6   C   A "C5'" 1 
ATOM   108 C "C4'" . C   A 1 6  ? -8.383  -13.678 -13.823 1.00 55.74  ? 6   C   A "C4'" 1 
ATOM   109 O "O4'" . C   A 1 6  ? -7.797  -12.749 -12.889 1.00 51.28  ? 6   C   A "O4'" 1 
ATOM   110 C "C3'" . C   A 1 6  ? -9.810  -13.183 -13.950 1.00 47.74  ? 6   C   A "C3'" 1 
ATOM   111 O "O3'" . C   A 1 6  ? -10.700 -14.153 -14.426 1.00 60.60  ? 6   C   A "O3'" 1 
ATOM   112 C "C2'" . C   A 1 6  ? -10.147 -12.789 -12.527 1.00 46.50  ? 6   C   A "C2'" 1 
ATOM   113 O "O2'" . C   A 1 6  ? -10.519 -13.922 -11.751 1.00 54.73  ? 6   C   A "O2'" 1 
ATOM   114 C "C1'" . C   A 1 6  ? -8.799  -12.251 -12.034 1.00 47.48  ? 6   C   A "C1'" 1 
ATOM   115 N N1    . C   A 1 6  ? -8.796  -10.783 -12.099 1.00 62.11  ? 6   C   A N1    1 
ATOM   116 C C2    . C   A 1 6  ? -9.461  -10.170 -11.051 1.00 66.75  ? 6   C   A C2    1 
ATOM   117 O O2    . C   A 1 6  ? -9.933  -10.897 -10.155 1.00 67.85  ? 6   C   A O2    1 
ATOM   118 N N3    . C   A 1 6  ? -9.556  -8.822  -11.024 1.00 80.03  ? 6   C   A N3    1 
ATOM   119 C C4    . C   A 1 6  ? -9.023  -8.117  -12.018 1.00 80.88  ? 6   C   A C4    1 
ATOM   120 N N4    . C   A 1 6  ? -9.146  -6.791  -11.944 1.00 79.86  ? 6   C   A N4    1 
ATOM   121 C C5    . C   A 1 6  ? -8.347  -8.736  -13.119 1.00 79.56  ? 6   C   A C5    1 
ATOM   122 C C6    . C   A 1 6  ? -8.254  -10.076 -13.136 1.00 67.90  ? 6   C   A C6    1 
ATOM   123 P P     . U   A 1 7  ? -12.002 -13.686 -15.236 1.00 51.56  ? 7   U   A P     1 
ATOM   124 O OP1   . U   A 1 7  ? -12.604 -14.956 -15.716 1.00 62.19  ? 7   U   A OP1   1 
ATOM   125 O OP2   . U   A 1 7  ? -11.556 -12.657 -16.203 1.00 53.77  ? 7   U   A OP2   1 
ATOM   126 O "O5'" . U   A 1 7  ? -12.964 -13.010 -14.163 1.00 45.02  ? 7   U   A "O5'" 1 
ATOM   127 C "C5'" . U   A 1 7  ? -13.683 -13.829 -13.272 1.00 48.04  ? 7   U   A "C5'" 1 
ATOM   128 C "C4'" . U   A 1 7  ? -14.470 -13.054 -12.253 1.00 60.09  ? 7   U   A "C4'" 1 
ATOM   129 O "O4'" . U   A 1 7  ? -13.606 -12.166 -11.513 1.00 46.34  ? 7   U   A "O4'" 1 
ATOM   130 C "C3'" . U   A 1 7  ? -15.573 -12.144 -12.760 1.00 54.16  ? 7   U   A "C3'" 1 
ATOM   131 O "O3'" . U   A 1 7  ? -16.749 -12.837 -13.132 1.00 65.33  ? 7   U   A "O3'" 1 
ATOM   132 C "C2'" . U   A 1 7  ? -15.778 -11.219 -11.575 1.00 48.11  ? 7   U   A "C2'" 1 
ATOM   133 O "O2'" . U   A 1 7  ? -16.450 -11.936 -10.567 1.00 65.91  ? 7   U   A "O2'" 1 
ATOM   134 C "C1'" . U   A 1 7  ? -14.339 -11.026 -11.110 1.00 47.87  ? 7   U   A "C1'" 1 
ATOM   135 N N1    . U   A 1 7  ? -13.700 -9.857  -11.746 1.00 59.40  ? 7   U   A N1    1 
ATOM   136 C C2    . U   A 1 7  ? -13.949 -8.579  -11.275 1.00 66.55  ? 7   U   A C2    1 
ATOM   137 O O2    . U   A 1 7  ? -14.714 -8.349  -10.353 1.00 67.61  ? 7   U   A O2    1 
ATOM   138 N N3    . U   A 1 7  ? -13.261 -7.581  -11.926 1.00 60.78  ? 7   U   A N3    1 
ATOM   139 C C4    . U   A 1 7  ? -12.379 -7.741  -12.966 1.00 60.34  ? 7   U   A C4    1 
ATOM   140 O O4    . U   A 1 7  ? -11.845 -6.764  -13.479 1.00 73.91  ? 7   U   A O4    1 
ATOM   141 C C5    . U   A 1 7  ? -12.184 -9.090  -13.385 1.00 57.73  ? 7   U   A C5    1 
ATOM   142 C C6    . U   A 1 7  ? -12.834 -10.078 -12.771 1.00 48.62  ? 7   U   A C6    1 
ATOM   143 P P     . C   A 1 8  ? -17.690 -12.200 -14.281 1.00 48.76  ? 8   C   A P     1 
ATOM   144 O OP1   . C   A 1 8  ? -18.863 -13.099 -14.471 1.00 57.21  ? 8   C   A OP1   1 
ATOM   145 O OP2   . C   A 1 8  ? -16.681 -11.699 -15.263 1.00 45.30  ? 8   C   A OP2   1 
ATOM   146 O "O5'" . C   A 1 8  ? -18.362 -10.931 -13.597 1.00 50.55  ? 8   C   A "O5'" 1 
ATOM   147 C "C5'" . C   A 1 8  ? -19.164 -11.101 -12.444 1.00 52.23  ? 8   C   A "C5'" 1 
ATOM   148 C "C4'" . C   A 1 8  ? -19.475 -9.764  -11.847 1.00 70.31  ? 8   C   A "C4'" 1 
ATOM   149 O "O4'" . C   A 1 8  ? -18.245 -9.110  -11.447 1.00 77.36  ? 8   C   A "O4'" 1 
ATOM   150 C "C3'" . C   A 1 8  ? -20.089 -8.770  -12.805 1.00 69.20  ? 8   C   A "C3'" 1 
ATOM   151 O "O3'" . C   A 1 8  ? -21.470 -8.983  -13.007 1.00 76.75  ? 8   C   A "O3'" 1 
ATOM   152 C "C2'" . C   A 1 8  ? -19.798 -7.454  -12.122 1.00 54.59  ? 8   C   A "C2'" 1 
ATOM   153 O "O2'" . C   A 1 8  ? -20.680 -7.323  -11.027 1.00 59.75  ? 8   C   A "O2'" 1 
ATOM   154 C "C1'" . C   A 1 8  ? -18.401 -7.711  -11.570 1.00 64.08  ? 8   C   A "C1'" 1 
ATOM   155 N N1    . C   A 1 8  ? -17.339 -7.149  -12.436 1.00 64.40  ? 8   C   A N1    1 
ATOM   156 C C2    . C   A 1 8  ? -17.136 -5.763  -12.349 1.00 64.36  ? 8   C   A C2    1 
ATOM   157 O O2    . C   A 1 8  ? -17.829 -5.095  -11.581 1.00 65.13  ? 8   C   A O2    1 
ATOM   158 N N3    . C   A 1 8  ? -16.202 -5.156  -13.110 1.00 65.73  ? 8   C   A N3    1 
ATOM   159 C C4    . C   A 1 8  ? -15.445 -5.889  -13.923 1.00 70.65  ? 8   C   A C4    1 
ATOM   160 N N4    . C   A 1 8  ? -14.517 -5.212  -14.615 1.00 69.37  ? 8   C   A N4    1 
ATOM   161 C C5    . C   A 1 8  ? -15.615 -7.322  -14.050 1.00 57.74  ? 8   C   A C5    1 
ATOM   162 C C6    . C   A 1 8  ? -16.573 -7.900  -13.293 1.00 62.35  ? 8   C   A C6    1 
ATOM   163 P P     . U   A 1 9  ? -22.171 -8.385  -14.319 1.00 65.85  ? 9   U   A P     1 
ATOM   164 O OP1   . U   A 1 9  ? -23.516 -9.027  -14.348 1.00 73.93  ? 9   U   A OP1   1 
ATOM   165 O OP2   . U   A 1 9  ? -21.262 -8.527  -15.473 1.00 59.64  ? 9   U   A OP2   1 
ATOM   166 O "O5'" . U   A 1 9  ? -22.235 -6.808  -14.049 1.00 58.89  ? 9   U   A "O5'" 1 
ATOM   167 C "C5'" . U   A 1 9  ? -23.057 -6.249  -13.018 1.00 60.15  ? 9   U   A "C5'" 1 
ATOM   168 C "C4'" . U   A 1 9  ? -22.861 -4.752  -12.917 1.00 70.64  ? 9   U   A "C4'" 1 
ATOM   169 O "O4'" . U   A 1 9  ? -21.457 -4.469  -12.668 1.00 81.58  ? 9   U   A "O4'" 1 
ATOM   170 C "C3'" . U   A 1 9  ? -23.154 -3.952  -14.182 1.00 64.69  ? 9   U   A "C3'" 1 
ATOM   171 O "O3'" . U   A 1 9  ? -24.528 -3.726  -14.427 1.00 72.87  ? 9   U   A "O3'" 1 
ATOM   172 C "C2'" . U   A 1 9  ? -22.330 -2.685  -13.971 1.00 68.11  ? 9   U   A "C2'" 1 
ATOM   173 O "O2'" . U   A 1 9  ? -22.942 -1.811  -13.029 1.00 67.68  ? 9   U   A "O2'" 1 
ATOM   174 C "C1'" . U   A 1 9  ? -21.080 -3.262  -13.319 1.00 78.65  ? 9   U   A "C1'" 1 
ATOM   175 N N1    . U   A 1 9  ? -20.004 -3.543  -14.304 1.00 75.73  ? 9   U   A N1    1 
ATOM   176 C C2    . U   A 1 9  ? -19.240 -2.471  -14.759 1.00 75.79  ? 9   U   A C2    1 
ATOM   177 O O2    . U   A 1 9  ? -19.401 -1.311  -14.407 1.00 87.37  ? 9   U   A O2    1 
ATOM   178 N N3    . U   A 1 9  ? -18.258 -2.789  -15.655 1.00 69.67  ? 9   U   A N3    1 
ATOM   179 C C4    . U   A 1 9  ? -17.953 -4.046  -16.137 1.00 82.17  ? 9   U   A C4    1 
ATOM   180 O O4    . U   A 1 9  ? -17.027 -4.169  -16.946 1.00 90.57  ? 9   U   A O4    1 
ATOM   181 C C5    . U   A 1 9  ? -18.786 -5.102  -15.629 1.00 71.36  ? 9   U   A C5    1 
ATOM   182 C C6    . U   A 1 9  ? -19.764 -4.823  -14.755 1.00 68.73  ? 9   U   A C6    1 
ATOM   183 P P     . A   A 1 10 ? -25.037 -3.551  -15.949 1.00 69.76  ? 10  A   A P     1 
ATOM   184 O OP1   . A   A 1 10 ? -26.523 -3.494  -15.857 1.00 78.75  ? 10  A   A OP1   1 
ATOM   185 O OP2   . A   A 1 10 ? -24.366 -4.520  -16.844 1.00 70.56  ? 10  A   A OP2   1 
ATOM   186 O "O5'" . A   A 1 10 ? -24.494 -2.121  -16.379 1.00 75.94  ? 10  A   A "O5'" 1 
ATOM   187 C "C5'" . A   A 1 10 ? -24.887 -0.962  -15.663 1.00 76.27  ? 10  A   A "C5'" 1 
ATOM   188 C "C4'" . A   A 1 10 ? -24.157 0.256   -16.157 1.00 77.17  ? 10  A   A "C4'" 1 
ATOM   189 O "O4'" . A   A 1 10 ? -22.746 0.130   -15.846 1.00 75.30  ? 10  A   A "O4'" 1 
ATOM   190 C "C3'" . A   A 1 10 ? -24.172 0.497   -17.659 1.00 72.00  ? 10  A   A "C3'" 1 
ATOM   191 O "O3'" . A   A 1 10 ? -25.393 1.066   -18.118 1.00 84.92  ? 10  A   A "O3'" 1 
ATOM   192 C "C2'" . A   A 1 10 ? -22.966 1.405   -17.835 1.00 67.22  ? 10  A   A "C2'" 1 
ATOM   193 O "O2'" . A   A 1 10 ? -23.278 2.727   -17.422 1.00 77.81  ? 10  A   A "O2'" 1 
ATOM   194 C "C1'" . A   A 1 10 ? -21.984 0.798   -16.819 1.00 64.04  ? 10  A   A "C1'" 1 
ATOM   195 N N9    . A   A 1 10 ? -21.113 -0.175  -17.483 1.00 60.32  ? 10  A   A N9    1 
ATOM   196 C C8    . A   A 1 10 ? -21.259 -1.536  -17.588 1.00 65.69  ? 10  A   A C8    1 
ATOM   197 N N7    . A   A 1 10 ? -20.329 -2.097  -18.330 1.00 61.06  ? 10  A   A N7    1 
ATOM   198 C C5    . A   A 1 10 ? -19.554 -1.024  -18.750 1.00 54.40  ? 10  A   A C5    1 
ATOM   199 C C6    . A   A 1 10 ? -18.413 -0.950  -19.547 1.00 62.47  ? 10  A   A C6    1 
ATOM   200 N N6    . A   A 1 10 ? -17.840 -2.024  -20.091 1.00 57.71  ? 10  A   A N6    1 
ATOM   201 N N1    . A   A 1 10 ? -17.885 0.272   -19.775 1.00 73.58  ? 10  A   A N1    1 
ATOM   202 C C2    . A   A 1 10 ? -18.464 1.349   -19.228 1.00 69.70  ? 10  A   A C2    1 
ATOM   203 N N3    . A   A 1 10 ? -19.534 1.400   -18.441 1.00 72.93  ? 10  A   A N3    1 
ATOM   204 C C4    . A   A 1 10 ? -20.028 0.163   -18.241 1.00 62.28  ? 10  A   A C4    1 
ATOM   205 P P     . C   A 1 11 ? -25.928 0.819   -19.621 1.00 81.89  ? 11  C   A P     1 
ATOM   206 O OP1   . C   A 1 11 ? -27.259 1.461   -19.695 1.00 100.26 ? 11  C   A OP1   1 
ATOM   207 O OP2   . C   A 1 11 ? -25.791 -0.604  -20.035 1.00 84.80  ? 11  C   A OP2   1 
ATOM   208 O "O5'" . C   A 1 11 ? -24.974 1.697   -20.533 1.00 67.61  ? 11  C   A "O5'" 1 
ATOM   209 C "C5'" . C   A 1 11 ? -24.997 3.108   -20.414 1.00 74.58  ? 11  C   A "C5'" 1 
ATOM   210 C "C4'" . C   A 1 11 ? -23.800 3.737   -21.065 1.00 66.98  ? 11  C   A "C4'" 1 
ATOM   211 O "O4'" . C   A 1 11 ? -22.591 3.178   -20.502 1.00 69.24  ? 11  C   A "O4'" 1 
ATOM   212 C "C3'" . C   A 1 11 ? -23.641 3.476   -22.545 1.00 74.20  ? 11  C   A "C3'" 1 
ATOM   213 O "O3'" . C   A 1 11 ? -24.519 4.229   -23.359 1.00 76.98  ? 11  C   A "O3'" 1 
ATOM   214 C "C2'" . C   A 1 11 ? -22.165 3.766   -22.751 1.00 67.68  ? 11  C   A "C2'" 1 
ATOM   215 O "O2'" . C   A 1 11 ? -21.920 5.165   -22.691 1.00 73.99  ? 11  C   A "O2'" 1 
ATOM   216 C "C1'" . C   A 1 11 ? -21.585 3.127   -21.492 1.00 75.28  ? 11  C   A "C1'" 1 
ATOM   217 N N1    . C   A 1 11 ? -21.226 1.712   -21.741 1.00 76.19  ? 11  C   A N1    1 
ATOM   218 C C2    . C   A 1 11 ? -20.003 1.460   -22.364 1.00 83.77  ? 11  C   A C2    1 
ATOM   219 O O2    . C   A 1 11 ? -19.282 2.431   -22.640 1.00 87.00  ? 11  C   A O2    1 
ATOM   220 N N3    . C   A 1 11 ? -19.639 0.182   -22.644 1.00 97.45  ? 11  C   A N3    1 
ATOM   221 C C4    . C   A 1 11 ? -20.454 -0.828  -22.326 1.00 93.38  ? 11  C   A C4    1 
ATOM   222 N N4    . C   A 1 11 ? -20.064 -2.078  -22.609 1.00 88.99  ? 11  C   A N4    1 
ATOM   223 C C5    . C   A 1 11 ? -21.715 -0.593  -21.701 1.00 83.85  ? 11  C   A C5    1 
ATOM   224 C C6    . C   A 1 11 ? -22.056 0.672   -21.432 1.00 75.31  ? 11  C   A C6    1 
ATOM   225 P P     . A   A 1 12 ? -25.142 3.541   -24.677 1.00 76.13  ? 12  A   A P     1 
ATOM   226 O OP1   . A   A 1 12 ? -26.260 4.388   -25.161 1.00 89.47  ? 12  A   A OP1   1 
ATOM   227 O OP2   . A   A 1 12 ? -25.350 2.090   -24.402 1.00 64.46  ? 12  A   A OP2   1 
ATOM   228 O "O5'" . A   A 1 12 ? -23.952 3.631   -25.717 1.00 60.67  ? 12  A   A "O5'" 1 
ATOM   229 C "C5'" . A   A 1 12 ? -23.175 4.809   -25.827 1.00 72.96  ? 12  A   A "C5'" 1 
ATOM   230 C "C4'" . A   A 1 12 ? -22.113 4.617   -26.869 1.00 82.53  ? 12  A   A "C4'" 1 
ATOM   231 O "O4'" . A   A 1 12 ? -20.944 3.976   -26.300 1.00 80.42  ? 12  A   A "O4'" 1 
ATOM   232 C "C3'" . A   A 1 12 ? -22.521 3.701   -28.005 1.00 71.90  ? 12  A   A "C3'" 1 
ATOM   233 O "O3'" . A   A 1 12 ? -23.316 4.386   -28.946 1.00 82.91  ? 12  A   A "O3'" 1 
ATOM   234 C "C2'" . A   A 1 12 ? -21.185 3.215   -28.542 1.00 74.06  ? 12  A   A "C2'" 1 
ATOM   235 O "O2'" . A   A 1 12 ? -20.572 4.218   -29.339 1.00 78.28  ? 12  A   A "O2'" 1 
ATOM   236 C "C1'" . A   A 1 12 ? -20.376 3.096   -27.250 1.00 89.02  ? 12  A   A "C1'" 1 
ATOM   237 N N9    . A   A 1 12 ? -20.403 1.739   -26.686 1.00 84.06  ? 12  A   A N9    1 
ATOM   238 C C8    . A   A 1 12 ? -21.293 1.235   -25.775 1.00 88.13  ? 12  A   A C8    1 
ATOM   239 N N7    . A   A 1 12 ? -21.040 -0.006  -25.443 1.00 91.62  ? 12  A   A N7    1 
ATOM   240 C C5    . A   A 1 12 ? -19.905 -0.324  -26.179 1.00 89.84  ? 12  A   A C5    1 
ATOM   241 C C6    . A   A 1 12 ? -19.140 -1.495  -26.265 1.00 80.83  ? 12  A   A C6    1 
ATOM   242 N N6    . A   A 1 12 ? -19.420 -2.600  -25.575 1.00 66.68  ? 12  A   A N6    1 
ATOM   243 N N1    . A   A 1 12 ? -18.070 -1.478  -27.092 1.00 83.61  ? 12  A   A N1    1 
ATOM   244 C C2    . A   A 1 12 ? -17.792 -0.360  -27.785 1.00 79.25  ? 12  A   A C2    1 
ATOM   245 N N3    . A   A 1 12 ? -18.438 0.803   -27.787 1.00 82.25  ? 12  A   A N3    1 
ATOM   246 C C4    . A   A 1 12 ? -19.500 0.746   -26.956 1.00 85.08  ? 12  A   A C4    1 
ATOM   247 P P     . G   A 1 13 ? -24.147 3.576   -30.046 1.00 82.94  ? 13  G   A P     1 
ATOM   248 O OP1   . G   A 1 13 ? -25.063 4.544   -30.717 1.00 92.38  ? 13  G   A OP1   1 
ATOM   249 O OP2   . G   A 1 13 ? -24.722 2.325   -29.486 1.00 57.92  ? 13  G   A OP2   1 
ATOM   250 O "O5'" . G   A 1 13 ? -22.992 3.186   -31.058 1.00 81.60  ? 13  G   A "O5'" 1 
ATOM   251 C "C5'" . G   A 1 13 ? -22.924 1.885   -31.575 1.00 73.92  ? 13  G   A "C5'" 1 
ATOM   252 C "C4'" . G   A 1 13 ? -21.587 1.612   -32.193 1.00 69.40  ? 13  G   A "C4'" 1 
ATOM   253 O "O4'" . G   A 1 13 ? -20.614 1.353   -31.147 1.00 62.63  ? 13  G   A "O4'" 1 
ATOM   254 C "C3'" . G   A 1 13 ? -21.589 0.356   -33.029 1.00 69.49  ? 13  G   A "C3'" 1 
ATOM   255 O "O3'" . G   A 1 13 ? -22.017 0.613   -34.346 1.00 88.75  ? 13  G   A "O3'" 1 
ATOM   256 C "C2'" . G   A 1 13 ? -20.166 -0.152  -32.907 1.00 62.23  ? 13  G   A "C2'" 1 
ATOM   257 O "O2'" . G   A 1 13 ? -19.298 0.595   -33.747 1.00 57.02  ? 13  G   A "O2'" 1 
ATOM   258 C "C1'" . G   A 1 13 ? -19.867 0.204   -31.459 1.00 62.08  ? 13  G   A "C1'" 1 
ATOM   259 N N9    . G   A 1 13 ? -20.294 -0.844  -30.520 1.00 73.80  ? 13  G   A N9    1 
ATOM   260 C C8    . G   A 1 13 ? -21.365 -0.752  -29.665 1.00 86.36  ? 13  G   A C8    1 
ATOM   261 N N7    . G   A 1 13 ? -21.520 -1.800  -28.905 1.00 85.61  ? 13  G   A N7    1 
ATOM   262 C C5    . G   A 1 13 ? -20.474 -2.624  -29.278 1.00 86.75  ? 13  G   A C5    1 
ATOM   263 C C6    . G   A 1 13 ? -20.133 -3.907  -28.798 1.00 84.96  ? 13  G   A C6    1 
ATOM   264 O O6    . G   A 1 13 ? -20.714 -4.567  -27.931 1.00 82.17  ? 13  G   A O6    1 
ATOM   265 N N1    . G   A 1 13 ? -19.002 -4.401  -29.443 1.00 87.52  ? 13  G   A N1    1 
ATOM   266 C C2    . G   A 1 13 ? -18.298 -3.739  -30.422 1.00 89.48  ? 13  G   A C2    1 
ATOM   267 N N2    . G   A 1 13 ? -17.230 -4.385  -30.918 1.00 95.85  ? 13  G   A N2    1 
ATOM   268 N N3    . G   A 1 13 ? -18.614 -2.540  -30.887 1.00 84.42  ? 13  G   A N3    1 
ATOM   269 C C4    . G   A 1 13 ? -19.706 -2.053  -30.273 1.00 81.42  ? 13  G   A C4    1 
ATOM   270 P P     . G   A 1 14 ? -23.281 -0.184  -34.898 1.00 75.44  ? 14  G   A P     1 
ATOM   271 O OP1   . G   A 1 14 ? -23.633 0.424   -36.214 1.00 88.33  ? 14  G   A OP1   1 
ATOM   272 O OP2   . G   A 1 14 ? -24.295 -0.311  -33.810 1.00 64.81  ? 14  G   A OP2   1 
ATOM   273 O "O5'" . G   A 1 14 ? -22.707 -1.647  -35.136 1.00 61.71  ? 14  G   A "O5'" 1 
ATOM   274 C "C5'" . G   A 1 14 ? -21.743 -1.875  -36.148 1.00 63.80  ? 14  G   A "C5'" 1 
ATOM   275 C "C4'" . G   A 1 14 ? -20.980 -3.154  -35.924 1.00 68.40  ? 14  G   A "C4'" 1 
ATOM   276 O "O4'" . G   A 1 14 ? -20.450 -3.192  -34.570 1.00 67.36  ? 14  G   A "O4'" 1 
ATOM   277 C "C3'" . G   A 1 14 ? -21.787 -4.427  -36.010 1.00 65.71  ? 14  G   A "C3'" 1 
ATOM   278 O "O3'" . G   A 1 14 ? -22.110 -4.814  -37.329 1.00 93.75  ? 14  G   A "O3'" 1 
ATOM   279 C "C2'" . G   A 1 14 ? -20.893 -5.414  -35.289 1.00 74.02  ? 14  G   A "C2'" 1 
ATOM   280 O "O2'" . G   A 1 14 ? -19.826 -5.786  -36.149 1.00 93.15  ? 14  G   A "O2'" 1 
ATOM   281 C "C1'" . G   A 1 14 ? -20.339 -4.539  -34.154 1.00 71.65  ? 14  G   A "C1'" 1 
ATOM   282 N N9    . G   A 1 14 ? -21.068 -4.737  -32.886 1.00 72.25  ? 14  G   A N9    1 
ATOM   283 C C8    . G   A 1 14 ? -21.934 -3.896  -32.222 1.00 76.07  ? 14  G   A C8    1 
ATOM   284 N N7    . G   A 1 14 ? -22.416 -4.398  -31.103 1.00 63.11  ? 14  G   A N7    1 
ATOM   285 C C5    . G   A 1 14 ? -21.831 -5.647  -31.026 1.00 69.34  ? 14  G   A C5    1 
ATOM   286 C C6    . G   A 1 14 ? -21.959 -6.666  -30.037 1.00 86.35  ? 14  G   A C6    1 
ATOM   287 O O6    . G   A 1 14 ? -22.646 -6.674  -29.007 1.00 86.13  ? 14  G   A O6    1 
ATOM   288 N N1    . G   A 1 14 ? -21.180 -7.780  -30.334 1.00 88.03  ? 14  G   A N1    1 
ATOM   289 C C2    . G   A 1 14 ? -20.387 -7.900  -31.448 1.00 88.37  ? 14  G   A C2    1 
ATOM   290 N N2    . G   A 1 14 ? -19.732 -9.062  -31.547 1.00 91.25  ? 14  G   A N2    1 
ATOM   291 N N3    . G   A 1 14 ? -20.242 -6.957  -32.377 1.00 82.37  ? 14  G   A N3    1 
ATOM   292 C C4    . G   A 1 14 ? -20.988 -5.863  -32.104 1.00 77.39  ? 14  G   A C4    1 
ATOM   293 P P     . C   A 1 15 ? -23.495 -5.605  -37.604 1.00 84.77  ? 15  C   A P     1 
ATOM   294 O OP1   . C   A 1 15 ? -23.668 -5.661  -39.087 1.00 84.94  ? 15  C   A OP1   1 
ATOM   295 O OP2   . C   A 1 15 ? -24.597 -5.032  -36.778 1.00 73.82  ? 15  C   A OP2   1 
ATOM   296 O "O5'" . C   A 1 15 ? -23.178 -7.061  -37.034 1.00 77.05  ? 15  C   A "O5'" 1 
ATOM   297 C "C5'" . C   A 1 15 ? -22.207 -7.881  -37.669 1.00 82.15  ? 15  C   A "C5'" 1 
ATOM   298 C "C4'" . C   A 1 15 ? -21.964 -9.164  -36.914 1.00 90.64  ? 15  C   A "C4'" 1 
ATOM   299 O "O4'" . C   A 1 15 ? -21.485 -8.865  -35.583 1.00 76.80  ? 15  C   A "O4'" 1 
ATOM   300 C "C3'" . C   A 1 15 ? -23.176 -10.053 -36.680 1.00 92.49  ? 15  C   A "C3'" 1 
ATOM   301 O "O3'" . C   A 1 15 ? -23.475 -10.863 -37.793 1.00 87.45  ? 15  C   A "O3'" 1 
ATOM   302 C "C2'" . C   A 1 15 ? -22.761 -10.864 -35.465 1.00 100.64 ? 15  C   A "C2'" 1 
ATOM   303 O "O2'" . C   A 1 15 ? -21.901 -11.927 -35.857 1.00 98.62  ? 15  C   A "O2'" 1 
ATOM   304 C "C1'" . C   A 1 15 ? -21.959 -9.827  -34.668 1.00 80.80  ? 15  C   A "C1'" 1 
ATOM   305 N N1    . C   A 1 15 ? -22.799 -9.134  -33.657 1.00 84.29  ? 15  C   A N1    1 
ATOM   306 C C2    . C   A 1 15 ? -23.114 -9.787  -32.465 1.00 79.86  ? 15  C   A C2    1 
ATOM   307 O O2    . C   A 1 15 ? -22.665 -10.929 -32.303 1.00 77.35  ? 15  C   A O2    1 
ATOM   308 N N3    . C   A 1 15 ? -23.891 -9.167  -31.534 1.00 79.26  ? 15  C   A N3    1 
ATOM   309 C C4    . C   A 1 15 ? -24.358 -7.931  -31.763 1.00 84.93  ? 15  C   A C4    1 
ATOM   310 N N4    . C   A 1 15 ? -25.131 -7.339  -30.842 1.00 84.88  ? 15  C   A N4    1 
ATOM   311 C C5    . C   A 1 15 ? -24.049 -7.237  -32.968 1.00 85.44  ? 15  C   A C5    1 
ATOM   312 C C6    . C   A 1 15 ? -23.281 -7.869  -33.872 1.00 89.90  ? 15  C   A C6    1 
ATOM   313 P P     . G   A 1 16 ? -25.002 -11.222 -38.128 1.00 109.57 ? 16  G   A P     1 
ATOM   314 O OP1   . G   A 1 16 ? -25.078 -11.483 -39.587 1.00 119.88 ? 16  G   A OP1   1 
ATOM   315 O OP2   . G   A 1 16 ? -25.858 -10.189 -37.475 1.00 102.00 ? 16  G   A OP2   1 
ATOM   316 O "O5'" . G   A 1 16 ? -25.277 -12.591 -37.362 1.00 117.19 ? 16  G   A "O5'" 1 
ATOM   317 C "C5'" . G   A 1 16 ? -24.261 -13.569 -37.196 1.00 114.34 ? 16  G   A "C5'" 1 
ATOM   318 C "C4'" . G   A 1 16 ? -24.568 -14.459 -36.017 1.00 100.39 ? 16  G   A "C4'" 1 
ATOM   319 O "O4'" . G   A 1 16 ? -24.276 -13.755 -34.784 1.00 80.14  ? 16  G   A "O4'" 1 
ATOM   320 C "C3'" . G   A 1 16 ? -26.029 -14.865 -35.888 1.00 106.43 ? 16  G   A "C3'" 1 
ATOM   321 O "O3'" . G   A 1 16 ? -26.371 -15.972 -36.709 1.00 103.31 ? 16  G   A "O3'" 1 
ATOM   322 C "C2'" . G   A 1 16 ? -26.191 -15.119 -34.396 1.00 98.89  ? 16  G   A "C2'" 1 
ATOM   323 O "O2'" . G   A 1 16 ? -25.741 -16.421 -34.058 1.00 99.45  ? 16  G   A "O2'" 1 
ATOM   324 C "C1'" . G   A 1 16 ? -25.234 -14.079 -33.797 1.00 91.41  ? 16  G   A "C1'" 1 
ATOM   325 N N9    . G   A 1 16 ? -25.910 -12.826 -33.374 1.00 93.86  ? 16  G   A N9    1 
ATOM   326 C C8    . G   A 1 16 ? -26.167 -11.716 -34.154 1.00 92.95  ? 16  G   A C8    1 
ATOM   327 N N7    . G   A 1 16 ? -26.773 -10.746 -33.516 1.00 85.02  ? 16  G   A N7    1 
ATOM   328 C C5    . G   A 1 16 ? -26.909 -11.227 -32.219 1.00 78.94  ? 16  G   A C5    1 
ATOM   329 C C6    . G   A 1 16 ? -27.493 -10.628 -31.063 1.00 79.30  ? 16  G   A C6    1 
ATOM   330 O O6    . G   A 1 16 ? -28.007 -9.516  -30.927 1.00 86.90  ? 16  G   A O6    1 
ATOM   331 N N1    . G   A 1 16 ? -27.429 -11.455 -29.952 1.00 80.23  ? 16  G   A N1    1 
ATOM   332 C C2    . G   A 1 16 ? -26.894 -12.715 -29.950 1.00 86.81  ? 16  G   A C2    1 
ATOM   333 N N2    . G   A 1 16 ? -26.943 -13.355 -28.775 1.00 86.10  ? 16  G   A N2    1 
ATOM   334 N N3    . G   A 1 16 ? -26.350 -13.295 -31.013 1.00 94.29  ? 16  G   A N3    1 
ATOM   335 C C4    . G   A 1 16 ? -26.386 -12.503 -32.112 1.00 91.37  ? 16  G   A C4    1 
ATOM   336 P P     . C   B 2 1  ? -30.717 -9.771  -18.877 1.00 154.97 ? 1   C   B P     1 
ATOM   337 O OP1   . C   B 2 1  ? -32.131 -9.628  -18.444 1.00 152.84 ? 1   C   B OP1   1 
ATOM   338 O OP2   . C   B 2 1  ? -29.685 -10.118 -17.865 1.00 147.91 ? 1   C   B OP2   1 
ATOM   339 O "O5'" . C   B 2 1  ? -30.634 -10.811 -20.089 1.00 150.08 ? 1   C   B "O5'" 1 
ATOM   340 C "C5'" . C   B 2 1  ? -29.485 -10.868 -20.929 1.00 130.68 ? 1   C   B "C5'" 1 
ATOM   341 C "C4'" . C   B 2 1  ? -29.438 -12.137 -21.748 1.00 114.13 ? 1   C   B "C4'" 1 
ATOM   342 O "O4'" . C   B 2 1  ? -30.233 -11.973 -22.945 1.00 108.56 ? 1   C   B "O4'" 1 
ATOM   343 C "C3'" . C   B 2 1  ? -28.064 -12.530 -22.267 1.00 103.03 ? 1   C   B "C3'" 1 
ATOM   344 O "O3'" . C   B 2 1  ? -27.301 -13.230 -21.306 1.00 93.30  ? 1   C   B "O3'" 1 
ATOM   345 C "C2'" . C   B 2 1  ? -28.384 -13.360 -23.500 1.00 98.29  ? 1   C   B "C2'" 1 
ATOM   346 O "O2'" . C   B 2 1  ? -28.757 -14.680 -23.130 1.00 104.46 ? 1   C   B "O2'" 1 
ATOM   347 C "C1'" . C   B 2 1  ? -29.627 -12.646 -24.028 1.00 111.19 ? 1   C   B "C1'" 1 
ATOM   348 N N1    . C   B 2 1  ? -29.315 -11.667 -25.101 1.00 113.38 ? 1   C   B N1    1 
ATOM   349 C C2    . C   B 2 1  ? -29.082 -12.153 -26.394 1.00 111.67 ? 1   C   B C2    1 
ATOM   350 O O2    . C   B 2 1  ? -29.134 -13.375 -26.607 1.00 112.61 ? 1   C   B O2    1 
ATOM   351 N N3    . C   B 2 1  ? -28.806 -11.281 -27.387 1.00 105.55 ? 1   C   B N3    1 
ATOM   352 C C4    . C   B 2 1  ? -28.766 -9.976  -27.137 1.00 89.17  ? 1   C   B C4    1 
ATOM   353 N N4    . C   B 2 1  ? -28.493 -9.173  -28.167 1.00 89.21  ? 1   C   B N4    1 
ATOM   354 C C5    . C   B 2 1  ? -29.014 -9.445  -25.841 1.00 90.02  ? 1   C   B C5    1 
ATOM   355 C C6    . C   B 2 1  ? -29.275 -10.317 -24.859 1.00 101.02 ? 1   C   B C6    1 
ATOM   356 P P     . G   B 2 2  ? -25.809 -12.738 -21.004 1.00 111.85 ? 2   G   B P     1 
ATOM   357 O OP1   . G   B 2 2  ? -25.302 -13.327 -19.724 1.00 95.66  ? 2   G   B OP1   1 
ATOM   358 O OP2   . G   B 2 2  ? -25.904 -11.262 -21.171 1.00 114.97 ? 2   G   B OP2   1 
ATOM   359 O "O5'" . G   B 2 2  ? -24.956 -13.337 -22.215 1.00 93.76  ? 2   G   B "O5'" 1 
ATOM   360 C "C5'" . G   B 2 2  ? -24.940 -14.733 -22.461 1.00 90.38  ? 2   G   B "C5'" 1 
ATOM   361 C "C4'" . G   B 2 2  ? -24.422 -15.060 -23.837 1.00 91.01  ? 2   G   B "C4'" 1 
ATOM   362 O "O4'" . G   B 2 2  ? -25.331 -14.577 -24.867 1.00 94.80  ? 2   G   B "O4'" 1 
ATOM   363 C "C3'" . G   B 2 2  ? -23.110 -14.420 -24.220 1.00 77.96  ? 2   G   B "C3'" 1 
ATOM   364 O "O3'" . G   B 2 2  ? -21.987 -14.997 -23.600 1.00 84.14  ? 2   G   B "O3'" 1 
ATOM   365 C "C2'" . G   B 2 2  ? -23.134 -14.538 -25.736 1.00 81.52  ? 2   G   B "C2'" 1 
ATOM   366 O "O2'" . G   B 2 2  ? -22.961 -15.890 -26.149 1.00 88.15  ? 2   G   B "O2'" 1 
ATOM   367 C "C1'" . G   B 2 2  ? -24.579 -14.179 -26.007 1.00 88.18  ? 2   G   B "C1'" 1 
ATOM   368 N N9    . G   B 2 2  ? -24.760 -12.733 -26.251 1.00 83.43  ? 2   G   B N9    1 
ATOM   369 C C8    . G   B 2 2  ? -25.228 -11.768 -25.393 1.00 77.59  ? 2   G   B C8    1 
ATOM   370 N N7    . G   B 2 2  ? -25.313 -10.592 -25.959 1.00 80.62  ? 2   G   B N7    1 
ATOM   371 C C5    . G   B 2 2  ? -24.879 -10.790 -27.271 1.00 87.43  ? 2   G   B C5    1 
ATOM   372 C C6    . G   B 2 2  ? -24.749 -9.890  -28.378 1.00 83.69  ? 2   G   B C6    1 
ATOM   373 O O6    . G   B 2 2  ? -24.981 -8.679  -28.440 1.00 84.82  ? 2   G   B O6    1 
ATOM   374 N N1    . G   B 2 2  ? -24.261 -10.519 -29.518 1.00 78.34  ? 2   G   B N1    1 
ATOM   375 C C2    . G   B 2 2  ? -23.950 -11.853 -29.589 1.00 91.55  ? 2   G   B C2    1 
ATOM   376 N N2    . G   B 2 2  ? -23.512 -12.289 -30.779 1.00 93.82  ? 2   G   B N2    1 
ATOM   377 N N3    . G   B 2 2  ? -24.079 -12.703 -28.577 1.00 90.03  ? 2   G   B N3    1 
ATOM   378 C C4    . G   B 2 2  ? -24.533 -12.109 -27.454 1.00 85.58  ? 2   G   B C4    1 
ATOM   379 P P     . C   B 2 3  ? -20.761 -14.036 -23.170 1.00 93.37  ? 3   C   B P     1 
ATOM   380 O OP1   . C   B 2 3  ? -19.978 -14.728 -22.111 1.00 85.69  ? 3   C   B OP1   1 
ATOM   381 O OP2   . C   B 2 3  ? -21.310 -12.695 -22.838 1.00 105.13 ? 3   C   B OP2   1 
ATOM   382 O "O5'" . C   B 2 3  ? -19.930 -13.875 -24.527 1.00 85.83  ? 3   C   B "O5'" 1 
ATOM   383 C "C5'" . C   B 2 3  ? -19.818 -14.961 -25.437 1.00 70.85  ? 3   C   B "C5'" 1 
ATOM   384 C "C4'" . C   B 2 3  ? -19.292 -14.522 -26.777 1.00 78.65  ? 3   C   B "C4'" 1 
ATOM   385 O "O4'" . C   B 2 3  ? -20.359 -13.967 -27.602 1.00 67.53  ? 3   C   B "O4'" 1 
ATOM   386 C "C3'" . C   B 2 3  ? -18.258 -13.420 -26.747 1.00 61.06  ? 3   C   B "C3'" 1 
ATOM   387 O "O3'" . C   B 2 3  ? -16.974 -13.848 -26.366 1.00 77.52  ? 3   C   B "O3'" 1 
ATOM   388 C "C2'" . C   B 2 3  ? -18.337 -12.877 -28.165 1.00 70.63  ? 3   C   B "C2'" 1 
ATOM   389 O "O2'" . C   B 2 3  ? -17.724 -13.791 -29.064 1.00 78.64  ? 3   C   B "O2'" 1 
ATOM   390 C "C1'" . C   B 2 3  ? -19.844 -12.923 -28.405 1.00 64.04  ? 3   C   B "C1'" 1 
ATOM   391 N N1    . C   B 2 3  ? -20.510 -11.652 -28.023 1.00 71.72  ? 3   C   B N1    1 
ATOM   392 C C2    . C   B 2 3  ? -20.791 -10.704 -29.028 1.00 92.53  ? 3   C   B C2    1 
ATOM   393 O O2    . C   B 2 3  ? -20.459 -10.947 -30.202 1.00 96.25  ? 3   C   B O2    1 
ATOM   394 N N3    . C   B 2 3  ? -21.417 -9.538  -28.709 1.00 83.75  ? 3   C   B N3    1 
ATOM   395 C C4    . C   B 2 3  ? -21.777 -9.303  -27.442 1.00 78.15  ? 3   C   B C4    1 
ATOM   396 N N4    . C   B 2 3  ? -22.395 -8.149  -27.161 1.00 66.69  ? 3   C   B N4    1 
ATOM   397 C C5    . C   B 2 3  ? -21.514 -10.250 -26.399 1.00 74.50  ? 3   C   B C5    1 
ATOM   398 C C6    . C   B 2 3  ? -20.889 -11.391 -26.729 1.00 67.32  ? 3   C   B C6    1 
ATOM   399 P P     . C   B 2 4  ? -16.024 -12.810 -25.584 1.00 75.52  ? 4   C   B P     1 
ATOM   400 O OP1   . C   B 2 4  ? -14.940 -13.579 -24.952 1.00 70.93  ? 4   C   B OP1   1 
ATOM   401 O OP2   . C   B 2 4  ? -16.853 -11.945 -24.701 1.00 91.57  ? 4   C   B OP2   1 
ATOM   402 O "O5'" . C   B 2 4  ? -15.512 -11.863 -26.748 1.00 62.75  ? 4   C   B "O5'" 1 
ATOM   403 C "C5'" . C   B 2 4  ? -14.963 -12.405 -27.936 1.00 53.33  ? 4   C   B "C5'" 1 
ATOM   404 C "C4'" . C   B 2 4  ? -14.838 -11.342 -29.000 1.00 60.88  ? 4   C   B "C4'" 1 
ATOM   405 O "O4'" . C   B 2 4  ? -16.163 -10.972 -29.469 1.00 63.24  ? 4   C   B "O4'" 1 
ATOM   406 C "C3'" . C   B 2 4  ? -14.218 -10.019 -28.568 1.00 54.05  ? 4   C   B "C3'" 1 
ATOM   407 O "O3'" . C   B 2 4  ? -12.798 -10.051 -28.515 1.00 55.94  ? 4   C   B "O3'" 1 
ATOM   408 C "C2'" . C   B 2 4  ? -14.769 -9.062  -29.608 1.00 58.43  ? 4   C   B "C2'" 1 
ATOM   409 O "O2'" . C   B 2 4  ? -14.080 -9.236  -30.836 1.00 70.19  ? 4   C   B "O2'" 1 
ATOM   410 C "C1'" . C   B 2 4  ? -16.192 -9.602  -29.789 1.00 70.34  ? 4   C   B "C1'" 1 
ATOM   411 N N1    . C   B 2 4  ? -17.168 -8.929  -28.894 1.00 68.64  ? 4   C   B N1    1 
ATOM   412 C C2    . C   B 2 4  ? -17.679 -7.694  -29.279 1.00 63.71  ? 4   C   B C2    1 
ATOM   413 O O2    . C   B 2 4  ? -17.295 -7.223  -30.354 1.00 73.34  ? 4   C   B O2    1 
ATOM   414 N N3    . C   B 2 4  ? -18.564 -7.045  -28.490 1.00 71.36  ? 4   C   B N3    1 
ATOM   415 C C4    . C   B 2 4  ? -18.959 -7.576  -27.331 1.00 62.25  ? 4   C   B C4    1 
ATOM   416 N N4    . C   B 2 4  ? -19.838 -6.892  -26.566 1.00 58.58  ? 4   C   B N4    1 
ATOM   417 C C5    . C   B 2 4  ? -18.450 -8.838  -26.914 1.00 62.14  ? 4   C   B C5    1 
ATOM   418 C C6    . C   B 2 4  ? -17.571 -9.467  -27.707 1.00 63.82  ? 4   C   B C6    1 
ATOM   419 P P     . U   B 2 5  ? -11.971 -9.013  -27.592 1.00 62.19  ? 5   U   B P     1 
ATOM   420 O OP1   . U   B 2 5  ? -10.550 -9.398  -27.714 1.00 86.36  ? 5   U   B OP1   1 
ATOM   421 O OP2   . U   B 2 5  ? -12.593 -8.841  -26.251 1.00 68.33  ? 5   U   B OP2   1 
ATOM   422 O "O5'" . U   B 2 5  ? -12.153 -7.588  -28.264 1.00 55.32  ? 5   U   B "O5'" 1 
ATOM   423 C "C5'" . U   B 2 5  ? -11.763 -7.339  -29.597 1.00 51.50  ? 5   U   B "C5'" 1 
ATOM   424 C "C4'" . U   B 2 5  ? -11.973 -5.881  -29.934 1.00 52.91  ? 5   U   B "C4'" 1 
ATOM   425 O "O4'" . U   B 2 5  ? -13.359 -5.659  -30.271 1.00 57.88  ? 5   U   B "O4'" 1 
ATOM   426 C "C3'" . U   B 2 5  ? -11.697 -4.865  -28.817 1.00 51.58  ? 5   U   B "C3'" 1 
ATOM   427 O "O3'" . U   B 2 5  ? -10.333 -4.533  -28.667 1.00 56.95  ? 5   U   B "O3'" 1 
ATOM   428 C "C2'" . U   B 2 5  ? -12.530 -3.682  -29.257 1.00 56.40  ? 5   U   B "C2'" 1 
ATOM   429 O "O2'" . U   B 2 5  ? -11.867 -3.004  -30.318 1.00 54.90  ? 5   U   B "O2'" 1 
ATOM   430 C "C1'" . U   B 2 5  ? -13.771 -4.394  -29.802 1.00 69.85  ? 5   U   B "C1'" 1 
ATOM   431 N N1    . U   B 2 5  ? -14.778 -4.616  -28.740 1.00 67.08  ? 5   U   B N1    1 
ATOM   432 C C2    . U   B 2 5  ? -15.559 -3.548  -28.352 1.00 64.49  ? 5   U   B C2    1 
ATOM   433 O O2    . U   B 2 5  ? -15.468 -2.445  -28.848 1.00 58.12  ? 5   U   B O2    1 
ATOM   434 N N3    . U   B 2 5  ? -16.463 -3.818  -27.360 1.00 73.60  ? 5   U   B N3    1 
ATOM   435 C C4    . U   B 2 5  ? -16.664 -5.013  -26.718 1.00 87.23  ? 5   U   B C4    1 
ATOM   436 O O4    . U   B 2 5  ? -17.524 -5.082  -25.834 1.00 94.80  ? 5   U   B O4    1 
ATOM   437 C C5    . U   B 2 5  ? -15.807 -6.075  -27.162 1.00 84.86  ? 5   U   B C5    1 
ATOM   438 C C6    . U   B 2 5  ? -14.919 -5.845  -28.134 1.00 73.73  ? 5   U   B C6    1 
ATOM   439 P P     . G   B 2 6  ? -9.773  -3.993  -27.258 1.00 64.79  ? 6   G   B P     1 
ATOM   440 O OP1   . G   B 2 6  ? -8.304  -3.841  -27.393 1.00 76.30  ? 6   G   B OP1   1 
ATOM   441 O OP2   . G   B 2 6  ? -10.335 -4.838  -26.183 1.00 81.54  ? 6   G   B OP2   1 
ATOM   442 O "O5'" . G   B 2 6  ? -10.418 -2.551  -27.062 1.00 61.30  ? 6   G   B "O5'" 1 
ATOM   443 C "C5'" . G   B 2 6  ? -10.148 -1.504  -27.982 1.00 60.36  ? 6   G   B "C5'" 1 
ATOM   444 C "C4'" . G   B 2 6  ? -10.992 -0.287  -27.706 1.00 56.99  ? 6   G   B "C4'" 1 
ATOM   445 O "O4'" . G   B 2 6  ? -12.390 -0.574  -27.953 1.00 57.99  ? 6   G   B "O4'" 1 
ATOM   446 C "C3'" . G   B 2 6  ? -10.986 0.224   -26.286 1.00 45.53  ? 6   G   B "C3'" 1 
ATOM   447 O "O3'" . G   B 2 6  ? -9.841  0.979   -25.987 1.00 64.97  ? 6   G   B "O3'" 1 
ATOM   448 C "C2'" . G   B 2 6  ? -12.250 1.059   -26.244 1.00 49.28  ? 6   G   B "C2'" 1 
ATOM   449 O "O2'" . G   B 2 6  ? -12.037 2.299   -26.898 1.00 67.42  ? 6   G   B "O2'" 1 
ATOM   450 C "C1'" . G   B 2 6  ? -13.188 0.228   -27.106 1.00 61.38  ? 6   G   B "C1'" 1 
ATOM   451 N N9    . G   B 2 6  ? -14.005 -0.660  -26.277 1.00 81.56  ? 6   G   B N9    1 
ATOM   452 C C8    . G   B 2 6  ? -13.752 -1.993  -26.068 1.00 85.71  ? 6   G   B C8    1 
ATOM   453 N N7    . G   B 2 6  ? -14.643 -2.541  -25.287 1.00 97.94  ? 6   G   B N7    1 
ATOM   454 C C5    . G   B 2 6  ? -15.517 -1.505  -24.959 1.00 98.44  ? 6   G   B C5    1 
ATOM   455 C C6    . G   B 2 6  ? -16.675 -1.506  -24.129 1.00 105.37 ? 6   G   B C6    1 
ATOM   456 O O6    . G   B 2 6  ? -17.163 -2.454  -23.508 1.00 112.55 ? 6   G   B O6    1 
ATOM   457 N N1    . G   B 2 6  ? -17.281 -0.252  -24.060 1.00 101.12 ? 6   G   B N1    1 
ATOM   458 C C2    . G   B 2 6  ? -16.815 0.866   -24.712 1.00 101.82 ? 6   G   B C2    1 
ATOM   459 N N2    . G   B 2 6  ? -17.539 1.982   -24.521 1.00 97.78  ? 6   G   B N2    1 
ATOM   460 N N3    . G   B 2 6  ? -15.723 0.884   -25.489 1.00 93.73  ? 6   G   B N3    1 
ATOM   461 C C4    . G   B 2 6  ? -15.128 -0.326  -25.563 1.00 82.59  ? 6   G   B C4    1 
ATOM   462 P P     . U   B 2 7  ? -9.346  1.148   -24.467 1.00 50.25  ? 7   U   B P     1 
ATOM   463 O OP1   . U   B 2 7  ? -8.112  1.958   -24.601 1.00 69.18  ? 7   U   B OP1   1 
ATOM   464 O OP2   . U   B 2 7  ? -9.352  -0.165  -23.790 1.00 52.09  ? 7   U   B OP2   1 
ATOM   465 O "O5'" . U   B 2 7  ? -10.430 2.028   -23.717 1.00 46.32  ? 7   U   B "O5'" 1 
ATOM   466 C "C5'" . U   B 2 7  ? -10.607 3.384   -24.069 1.00 53.06  ? 7   U   B "C5'" 1 
ATOM   467 C "C4'" . U   B 2 7  ? -11.811 3.990   -23.386 1.00 53.36  ? 7   U   B "C4'" 1 
ATOM   468 O "O4'" . U   B 2 7  ? -13.025 3.286   -23.767 1.00 53.30  ? 7   U   B "O4'" 1 
ATOM   469 C "C3'" . U   B 2 7  ? -11.832 3.918   -21.878 1.00 50.74  ? 7   U   B "C3'" 1 
ATOM   470 O "O3'" . U   B 2 7  ? -10.956 4.841   -21.247 1.00 66.73  ? 7   U   B "O3'" 1 
ATOM   471 C "C2'" . U   B 2 7  ? -13.309 4.149   -21.580 1.00 47.10  ? 7   U   B "C2'" 1 
ATOM   472 O "O2'" . U   B 2 7  ? -13.609 5.505   -21.796 1.00 65.82  ? 7   U   B "O2'" 1 
ATOM   473 C "C1'" . U   B 2 7  ? -13.959 3.355   -22.707 1.00 64.19  ? 7   U   B "C1'" 1 
ATOM   474 N N1    . U   B 2 7  ? -14.301 1.979   -22.287 1.00 72.96  ? 7   U   B N1    1 
ATOM   475 C C2    . U   B 2 7  ? -15.386 1.824   -21.445 1.00 73.64  ? 7   U   B C2    1 
ATOM   476 O O2    . U   B 2 7  ? -16.051 2.773   -21.052 1.00 67.26  ? 7   U   B O2    1 
ATOM   477 N N3    . U   B 2 7  ? -15.657 0.521   -21.086 1.00 70.85  ? 7   U   B N3    1 
ATOM   478 C C4    . U   B 2 7  ? -14.970 -0.610  -21.485 1.00 75.48  ? 7   U   B C4    1 
ATOM   479 O O4    . U   B 2 7  ? -15.319 -1.723  -21.082 1.00 83.82  ? 7   U   B O4    1 
ATOM   480 C C5    . U   B 2 7  ? -13.871 -0.353  -22.364 1.00 67.82  ? 7   U   B C5    1 
ATOM   481 C C6    . U   B 2 7  ? -13.585 0.901   -22.727 1.00 64.35  ? 7   U   B C6    1 
ATOM   482 P P     . A   B 2 8  ? -10.371 4.489   -19.784 1.00 54.02  ? 8   A   B P     1 
ATOM   483 O OP1   . A   B 2 8  ? -9.462  5.594   -19.357 1.00 58.74  ? 8   A   B OP1   1 
ATOM   484 O OP2   . A   B 2 8  ? -9.993  3.048   -19.836 1.00 50.84  ? 8   A   B OP2   1 
ATOM   485 O "O5'" . A   B 2 8  ? -11.633 4.597   -18.831 1.00 55.25  ? 8   A   B "O5'" 1 
ATOM   486 C "C5'" . A   B 2 8  ? -12.179 5.869   -18.553 1.00 60.60  ? 8   A   B "C5'" 1 
ATOM   487 C "C4'" . A   B 2 8  ? -13.384 5.758   -17.663 1.00 72.70  ? 8   A   B "C4'" 1 
ATOM   488 O "O4'" . A   B 2 8  ? -14.403 4.978   -18.319 1.00 73.24  ? 8   A   B "O4'" 1 
ATOM   489 C "C3'" . A   B 2 8  ? -13.199 5.042   -16.335 1.00 75.41  ? 8   A   B "C3'" 1 
ATOM   490 O "O3'" . A   B 2 8  ? -12.573 5.856   -15.355 1.00 73.26  ? 8   A   B "O3'" 1 
ATOM   491 C "C2'" . A   B 2 8  ? -14.630 4.685   -15.993 1.00 55.12  ? 8   A   B "C2'" 1 
ATOM   492 O "O2'" . A   B 2 8  ? -15.331 5.857   -15.632 1.00 69.64  ? 8   A   B "O2'" 1 
ATOM   493 C "C1'" . A   B 2 8  ? -15.149 4.274   -17.352 1.00 70.11  ? 8   A   B "C1'" 1 
ATOM   494 N N9    . A   B 2 8  ? -14.966 2.844   -17.582 1.00 69.46  ? 8   A   B N9    1 
ATOM   495 C C8    . A   B 2 8  ? -14.032 2.224   -18.374 1.00 77.24  ? 8   A   B C8    1 
ATOM   496 N N7    . A   B 2 8  ? -14.148 0.913   -18.374 1.00 77.48  ? 8   A   B N7    1 
ATOM   497 C C5    . A   B 2 8  ? -15.242 0.688   -17.531 1.00 78.63  ? 8   A   B C5    1 
ATOM   498 C C6    . A   B 2 8  ? -15.874 -0.482  -17.108 1.00 82.92  ? 8   A   B C6    1 
ATOM   499 N N6    . A   B 2 8  ? -15.467 -1.689  -17.520 1.00 80.40  ? 8   A   B N6    1 
ATOM   500 N N1    . A   B 2 8  ? -16.923 -0.367  -16.255 1.00 83.39  ? 8   A   B N1    1 
ATOM   501 C C2    . A   B 2 8  ? -17.304 0.858   -15.859 1.00 83.60  ? 8   A   B C2    1 
ATOM   502 N N3    . A   B 2 8  ? -16.784 2.039   -16.194 1.00 71.98  ? 8   A   B N3    1 
ATOM   503 C C4    . A   B 2 8  ? -15.754 1.872   -17.038 1.00 69.09  ? 8   A   B C4    1 
ATOM   504 P P     . G   B 2 9  ? -11.855 5.212   -14.068 1.00 67.70  ? 9   G   B P     1 
ATOM   505 O OP1   . G   B 2 9  ? -11.242 6.383   -13.399 1.00 80.17  ? 9   G   B OP1   1 
ATOM   506 O OP2   . G   B 2 9  ? -11.022 4.027   -14.413 1.00 62.06  ? 9   G   B OP2   1 
ATOM   507 O "O5'" . G   B 2 9  ? -13.052 4.619   -13.192 1.00 69.78  ? 9   G   B "O5'" 1 
ATOM   508 C "C5'" . G   B 2 9  ? -14.076 5.450   -12.667 1.00 71.52  ? 9   G   B "C5'" 1 
ATOM   509 C "C4'" . G   B 2 9  ? -15.153 4.630   -12.001 1.00 72.47  ? 9   G   B "C4'" 1 
ATOM   510 O "O4'" . G   B 2 9  ? -15.839 3.820   -12.990 1.00 86.24  ? 9   G   B "O4'" 1 
ATOM   511 C "C3'" . G   B 2 9  ? -14.674 3.619   -10.972 1.00 68.58  ? 9   G   B "C3'" 1 
ATOM   512 O "O3'" . G   B 2 9  ? -14.411 4.214   -9.712  1.00 67.33  ? 9   G   B "O3'" 1 
ATOM   513 C "C2'" . G   B 2 9  ? -15.809 2.601   -10.962 1.00 67.83  ? 9   G   B "C2'" 1 
ATOM   514 O "O2'" . G   B 2 9  ? -16.939 3.099   -10.249 1.00 70.41  ? 9   G   B "O2'" 1 
ATOM   515 C "C1'" . G   B 2 9  ? -16.161 2.554   -12.444 1.00 81.20  ? 9   G   B "C1'" 1 
ATOM   516 N N9    . G   B 2 9  ? -15.362 1.539   -13.160 1.00 76.95  ? 9   G   B N9    1 
ATOM   517 C C8    . G   B 2 9  ? -14.238 1.807   -13.909 1.00 77.94  ? 9   G   B C8    1 
ATOM   518 N N7    . G   B 2 9  ? -13.704 0.741   -14.445 1.00 75.17  ? 9   G   B N7    1 
ATOM   519 C C5    . G   B 2 9  ? -14.523 -0.293  -14.022 1.00 80.89  ? 9   G   B C5    1 
ATOM   520 C C6    . G   B 2 9  ? -14.421 -1.677  -14.293 1.00 89.22  ? 9   G   B C6    1 
ATOM   521 O O6    . G   B 2 9  ? -13.568 -2.264  -14.980 1.00 87.30  ? 9   G   B O6    1 
ATOM   522 N N1    . G   B 2 9  ? -15.446 -2.389  -13.674 1.00 94.78  ? 9   G   B N1    1 
ATOM   523 C C2    . G   B 2 9  ? -16.432 -1.839  -12.898 1.00 95.99  ? 9   G   B C2    1 
ATOM   524 N N2    . G   B 2 9  ? -17.321 -2.713  -12.397 1.00 97.08  ? 9   G   B N2    1 
ATOM   525 N N3    . G   B 2 9  ? -16.538 -0.538  -12.640 1.00 92.70  ? 9   G   B N3    1 
ATOM   526 C C4    . G   B 2 9  ? -15.554 0.175   -13.228 1.00 81.20  ? 9   G   B C4    1 
ATOM   527 P P     . A   B 2 10 ? -13.357 3.555   -8.689  1.00 65.72  ? 10  A   B P     1 
ATOM   528 O OP1   . A   B 2 10 ? -13.398 4.529   -7.543  1.00 68.42  ? 10  A   B OP1   1 
ATOM   529 O OP2   . A   B 2 10 ? -12.068 3.147   -9.316  1.00 61.67  ? 10  A   B OP2   1 
ATOM   530 O "O5'" . A   B 2 10 ? -14.038 2.177   -8.280  1.00 73.99  ? 10  A   B "O5'" 1 
ATOM   531 C "C5'" . A   B 2 10 ? -15.294 2.174   -7.617  1.00 76.42  ? 10  A   B "C5'" 1 
ATOM   532 C "C4'" . A   B 2 10 ? -15.738 0.777   -7.294  1.00 71.30  ? 10  A   B "C4'" 1 
ATOM   533 O "O4'" . A   B 2 10 ? -16.096 0.081   -8.510  1.00 76.25  ? 10  A   B "O4'" 1 
ATOM   534 C "C3'" . A   B 2 10 ? -14.707 -0.136  -6.654  1.00 61.41  ? 10  A   B "C3'" 1 
ATOM   535 O "O3'" . A   B 2 10 ? -14.539 0.129   -5.271  1.00 72.83  ? 10  A   B "O3'" 1 
ATOM   536 C "C2'" . A   B 2 10 ? -15.303 -1.500  -6.935  1.00 60.23  ? 10  A   B "C2'" 1 
ATOM   537 O "O2'" . A   B 2 10 ? -16.422 -1.713  -6.086  1.00 78.18  ? 10  A   B "O2'" 1 
ATOM   538 C "C1'" . A   B 2 10 ? -15.847 -1.295  -8.351  1.00 79.56  ? 10  A   B "C1'" 1 
ATOM   539 N N9    . A   B 2 10 ? -14.889 -1.739  -9.376  1.00 67.05  ? 10  A   B N9    1 
ATOM   540 C C8    . A   B 2 10 ? -13.979 -0.998  -10.091 1.00 58.38  ? 10  A   B C8    1 
ATOM   541 N N7    . A   B 2 10 ? -13.226 -1.713  -10.899 1.00 52.11  ? 10  A   B N7    1 
ATOM   542 C C5    . A   B 2 10 ? -13.686 -3.002  -10.691 1.00 62.33  ? 10  A   B C5    1 
ATOM   543 C C6    . A   B 2 10 ? -13.316 -4.218  -11.266 1.00 67.77  ? 10  A   B C6    1 
ATOM   544 N N6    . A   B 2 10 ? -12.362 -4.301  -12.188 1.00 61.91  ? 10  A   B N6    1 
ATOM   545 N N1    . A   B 2 10 ? -13.949 -5.334  -10.833 1.00 74.95  ? 10  A   B N1    1 
ATOM   546 C C2    . A   B 2 10 ? -14.903 -5.213  -9.893  1.00 76.24  ? 10  A   B C2    1 
ATOM   547 N N3    . A   B 2 10 ? -15.360 -4.113  -9.296  1.00 72.81  ? 10  A   B N3    1 
ATOM   548 C C4    . A   B 2 10 ? -14.700 -3.037  -9.750  1.00 65.13  ? 10  A   B C4    1 
ATOM   549 P P     . G   B 2 11 ? -13.262 -0.415  -4.456  1.00 81.69  ? 11  G   B P     1 
ATOM   550 O OP1   . G   B 2 11 ? -13.463 0.045   -3.065  1.00 97.19  ? 11  G   B OP1   1 
ATOM   551 O OP2   . G   B 2 11 ? -12.002 -0.031  -5.145  1.00 81.84  ? 11  G   B OP2   1 
ATOM   552 O "O5'" . G   B 2 11 ? -13.409 -2.006  -4.470  1.00 65.18  ? 11  G   B "O5'" 1 
ATOM   553 C "C5'" . G   B 2 11 ? -14.441 -2.640  -3.721  1.00 68.15  ? 11  G   B "C5'" 1 
ATOM   554 C "C4'" . G   B 2 11 ? -14.493 -4.131  -3.946  1.00 62.07  ? 11  G   B "C4'" 1 
ATOM   555 O "O4'" . G   B 2 11 ? -14.858 -4.414  -5.319  1.00 72.04  ? 11  G   B "O4'" 1 
ATOM   556 C "C3'" . G   B 2 11 ? -13.196 -4.893  -3.759  1.00 70.86  ? 11  G   B "C3'" 1 
ATOM   557 O "O3'" . G   B 2 11 ? -12.895 -5.181  -2.413  1.00 75.22  ? 11  G   B "O3'" 1 
ATOM   558 C "C2'" . G   B 2 11 ? -13.443 -6.131  -4.593  1.00 82.38  ? 11  G   B "C2'" 1 
ATOM   559 O "O2'" . G   B 2 11 ? -14.424 -6.940  -3.961  1.00 89.97  ? 11  G   B "O2'" 1 
ATOM   560 C "C1'" . G   B 2 11 ? -14.105 -5.503  -5.800  1.00 78.48  ? 11  G   B "C1'" 1 
ATOM   561 N N9    . G   B 2 11 ? -13.104 -4.964  -6.738  1.00 76.29  ? 11  G   B N9    1 
ATOM   562 C C8    . G   B 2 11 ? -12.843 -3.627  -6.885  1.00 82.41  ? 11  G   B C8    1 
ATOM   563 N N7    . G   B 2 11 ? -11.934 -3.347  -7.761  1.00 79.35  ? 11  G   B N7    1 
ATOM   564 C C5    . G   B 2 11 ? -11.566 -4.589  -8.228  1.00 76.04  ? 11  G   B C5    1 
ATOM   565 C C6    . G   B 2 11 ? -10.596 -4.876  -9.210  1.00 86.94  ? 11  G   B C6    1 
ATOM   566 O O6    . G   B 2 11 ? -9.910  -4.051  -9.834  1.00 91.96  ? 11  G   B O6    1 
ATOM   567 N N1    . G   B 2 11 ? -10.482 -6.253  -9.412  1.00 91.14  ? 11  G   B N1    1 
ATOM   568 C C2    . G   B 2 11 ? -11.225 -7.204  -8.743  1.00 85.28  ? 11  G   B C2    1 
ATOM   569 N N2    . G   B 2 11 ? -10.952 -8.468  -9.096  1.00 63.19  ? 11  G   B N2    1 
ATOM   570 N N3    . G   B 2 11 ? -12.152 -6.940  -7.809  1.00 78.60  ? 11  G   B N3    1 
ATOM   571 C C4    . G   B 2 11 ? -12.265 -5.610  -7.609  1.00 75.11  ? 11  G   B C4    1 
ATOM   572 P P     . G   B 2 12 ? -11.366 -5.212  -1.968  1.00 71.91  ? 12  G   B P     1 
ATOM   573 O OP1   . G   B 2 12 ? -11.364 -5.216  -0.490  1.00 84.08  ? 12  G   B OP1   1 
ATOM   574 O OP2   . G   B 2 12 ? -10.680 -4.112  -2.699  1.00 81.10  ? 12  G   B OP2   1 
ATOM   575 O "O5'" . G   B 2 12 ? -10.791 -6.561  -2.590  1.00 66.30  ? 12  G   B "O5'" 1 
ATOM   576 C "C5'" . G   B 2 12 ? -11.379 -7.818  -2.307  1.00 76.62  ? 12  G   B "C5'" 1 
ATOM   577 C "C4'" . G   B 2 12 ? -10.604 -8.948  -2.944  1.00 82.30  ? 12  G   B "C4'" 1 
ATOM   578 O "O4'" . G   B 2 12 ? -10.873 -9.004  -4.372  1.00 69.16  ? 12  G   B "O4'" 1 
ATOM   579 C "C3'" . G   B 2 12 ? -9.080  -8.871  -2.869  1.00 70.50  ? 12  G   B "C3'" 1 
ATOM   580 O "O3'" . G   B 2 12 ? -8.547  -9.255  -1.618  1.00 82.17  ? 12  G   B "O3'" 1 
ATOM   581 C "C2'" . G   B 2 12 ? -8.660  -9.782  -4.008  1.00 65.94  ? 12  G   B "C2'" 1 
ATOM   582 O "O2'" . G   B 2 12 ? -8.856  -11.152 -3.660  1.00 60.19  ? 12  G   B "O2'" 1 
ATOM   583 C "C1'" . G   B 2 12 ? -9.698  -9.409  -5.059  1.00 85.16  ? 12  G   B "C1'" 1 
ATOM   584 N N9    . G   B 2 12 ? -9.218  -8.291  -5.889  1.00 81.47  ? 12  G   B N9    1 
ATOM   585 C C8    . G   B 2 12 ? -9.456  -6.954  -5.715  1.00 75.43  ? 12  G   B C8    1 
ATOM   586 N N7    . G   B 2 12 ? -8.885  -6.218  -6.625  1.00 75.93  ? 12  G   B N7    1 
ATOM   587 C C5    . G   B 2 12 ? -8.225  -7.124  -7.440  1.00 82.64  ? 12  G   B C5    1 
ATOM   588 C C6    . G   B 2 12 ? -7.438  -6.921  -8.604  1.00 86.12  ? 12  G   B C6    1 
ATOM   589 O O6    . G   B 2 12 ? -7.146  -5.863  -9.166  1.00 84.00  ? 12  G   B O6    1 
ATOM   590 N N1    . G   B 2 12 ? -6.955  -8.121  -9.114  1.00 90.50  ? 12  G   B N1    1 
ATOM   591 C C2    . G   B 2 12 ? -7.200  -9.363  -8.585  1.00 97.50  ? 12  G   B C2    1 
ATOM   592 N N2    . G   B 2 12 ? -6.640  -10.400 -9.229  1.00 99.07  ? 12  G   B N2    1 
ATOM   593 N N3    . G   B 2 12 ? -7.942  -9.568  -7.504  1.00 100.08 ? 12  G   B N3    1 
ATOM   594 C C4    . G   B 2 12 ? -8.416  -8.410  -6.990  1.00 87.37  ? 12  G   B C4    1 
ATOM   595 P P     . A   B 2 13 ? -7.170  -8.608  -1.105  1.00 76.46  ? 13  A   B P     1 
ATOM   596 O OP1   . A   B 2 13 ? -6.984  -9.111  0.287   1.00 80.79  ? 13  A   B OP1   1 
ATOM   597 O OP2   . A   B 2 13 ? -7.146  -7.156  -1.413  1.00 57.96  ? 13  A   B OP2   1 
ATOM   598 O "O5'" . A   B 2 13 ? -6.064  -9.240  -2.063  1.00 67.00  ? 13  A   B "O5'" 1 
ATOM   599 C "C5'" . A   B 2 13 ? -5.982  -10.643 -2.252  1.00 72.47  ? 13  A   B "C5'" 1 
ATOM   600 C "C4'" . A   B 2 13 ? -5.057  -10.987 -3.389  1.00 72.47  ? 13  A   B "C4'" 1 
ATOM   601 O "O4'" . A   B 2 13 ? -5.599  -10.574 -4.670  1.00 70.54  ? 13  A   B "O4'" 1 
ATOM   602 C "C3'" . A   B 2 13 ? -3.728  -10.293 -3.344  1.00 69.44  ? 13  A   B "C3'" 1 
ATOM   603 O "O3'" . A   B 2 13 ? -2.898  -10.854 -2.360  1.00 89.14  ? 13  A   B "O3'" 1 
ATOM   604 C "C2'" . A   B 2 13 ? -3.236  -10.448 -4.779  1.00 68.93  ? 13  A   B "C2'" 1 
ATOM   605 O "O2'" . A   B 2 13 ? -2.774  -11.768 -5.018  1.00 60.17  ? 13  A   B "O2'" 1 
ATOM   606 C "C1'" . A   B 2 13 ? -4.538  -10.271 -5.553  1.00 59.08  ? 13  A   B "C1'" 1 
ATOM   607 N N9    . A   B 2 13 ? -4.709  -8.900  -6.072  1.00 68.23  ? 13  A   B N9    1 
ATOM   608 C C8    . A   B 2 13 ? -5.522  -7.918  -5.577  1.00 74.86  ? 13  A   B C8    1 
ATOM   609 N N7    . A   B 2 13 ? -5.485  -6.799  -6.268  1.00 73.33  ? 13  A   B N7    1 
ATOM   610 C C5    . A   B 2 13 ? -4.598  -7.068  -7.293  1.00 65.05  ? 13  A   B C5    1 
ATOM   611 C C6    . A   B 2 13 ? -4.136  -6.271  -8.354  1.00 63.09  ? 13  A   B C6    1 
ATOM   612 N N6    . A   B 2 13 ? -4.525  -5.000  -8.524  1.00 55.31  ? 13  A   B N6    1 
ATOM   613 N N1    . A   B 2 13 ? -3.239  -6.820  -9.213  1.00 62.68  ? 13  A   B N1    1 
ATOM   614 C C2    . A   B 2 13 ? -2.861  -8.097  -9.007  1.00 63.40  ? 13  A   B C2    1 
ATOM   615 N N3    . A   B 2 13 ? -3.224  -8.939  -8.031  1.00 64.09  ? 13  A   B N3    1 
ATOM   616 C C4    . A   B 2 13 ? -4.109  -8.358  -7.192  1.00 67.54  ? 13  A   B C4    1 
ATOM   617 P P     . U   B 2 14 ? -1.552  -10.105 -1.956  1.00 71.57  ? 14  U   B P     1 
ATOM   618 O OP1   . U   B 2 14 ? -0.975  -10.900 -0.835  1.00 95.12  ? 14  U   B OP1   1 
ATOM   619 O OP2   . U   B 2 14 ? -1.812  -8.646  -1.840  1.00 63.78  ? 14  U   B OP2   1 
ATOM   620 O "O5'" . U   B 2 14 ? -0.651  -10.359 -3.232  1.00 67.80  ? 14  U   B "O5'" 1 
ATOM   621 C "C5'" . U   B 2 14 ? 0.702   -9.992  -3.280  1.00 74.03  ? 14  U   B "C5'" 1 
ATOM   622 C "C4'" . U   B 2 14 ? 1.209   -10.090 -4.686  1.00 77.98  ? 14  U   B "C4'" 1 
ATOM   623 O "O4'" . U   B 2 14 ? 0.134   -9.851  -5.638  1.00 74.00  ? 14  U   B "O4'" 1 
ATOM   624 C "C3'" . U   B 2 14 ? 2.240   -9.057  -5.055  1.00 76.45  ? 14  U   B "C3'" 1 
ATOM   625 O "O3'" . U   B 2 14 ? 3.508   -9.375  -4.555  1.00 99.20  ? 14  U   B "O3'" 1 
ATOM   626 C "C2'" . U   B 2 14 ? 2.169   -9.060  -6.557  1.00 75.70  ? 14  U   B "C2'" 1 
ATOM   627 O "O2'" . U   B 2 14 ? 2.816   -10.227 -7.039  1.00 84.62  ? 14  U   B "O2'" 1 
ATOM   628 C "C1'" . U   B 2 14 ? 0.656   -9.194  -6.770  1.00 74.30  ? 14  U   B "C1'" 1 
ATOM   629 N N1    . U   B 2 14 ? -0.011  -7.878  -6.878  1.00 74.28  ? 14  U   B N1    1 
ATOM   630 C C2    . U   B 2 14 ? 0.233   -7.074  -7.992  1.00 84.89  ? 14  U   B C2    1 
ATOM   631 O O2    . U   B 2 14 ? 0.988   -7.370  -8.910  1.00 90.56  ? 14  U   B O2    1 
ATOM   632 N N3    . U   B 2 14 ? -0.439  -5.877  -8.009  1.00 70.46  ? 14  U   B N3    1 
ATOM   633 C C4    . U   B 2 14 ? -1.310  -5.412  -7.054  1.00 70.02  ? 14  U   B C4    1 
ATOM   634 O O4    . U   B 2 14 ? -1.811  -4.306  -7.220  1.00 71.79  ? 14  U   B O4    1 
ATOM   635 C C5    . U   B 2 14 ? -1.521  -6.295  -5.945  1.00 74.44  ? 14  U   B C5    1 
ATOM   636 C C6    . U   B 2 14 ? -0.880  -7.475  -5.895  1.00 67.61  ? 14  U   B C6    1 
ATOM   637 P P     . G   B 2 15 ? 4.309   -8.267  -3.724  1.00 91.87  ? 15  G   B P     1 
ATOM   638 O OP1   . G   B 2 15 ? 5.354   -9.022  -2.989  1.00 100.17 ? 15  G   B OP1   1 
ATOM   639 O OP2   . G   B 2 15 ? 3.329   -7.378  -3.021  1.00 74.11  ? 15  G   B OP2   1 
ATOM   640 O "O5'" . G   B 2 15 ? 5.016   -7.418  -4.866  1.00 104.92 ? 15  G   B "O5'" 1 
ATOM   641 C "C5'" . G   B 2 15 ? 5.672   -8.077  -5.936  1.00 104.69 ? 15  G   B "C5'" 1 
ATOM   642 C "C4'" . G   B 2 15 ? 5.709   -7.210  -7.162  1.00 96.72  ? 15  G   B "C4'" 1 
ATOM   643 O "O4'" . G   B 2 15 ? 4.360   -7.004  -7.653  1.00 76.19  ? 15  G   B "O4'" 1 
ATOM   644 C "C3'" . G   B 2 15 ? 6.230   -5.801  -6.947  1.00 85.55  ? 15  G   B "C3'" 1 
ATOM   645 O "O3'" . G   B 2 15 ? 7.632   -5.738  -6.888  1.00 97.82  ? 15  G   B "O3'" 1 
ATOM   646 C "C2'" . G   B 2 15 ? 5.619   -5.051  -8.118  1.00 96.03  ? 15  G   B "C2'" 1 
ATOM   647 O "O2'" . G   B 2 15 ? 6.294   -5.367  -9.331  1.00 85.04  ? 15  G   B "O2'" 1 
ATOM   648 C "C1'" . G   B 2 15 ? 4.232   -5.687  -8.159  1.00 89.03  ? 15  G   B "C1'" 1 
ATOM   649 N N9    . G   B 2 15 ? 3.280   -4.960  -7.298  1.00 104.57 ? 15  G   B N9    1 
ATOM   650 C C8    . G   B 2 15 ? 2.745   -5.400  -6.109  1.00 115.45 ? 15  G   B C8    1 
ATOM   651 N N7    . G   B 2 15 ? 1.917   -4.550  -5.559  1.00 114.68 ? 15  G   B N7    1 
ATOM   652 C C5    . G   B 2 15 ? 1.906   -3.477  -6.435  1.00 104.87 ? 15  G   B C5    1 
ATOM   653 C C6    . G   B 2 15 ? 1.184   -2.256  -6.359  1.00 95.51  ? 15  G   B C6    1 
ATOM   654 O O6    . G   B 2 15 ? 0.393   -1.871  -5.468  1.00 78.67  ? 15  G   B O6    1 
ATOM   655 N N1    . G   B 2 15 ? 1.478   -1.462  -7.472  1.00 98.32  ? 15  G   B N1    1 
ATOM   656 C C2    . G   B 2 15 ? 2.341   -1.797  -8.495  1.00 101.11 ? 15  G   B C2    1 
ATOM   657 N N2    . G   B 2 15 ? 2.493   -0.899  -9.477  1.00 95.84  ? 15  G   B N2    1 
ATOM   658 N N3    . G   B 2 15 ? 3.013   -2.932  -8.569  1.00 103.40 ? 15  G   B N3    1 
ATOM   659 C C4    . G   B 2 15 ? 2.745   -3.716  -7.511  1.00 103.94 ? 15  G   B C4    1 
ATOM   660 P P     . G   B 2 16 ? 8.332   -4.732  -5.853  1.00 106.26 ? 16  G   B P     1 
ATOM   661 O OP1   . G   B 2 16 ? 9.713   -5.231  -5.623  1.00 106.91 ? 16  G   B OP1   1 
ATOM   662 O OP2   . G   B 2 16 ? 7.413   -4.504  -4.703  1.00 106.57 ? 16  G   B OP2   1 
ATOM   663 O "O5'" . G   B 2 16 ? 8.390   -3.363  -6.663  1.00 112.27 ? 16  G   B "O5'" 1 
ATOM   664 C "C5'" . G   B 2 16 ? 8.715   -3.354  -8.046  1.00 113.80 ? 16  G   B "C5'" 1 
ATOM   665 C "C4'" . G   B 2 16 ? 8.511   -1.985  -8.638  1.00 106.61 ? 16  G   B "C4'" 1 
ATOM   666 O "O4'" . G   B 2 16 ? 7.104   -1.779  -8.928  1.00 94.84  ? 16  G   B "O4'" 1 
ATOM   667 C "C3'" . G   B 2 16 ? 8.888   -0.825  -7.729  1.00 99.63  ? 16  G   B "C3'" 1 
ATOM   668 O "O3'" . G   B 2 16 ? 10.282  -0.554  -7.736  1.00 104.19 ? 16  G   B "O3'" 1 
ATOM   669 C "C2'" . G   B 2 16 ? 8.029   0.314   -8.261  1.00 94.97  ? 16  G   B "C2'" 1 
ATOM   670 O "O2'" . G   B 2 16 ? 8.625   0.889   -9.413  1.00 89.36  ? 16  G   B "O2'" 1 
ATOM   671 C "C1'" . G   B 2 16 ? 6.752   -0.435  -8.680  1.00 104.51 ? 16  G   B "C1'" 1 
ATOM   672 N N9    . G   B 2 16 ? 5.704   -0.404  -7.629  1.00 106.06 ? 16  G   B N9    1 
ATOM   673 C C8    . G   B 2 16 ? 5.619   -1.223  -6.519  1.00 94.36  ? 16  G   B C8    1 
ATOM   674 N N7    . G   B 2 16 ? 4.594   -0.964  -5.746  1.00 84.24  ? 16  G   B N7    1 
ATOM   675 C C5    . G   B 2 16 ? 3.954   0.094   -6.380  1.00 93.04  ? 16  G   B C5    1 
ATOM   676 C C6    . G   B 2 16 ? 2.782   0.812   -6.008  1.00 94.60  ? 16  G   B C6    1 
ATOM   677 O O6    . G   B 2 16 ? 2.050   0.641   -5.029  1.00 92.81  ? 16  G   B O6    1 
ATOM   678 N N1    . G   B 2 16 ? 2.469   1.811   -6.924  1.00 101.20 ? 16  G   B N1    1 
ATOM   679 C C2    . G   B 2 16 ? 3.197   2.097   -8.049  1.00 95.52  ? 16  G   B C2    1 
ATOM   680 N N2    . G   B 2 16 ? 2.738   3.121   -8.790  1.00 86.14  ? 16  G   B N2    1 
ATOM   681 N N3    . G   B 2 16 ? 4.293   1.439   -8.409  1.00 97.65  ? 16  G   B N3    1 
ATOM   682 C C4    . G   B 2 16 ? 4.618   0.453   -7.542  1.00 97.56  ? 16  G   B C4    1 
HETATM 683 N N     . ARG C 3 .  ? -0.666  -0.767  1.060   1.00 87.58  ? 101 ARG A N     1 
HETATM 684 C CA    . ARG C 3 .  ? 0.000   0.000   0.000   1.00 83.06  ? 101 ARG A CA    1 
HETATM 685 C C     . ARG C 3 .  ? 1.287   0.705   0.624   1.00 72.84  ? 101 ARG A C     1 
HETATM 686 O O     . ARG C 3 .  ? 2.374   0.076   0.659   1.00 76.87  ? 101 ARG A O     1 
HETATM 687 C CB    . ARG C 3 .  ? -0.967  1.056   -0.656  1.00 73.73  ? 101 ARG A CB    1 
HETATM 688 C CG    . ARG C 3 .  ? -2.418  0.611   -0.575  1.00 69.54  ? 101 ARG A CG    1 
HETATM 689 C CD    . ARG C 3 .  ? -2.701  -0.678  -1.415  1.00 85.37  ? 101 ARG A CD    1 
HETATM 690 N NE    . ARG C 3 .  ? -3.075  -0.316  -2.816  1.00 78.49  ? 101 ARG A NE    1 
HETATM 691 C CZ    . ARG C 3 .  ? -4.181  0.564   -3.118  1.00 76.39  ? 101 ARG A CZ    1 
HETATM 692 N NH1   . ARG C 3 .  ? -5.477  0.449   -2.535  1.00 90.95  ? 101 ARG A NH1   1 
HETATM 693 N NH2   . ARG C 3 .  ? -3.838  1.852   -3.625  1.00 72.57  ? 101 ARG A NH2   1 
HETATM 694 O OXT   . ARG C 3 .  ? 1.121   1.875   1.051   1.00 73.63  ? 101 ARG A OXT   1 
HETATM 695 O O     . HOH D 4 .  ? -6.512  4.599   -8.484  1.00 54.90  ? 201 HOH A O     1 
HETATM 696 O O     . HOH D 4 .  ? -24.965 -9.287  -16.390 1.00 75.57  ? 202 HOH A O     1 
HETATM 697 O O     . HOH D 4 .  ? -2.387  -2.487  2.974   1.00 82.95  ? 203 HOH A O     1 
HETATM 698 O O     . HOH D 4 .  ? -7.664  -3.341  -14.356 1.00 67.23  ? 204 HOH A O     1 
HETATM 699 O O     . HOH D 4 .  ? -10.716 -5.663  -17.234 1.00 90.61  ? 205 HOH A O     1 
HETATM 700 O O     . HOH D 4 .  ? -5.242  -0.674  -6.582  1.00 74.61  ? 206 HOH A O     1 
HETATM 701 O O     . HOH D 4 .  ? -16.831 -17.897 -17.249 0.33 60.57  ? 207 HOH A O     1 
HETATM 702 O O     . HOH E 4 .  ? -9.251  6.664   -11.759 1.00 77.65  ? 101 HOH B O     1 
HETATM 703 O O     . HOH E 4 .  ? -16.357 -6.076  -22.397 1.00 73.45  ? 102 HOH B O     1 
HETATM 704 O O     . HOH E 4 .  ? -24.649 -5.962  -24.850 1.00 76.27  ? 103 HOH B O     1 
# 
loop_
_atom_site_anisotrop.id 
_atom_site_anisotrop.type_symbol 
_atom_site_anisotrop.pdbx_label_atom_id 
_atom_site_anisotrop.pdbx_label_alt_id 
_atom_site_anisotrop.pdbx_label_comp_id 
_atom_site_anisotrop.pdbx_label_asym_id 
_atom_site_anisotrop.pdbx_label_seq_id 
_atom_site_anisotrop.pdbx_PDB_ins_code 
_atom_site_anisotrop.U[1][1] 
_atom_site_anisotrop.U[2][2] 
_atom_site_anisotrop.U[3][3] 
_atom_site_anisotrop.U[1][2] 
_atom_site_anisotrop.U[1][3] 
_atom_site_anisotrop.U[2][3] 
_atom_site_anisotrop.pdbx_auth_seq_id 
_atom_site_anisotrop.pdbx_auth_comp_id 
_atom_site_anisotrop.pdbx_auth_asym_id 
_atom_site_anisotrop.pdbx_auth_atom_id 
1   P P     . C A 1  ? 2.6774 1.9959 1.8260 -0.0279 -0.2236 -0.4996 1  C A P     
2   O OP1   . C A 1  ? 2.6811 1.9010 1.8039 -0.0105 -0.2249 -0.5289 1  C A OP1   
3   O OP2   . C A 1  ? 2.5237 1.9166 1.7107 0.0047  -0.1730 -0.4717 1  C A OP2   
4   O "O5'" . C A 1  ? 2.5079 1.8347 1.7165 -0.0971 -0.2754 -0.4715 1  C A "O5'" 
5   C "C5'" . C A 1  ? 2.2626 1.5183 1.5103 -0.1304 -0.3079 -0.4684 1  C A "C5'" 
6   C "C4'" . C A 1  ? 1.9792 1.2657 1.2913 -0.1947 -0.3545 -0.4265 1  C A "C4'" 
7   O "O4'" . C A 1  ? 1.7628 1.0847 1.0401 -0.2235 -0.3906 -0.4272 1  C A "O4'" 
8   C "C3'" . C A 1  ? 1.6679 1.0306 1.0487 -0.2070 -0.3376 -0.3776 1  C A "C3'" 
9   O "O3'" . C A 1  ? 1.6748 1.0126 1.1131 -0.1989 -0.3186 -0.3617 1  C A "O3'" 
10  C "C2'" . C A 1  ? 1.7748 1.1801 1.1957 -0.2696 -0.3884 -0.3360 1  C A "C2'" 
11  O "O2'" . C A 1  ? 1.9394 1.2994 1.4199 -0.3071 -0.4239 -0.3129 1  C A "O2'" 
12  C "C1'" . C A 1  ? 1.7048 1.0989 1.0494 -0.2706 -0.4131 -0.3715 1  C A "C1'" 
13  N N1    . C A 1  ? 1.7769 1.2598 1.0918 -0.2638 -0.4008 -0.3613 1  C A N1    
14  C C2    . C A 1  ? 1.8530 1.4082 1.2141 -0.3157 -0.4336 -0.3091 1  C A C2    
15  O O2    . C A 1  ? 1.8800 1.4228 1.3065 -0.3612 -0.4692 -0.2728 1  C A O2    
16  N N3    . C A 1  ? 1.8852 1.5297 1.2250 -0.3135 -0.4228 -0.2917 1  C A N3    
17  C C4    . C A 1  ? 1.7632 1.4235 1.0374 -0.2608 -0.3823 -0.3254 1  C A C4    
18  N N4    . C A 1  ? 1.5026 1.2582 0.7623 -0.2613 -0.3713 -0.3004 1  C A N4    
19  C C5    . C A 1  ? 1.7164 1.3069 0.9467 -0.2052 -0.3478 -0.3762 1  C A C5    
20  C C6    . C A 1  ? 1.7447 1.2491 0.9970 -0.2095 -0.3577 -0.3922 1  C A C6    
21  P P     . C A 2  ? 1.6825 1.0846 1.1609 -0.1744 -0.2717 -0.3343 2  C A P     
22  O OP1   . C A 2  ? 1.6308 0.9979 1.1574 -0.1557 -0.2497 -0.3280 2  C A OP1   
23  O OP2   . C A 2  ? 1.7645 1.2096 1.1852 -0.1319 -0.2347 -0.3559 2  C A OP2   
24  O "O5'" . C A 2  ? 1.5309 1.0316 1.0926 -0.2177 -0.2841 -0.2678 2  C A "O5'" 
25  C "C5'" . C A 2  ? 1.4904 0.9771 1.1104 -0.2673 -0.3291 -0.2314 2  C A "C5'" 
26  C "C4'" . C A 2  ? 1.4206 1.0147 1.1065 -0.2970 -0.3325 -0.1644 2  C A "C4'" 
27  O "O4'" . C A 2  ? 1.5131 1.1287 1.1539 -0.3272 -0.3679 -0.1684 2  C A "O4'" 
28  C "C3'" . C A 2  ? 1.1484 0.8375 0.8683 -0.2614 -0.2726 -0.1344 2  C A "C3'" 
29  O "O3'" . C A 2  ? 1.2248 0.9237 1.0035 -0.2397 -0.2417 -0.1105 2  C A "O3'" 
30  C "C2'" . C A 2  ? 1.2244 1.0003 0.9777 -0.2943 -0.2880 -0.0793 2  C A "C2'" 
31  O "O2'" . C A 2  ? 1.3907 1.1891 1.2215 -0.3259 -0.3113 -0.0189 2  C A "O2'" 
32  C "C1'" . C A 2  ? 1.3743 1.1062 1.0582 -0.3262 -0.3401 -0.1152 2  C A "C1'" 
33  N N1    . C A 2  ? 1.4026 1.1662 1.0202 -0.2989 -0.3161 -0.1464 2  C A N1    
34  C C2    . C A 2  ? 1.4084 1.2771 1.0528 -0.3058 -0.3010 -0.0994 2  C A C2    
35  O O2    . C A 2  ? 1.5206 1.4488 1.2370 -0.3328 -0.3080 -0.0342 2  C A O2    
36  N N3    . C A 2  ? 1.2855 1.1929 0.8788 -0.2810 -0.2784 -0.1201 2  C A N3    
37  C C4    . C A 2  ? 1.3589 1.2077 0.8757 -0.2464 -0.2686 -0.1829 2  C A C4    
38  N N4    . C A 2  ? 1.3092 1.2077 0.7829 -0.2184 -0.2442 -0.1945 2  C A N4    
39  C C5    . C A 2  ? 1.3699 1.1103 0.8526 -0.2344 -0.2804 -0.2314 2  C A C5    
40  C C6    . C A 2  ? 1.4307 1.1305 0.9663 -0.2628 -0.3042 -0.2125 2  C A C6    
41  P P     . A A 3  ? 1.2672 1.0052 1.0484 -0.1886 -0.1802 -0.1174 3  A A P     
42  O OP1   . A A 3  ? 0.9451 0.6648 0.7716 -0.1716 -0.1641 -0.1059 3  A A OP1   
43  O OP2   . A A 3  ? 1.5705 1.2823 1.2793 -0.1627 -0.1663 -0.1706 3  A A OP2   
44  O "O5'" . A A 3  ? 1.0816 0.9169 0.8987 -0.1921 -0.1609 -0.0652 3  A A "O5'" 
45  C "C5'" . A A 3  ? 1.0262 0.9045 0.9030 -0.2174 -0.1766 -0.0035 3  A A "C5'" 
46  C "C4'" . A A 3  ? 1.0001 0.9647 0.8955 -0.2159 -0.1561 0.0427  3  A A "C4'" 
47  O "O4'" . A A 3  ? 1.0983 1.0796 0.9605 -0.2439 -0.1832 0.0365  3  A A "O4'" 
48  C "C3'" . A A 3  ? 0.7959 0.7899 0.6798 -0.1752 -0.1057 0.0330  3  A A "C3'" 
49  O "O3'" . A A 3  ? 0.8700 0.8855 0.7919 -0.1511 -0.0774 0.0661  3  A A "O3'" 
50  C "C2'" . A A 3  ? 0.9896 1.0507 0.8696 -0.1847 -0.1000 0.0616  3  A A "C2'" 
51  O "O2'" . A A 3  ? 0.9232 1.0436 0.8507 -0.1851 -0.0878 0.1283  3  A A "O2'" 
52  C "C1'" . A A 3  ? 1.0399 1.0855 0.8931 -0.2248 -0.1487 0.0490  3  A A "C1'" 
53  N N9    . A A 3  ? 1.0639 1.0864 0.8527 -0.2141 -0.1476 -0.0066 3  A A N9    
54  C C8    . A A 3  ? 1.2175 1.1643 0.9564 -0.2010 -0.1556 -0.0677 3  A A C8    
55  N N7    . A A 3  ? 1.3671 1.3173 1.0497 -0.1855 -0.1489 -0.1020 3  A A N7    
56  C C5    . A A 3  ? 1.2706 1.3063 0.9724 -0.1918 -0.1362 -0.0612 3  A A C5    
57  C C6    . A A 3  ? 1.2379 1.3264 0.9081 -0.1798 -0.1226 -0.0646 3  A A C6    
58  N N6    . A A 3  ? 1.1361 1.1983 0.7418 -0.1551 -0.1194 -0.1131 3  A A N6    
59  N N1    . A A 3  ? 1.2613 1.4355 0.9695 -0.1889 -0.1088 -0.0111 3  A A N1    
60  C C2    . A A 3  ? 1.2664 1.4674 1.0340 -0.2054 -0.1077 0.0417  3  A A C2    
61  N N3    . A A 3  ? 1.2825 1.4428 1.0822 -0.2146 -0.1193 0.0519  3  A A N3    
62  C C4    . A A 3  ? 1.2268 1.3048 0.9930 -0.2089 -0.1344 -0.0025 3  A A C4    
63  P P     . U A 4  ? 0.8731 0.8837 0.7791 -0.1108 -0.0352 0.0392  4  U A P     
64  O OP1   . U A 4  ? 1.0679 1.0776 1.0012 -0.0875 -0.0179 0.0618  4  U A OP1   
65  O OP2   . U A 4  ? 0.9934 0.9597 0.8609 -0.1047 -0.0377 -0.0185 4  U A OP2   
66  O "O5'" . U A 4  ? 0.8004 0.8660 0.6995 -0.1052 -0.0129 0.0579  4  U A "O5'" 
67  C "C5'" . U A 4  ? 0.7260 0.8461 0.6518 -0.1042 -0.0005 0.1160  4  U A "C5'" 
68  C "C4'" . U A 4  ? 0.7829 0.9476 0.6984 -0.0995 0.0202  0.1246  4  U A "C4'" 
69  O "O4'" . U A 4  ? 0.9218 1.1000 0.8165 -0.1277 -0.0067 0.1096  4  U A "O4'" 
70  C "C3'" . U A 4  ? 0.8049 0.9525 0.7044 -0.0729 0.0483  0.0895  4  U A "C3'" 
71  O "O3'" . U A 4  ? 0.8469 0.9863 0.7574 -0.0448 0.0765  0.1045  4  U A "O3'" 
72  C "C2'" . U A 4  ? 0.9255 1.1206 0.8157 -0.0801 0.0540  0.0942  4  U A "C2'" 
73  O "O2'" . U A 4  ? 0.9255 1.1733 0.8375 -0.0738 0.0768  0.1459  4  U A "O2'" 
74  C "C1'" . U A 4  ? 0.9556 1.1542 0.8301 -0.1138 0.0142  0.0895  4  U A "C1'" 
75  N N1    . U A 4  ? 0.9205 1.0765 0.7541 -0.1145 -0.0024 0.0323  4  U A N1    
76  C C2    . U A 4  ? 0.9595 1.1466 0.7664 -0.1087 0.0043  0.0182  4  U A C2    
77  O O2    . U A 4  ? 1.0117 1.2613 0.8330 -0.1067 0.0218  0.0512  4  U A O2    
78  N N3    . U A 4  ? 1.1049 1.2501 0.8663 -0.1008 -0.0078 -0.0322 4  U A N3    
79  C C4    . U A 4  ? 1.0586 1.1314 0.8002 -0.0990 -0.0244 -0.0696 4  U A C4    
80  O O4    . U A 4  ? 1.1919 1.2299 0.8856 -0.0847 -0.0296 -0.1116 4  U A O4    
81  C C5    . U A 4  ? 1.0034 1.0508 0.7825 -0.1094 -0.0309 -0.0511 4  U A C5    
82  C C6    . U A 4  ? 0.9571 1.0479 0.7784 -0.1156 -0.0204 -0.0020 4  U A C6    
83  P P     . C A 5  ? 0.9353 1.0291 0.8364 -0.0234 0.0890  0.0628  5  C A P     
84  O OP1   . C A 5  ? 1.1287 1.2027 1.0316 0.0011  0.1059  0.0795  5  C A OP1   
85  O OP2   . C A 5  ? 0.9658 1.0239 0.8558 -0.0319 0.0679  0.0225  5  C A OP2   
86  O "O5'" . C A 5  ? 0.8748 0.9954 0.7770 -0.0183 0.1076  0.0583  5  C A "O5'" 
87  C "C5'" . C A 5  ? 0.8149 0.9804 0.7285 -0.0153 0.1269  0.0978  5  C A "C5'" 
88  C "C4'" . C A 5  ? 0.7768 0.9714 0.6984 -0.0115 0.1420  0.0928  5  C A "C4'" 
89  O "O4'" . C A 5  ? 0.8181 1.0551 0.7287 -0.0284 0.1286  0.0905  5  C A "O4'" 
90  C "C3'" . C A 5  ? 0.7280 0.8922 0.6523 -0.0019 0.1432  0.0570  5  C A "C3'" 
91  O "O3'" . C A 5  ? 0.8478 0.9788 0.7852 0.0127  0.1562  0.0593  5  C A "O3'" 
92  C "C2'" . C A 5  ? 0.7294 0.9448 0.6601 -0.0023 0.1511  0.0595  5  C A "C2'" 
93  O "O2'" . C A 5  ? 0.6357 0.8848 0.5942 0.0064  0.1763  0.0936  5  C A "O2'" 
94  C "C1'" . C A 5  ? 0.9022 1.1461 0.8087 -0.0202 0.1330  0.0641  5  C A "C1'" 
95  N N1    . C A 5  ? 0.9510 1.1609 0.8254 -0.0267 0.1079  0.0233  5  C A N1    
96  C C2    . C A 5  ? 0.9602 1.1917 0.8101 -0.0207 0.1054  0.0038  5  C A C2    
97  O O2    . C A 5  ? 1.0608 1.3489 0.9237 -0.0123 0.1237  0.0253  5  C A O2    
98  N N3    . C A 5  ? 0.9056 1.0960 0.7168 -0.0203 0.0852  -0.0352 5  C A N3    
99  C C4    . C A 5  ? 1.0849 1.2177 0.8911 -0.0288 0.0679  -0.0526 5  C A C4    
100 N N4    . C A 5  ? 1.0890 1.1752 0.8573 -0.0258 0.0505  -0.0901 5  C A N4    
101 C C5    . C A 5  ? 1.0356 1.1553 0.8737 -0.0362 0.0698  -0.0300 5  C A C5    
102 C C6    . C A 5  ? 0.9787 1.1357 0.8449 -0.0330 0.0898  0.0057  5  C A C6    
103 P P     . C A 6  ? 0.6922 0.7779 0.6331 0.0175  0.1463  0.0259  6  C A P     
104 O OP1   . C A 6  ? 0.8488 0.8943 0.7932 0.0288  0.1537  0.0331  6  C A OP1   
105 O OP2   . C A 6  ? 0.9409 1.0037 0.8632 0.0121  0.1266  0.0000  6  C A OP2   
106 O "O5'" . C A 6  ? 0.5849 0.7065 0.5484 0.0182  0.1524  0.0223  6  C A "O5'" 
107 C "C5'" . C A 6  ? 0.5618 0.7164 0.5560 0.0227  0.1712  0.0490  6  C A "C5'" 
108 C "C4'" . C A 6  ? 0.6328 0.8387 0.6462 0.0274  0.1773  0.0514  6  C A "C4'" 
109 O "O4'" . C A 6  ? 0.5759 0.8157 0.5566 0.0254  0.1732  0.0445  6  C A "O4'" 
110 C "C3'" . C A 6  ? 0.5322 0.7257 0.5560 0.0326  0.1682  0.0321  6  C A "C3'" 
111 O "O3'" . C A 6  ? 0.6849 0.8652 0.7522 0.0318  0.1685  0.0447  6  C A "O3'" 
112 C "C2'" . C A 6  ? 0.4984 0.7510 0.5175 0.0453  0.1777  0.0364  6  C A "C2'" 
113 O "O2'" . C A 6  ? 0.5685 0.8756 0.6353 0.0538  0.1965  0.0714  6  C A "O2'" 
114 C "C1'" . C A 6  ? 0.5207 0.7855 0.4976 0.0377  0.1739  0.0322  6  C A "C1'" 
115 N N1    . C A 6  ? 0.7334 0.9645 0.6620 0.0357  0.1547  -0.0030 6  C A N1    
116 C C2    . C A 6  ? 0.7929 1.0470 0.6965 0.0535  0.1572  -0.0162 6  C A C2    
117 O O2    . C A 6  ? 0.7799 1.0913 0.7067 0.0701  0.1760  0.0069  6  C A O2    
118 N N3    . C A 6  ? 0.9912 1.2041 0.8454 0.0557  0.1405  -0.0508 6  C A N3    
119 C C4    . C A 6  ? 1.0241 1.1825 0.8663 0.0374  0.1214  -0.0672 6  C A C4    
120 N N4    . C A 6  ? 1.0410 1.1548 0.8387 0.0395  0.1049  -0.0996 6  C A N4    
121 C C5    . C A 6  ? 1.0014 1.1473 0.8743 0.0205  0.1199  -0.0490 6  C A C5    
122 C C6    . C A 6  ? 0.8303 1.0090 0.7405 0.0219  0.1373  -0.0192 6  C A C6    
123 P P     . U A 7  ? 0.5774 0.7258 0.6558 0.0302  0.1511  0.0274  7  U A P     
124 O OP1   . U A 7  ? 0.7023 0.8338 0.8270 0.0215  0.1457  0.0462  7  U A OP1   
125 O OP2   . U A 7  ? 0.6366 0.7365 0.6699 0.0269  0.1370  -0.0026 7  U A OP2   
126 O "O5'" . U A 7  ? 0.4736 0.6750 0.5619 0.0461  0.1593  0.0321  7  U A "O5'" 
127 C "C5'" . U A 7  ? 0.4750 0.7347 0.6156 0.0550  0.1731  0.0674  7  U A "C5'" 
128 C "C4'" . U A 7  ? 0.6126 0.9235 0.7469 0.0809  0.1854  0.0725  7  U A "C4'" 
129 O "O4'" . U A 7  ? 0.4585 0.7739 0.5282 0.0919  0.1908  0.0489  7  U A "O4'" 
130 C "C3'" . U A 7  ? 0.5445 0.8380 0.6753 0.0897  0.1771  0.0609  7  U A "C3'" 
131 O "O3'" . U A 7  ? 0.6563 0.9697 0.8561 0.0841  0.1714  0.0936  7  U A "O3'" 
132 C "C2'" . U A 7  ? 0.4694 0.7997 0.5590 0.1234  0.1947  0.0556  7  U A "C2'" 
133 O "O2'" . U A 7  ? 0.6534 1.0610 0.7897 0.1447  0.2147  0.1000  7  U A "O2'" 
134 C "C1'" . U A 7  ? 0.4885 0.8061 0.5242 0.1162  0.1937  0.0326  7  U A "C1'" 
135 N N1    . U A 7  ? 0.6765 0.9275 0.6531 0.1058  0.1763  -0.0105 7  U A N1    
136 C C2    . U A 7  ? 0.7920 1.0241 0.7124 0.1271  0.1763  -0.0374 7  U A C2    
137 O O2    . U A 7  ? 0.7974 1.0653 0.7060 0.1602  0.1929  -0.0286 7  U A O2    
138 N N3    . U A 7  ? 0.7547 0.9224 0.6324 0.1116  0.1570  -0.0721 7  U A N3    
139 C C4    . U A 7  ? 0.7572 0.8904 0.6450 0.0817  0.1410  -0.0770 7  U A C4    
140 O O4    . U A 7  ? 0.9560 1.0401 0.8121 0.0714  0.1249  -0.1013 7  U A O4    
141 C C5    . U A 7  ? 0.7001 0.8564 0.6370 0.0677  0.1456  -0.0493 7  U A C5    
142 C C6    . U A 7  ? 0.5539 0.7618 0.5318 0.0781  0.1614  -0.0199 7  U A C6    
143 P P     . C A 8  ? 0.4562 0.7342 0.6623 0.0768  0.1524  0.0829  8  C A P     
144 O OP1   . C A 8  ? 0.5246 0.8367 0.8124 0.0659  0.1425  0.1275  8  C A OP1   
145 O OP2   . C A 8  ? 0.4547 0.6610 0.6055 0.0611  0.1377  0.0391  8  C A OP2   
146 O "O5'" . C A 8  ? 0.4793 0.7859 0.6555 0.1132  0.1705  0.0805  8  C A "O5'" 
147 C "C5'" . C A 8  ? 0.4651 0.8473 0.6721 0.1443  0.1936  0.1210  8  C A "C5'" 
148 C "C4'" . C A 8  ? 0.7138 1.0974 0.8602 0.1850  0.2123  0.1038  8  C A "C4'" 
149 O "O4'" . C A 8  ? 0.8447 1.1851 0.9095 0.1873  0.2122  0.0566  8  C A "O4'" 
150 C "C3'" . C A 8  ? 0.7180 1.0603 0.8509 0.1864  0.2037  0.0874  8  C A "C3'" 
151 O "O3'" . C A 8  ? 0.7745 1.1676 0.9739 0.1959  0.2075  0.1362  8  C A "O3'" 
152 C "C2'" . C A 8  ? 0.5715 0.8846 0.6181 0.2224  0.2198  0.0520  8  C A "C2'" 
153 O "O2'" . C A 8  ? 0.6163 0.9907 0.6631 0.2714  0.2490  0.0855  8  C A "O2'" 
154 C "C1'" . C A 8  ? 0.7128 1.0067 0.7153 0.2078  0.2139  0.0230  8  C A "C1'" 
155 N N1    . C A 8  ? 0.7553 0.9735 0.7182 0.1771  0.1909  -0.0219 8  C A N1    
156 C C2    . C A 8  ? 0.7959 0.9597 0.6897 0.1932  0.1895  -0.0597 8  C A C2    
157 O O2    . C A 8  ? 0.8141 0.9866 0.6737 0.2344  0.2083  -0.0593 8  C A O2    
158 N N3    . C A 8  ? 0.8437 0.9443 0.7095 0.1668  0.1684  -0.0932 8  C A N3    
159 C C4    . C A 8  ? 0.8980 0.9920 0.7945 0.1310  0.1524  -0.0897 8  C A C4    
160 N N4    . C A 8  ? 0.9085 0.9489 0.7784 0.1109  0.1342  -0.1154 8  C A N4    
161 C C5    . C A 8  ? 0.7001 0.8391 0.6549 0.1174  0.1548  -0.0570 8  C A C5    
162 C C6    . C A 8  ? 0.7272 0.9253 0.7167 0.1382  0.1723  -0.0244 8  C A C6    
163 P P     . U A 9  ? 0.6414 1.0040 0.8566 0.1817  0.1904  0.1328  9  U A P     
164 O OP1   . U A 9  ? 0.6896 1.1254 0.9942 0.1823  0.1895  0.1988  9  U A OP1   
165 O OP2   . U A 9  ? 0.5924 0.8852 0.7887 0.1404  0.1612  0.0918  9  U A OP2   
166 O "O5'" . U A 9  ? 0.5890 0.9192 0.7291 0.2231  0.2119  0.1031  9  U A "O5'" 
167 C "C5'" . U A 9  ? 0.5951 0.9705 0.7200 0.2785  0.2458  0.1302  9  U A "C5'" 
168 C "C4'" . U A 9  ? 0.7782 1.0900 0.8159 0.3114  0.2596  0.0867  9  U A "C4'" 
169 O "O4'" . U A 9  ? 0.9623 1.2080 0.9292 0.2954  0.2467  0.0286  9  U A "O4'" 
170 C "C3'" . U A 9  ? 0.7158 0.9835 0.7586 0.2978  0.2480  0.0738  9  U A "C3'" 
171 O "O3'" . U A 9  ? 0.7859 1.1058 0.8769 0.3229  0.2642  0.1247  9  U A "O3'" 
172 C "C2'" . U A 9  ? 0.8192 1.0009 0.7677 0.3143  0.2515  0.0149  9  U A "C2'" 
173 O "O2'" . U A 9  ? 0.8329 1.0118 0.7270 0.3757  0.2846  0.0182  9  U A "O2'" 
174 C "C1'" . U A 9  ? 0.9687 1.1350 0.8846 0.2928  0.2383  -0.0146 9  U A "C1'" 
175 N N1    . U A 9  ? 0.9428 1.0663 0.8684 0.2399  0.2064  -0.0425 9  U A N1    
176 C C2    . U A 9  ? 0.9856 1.0332 0.8607 0.2316  0.1942  -0.0855 9  U A C2    
177 O O2    . U A 9  ? 1.1647 1.1686 0.9864 0.2618  0.2053  -0.1064 9  U A O2    
178 N N3    . U A 9  ? 0.9123 0.9334 0.8014 0.1888  0.1686  -0.1008 9  U A N3    
179 C C4    . U A 9  ? 1.0451 1.0962 0.9808 0.1572  0.1552  -0.0837 9  U A C4    
180 O O4    . U A 9  ? 1.1622 1.1822 1.0968 0.1285  0.1362  -0.0987 9  U A O4    
181 C C5    . U A 9  ? 0.8704 0.9874 0.8536 0.1645  0.1661  -0.0452 9  U A C5    
182 C C6    . U A 9  ? 0.8244 0.9799 0.8070 0.2032  0.1902  -0.0231 9  U A C6    
183 P P     . A A 10 ? 0.7316 1.0460 0.8730 0.2910  0.2424  0.1361  10 A A P     
184 O OP1   . A A 10 ? 0.7999 1.1930 0.9994 0.3215  0.2629  0.2046  10 A A OP1   
185 O OP2   . A A 10 ? 0.7364 1.0339 0.9106 0.2312  0.2031  0.1206  10 A A OP2   
186 O "O5'" . A A 10 ? 0.8621 1.0916 0.9315 0.3045  0.2475  0.0844  10 A A "O5'" 
187 C "C5'" . A A 10 ? 0.8930 1.0999 0.9050 0.3622  0.2823  0.0797  10 A A "C5'" 
188 C "C4'" . A A 10 ? 0.9559 1.0690 0.9073 0.3611  0.2770  0.0262  10 A A "C4'" 
189 O "O4'" . A A 10 ? 0.9679 1.0231 0.8699 0.3333  0.2551  -0.0262 10 A A "O4'" 
190 C "C3'" . A A 10 ? 0.8799 0.9818 0.8738 0.3268  0.2562  0.0269  10 A A "C3'" 
191 O "O3'" . A A 10 ? 1.0199 1.1584 1.0484 0.3549  0.2771  0.0693  10 A A "O3'" 
192 C "C2'" . A A 10 ? 0.8717 0.8790 0.8035 0.3165  0.2442  -0.0314 10 A A "C2'" 
193 O "O2'" . A A 10 ? 1.0408 0.9959 0.9196 0.3632  0.2704  -0.0443 10 A A "O2'" 
194 C "C1'" . A A 10 ? 0.8504 0.8419 0.7410 0.3052  0.2342  -0.0601 10 A A "C1'" 
195 N N9    . A A 10 ? 0.7894 0.7896 0.7128 0.2524  0.2026  -0.0676 10 A A N9    
196 C C8    . A A 10 ? 0.8212 0.8792 0.7957 0.2275  0.1913  -0.0414 10 A A C8    
197 N N7    . A A 10 ? 0.7654 0.8047 0.7497 0.1872  0.1649  -0.0578 10 A A N7    
198 C C5    . A A 10 ? 0.7149 0.6914 0.6605 0.1850  0.1588  -0.0908 10 A A C5    
199 C C6    . A A 10 ? 0.8320 0.7711 0.7705 0.1557  0.1368  -0.1120 10 A A C6    
200 N N6    . A A 10 ? 0.7596 0.7136 0.7195 0.1266  0.1192  -0.1076 10 A A N6    
201 N N1    . A A 10 ? 1.0006 0.8853 0.9100 0.1605  0.1346  -0.1341 10 A A N1    
202 C C2    . A A 10 ? 0.9703 0.8269 0.8510 0.1929  0.1528  -0.1412 10 A A C2    
203 N N3    . A A 10 ? 1.0056 0.8871 0.8784 0.2283  0.1777  -0.1264 10 A A N3    
204 C C4    . A A 10 ? 0.8359 0.7841 0.7463 0.2217  0.1796  -0.0984 10 A A C4    
205 P P     . C A 11 ? 0.9427 1.1233 1.0455 0.3197  0.2550  0.1000  11 C A P     
206 O OP1   . C A 11 ? 1.1492 1.3788 1.2817 0.3609  0.2857  0.1523  11 C A OP1   
207 O OP2   . C A 11 ? 0.9483 1.1711 1.1027 0.2696  0.2200  0.1123  11 C A OP2   
208 O "O5'" . C A 11 ? 0.7981 0.9022 0.8687 0.3023  0.2407  0.0530  11 C A "O5'" 
209 C "C5'" . C A 11 ? 0.9194 0.9671 0.9470 0.3402  0.2660  0.0374  11 C A "C5'" 
210 C "C4'" . C A 11 ? 0.8570 0.8302 0.8576 0.3157  0.2458  -0.0084 11 C A "C4'" 
211 O "O4'" . C A 11 ? 0.9099 0.8466 0.8742 0.2890  0.2242  -0.0475 11 C A "O4'" 
212 C "C3'" . C A 11 ? 0.9230 0.9224 0.9737 0.2788  0.2200  0.0019  11 C A "C3'" 
213 O "O3'" . C A 11 ? 0.9378 0.9640 1.0231 0.2976  0.2352  0.0342  11 C A "O3'" 
214 C "C2'" . C A 11 ? 0.8747 0.8053 0.8915 0.2544  0.1989  -0.0432 11 C A "C2'" 
215 O "O2'" . C A 11 ? 0.9861 0.8512 0.9741 0.2777  0.2132  -0.0601 11 C A "O2'" 
216 C "C1'" . C A 11 ? 0.9907 0.9032 0.9663 0.2504  0.1956  -0.0670 11 C A "C1'" 
217 N N1    . C A 11 ? 0.9801 0.9333 0.9814 0.2140  0.1714  -0.0621 11 C A N1    
218 C C2    . C A 11 ? 1.0874 1.0131 1.0824 0.1820  0.1464  -0.0842 11 C A C2    
219 O O2    . C A 11 ? 1.1511 1.0272 1.1273 0.1827  0.1436  -0.1027 11 C A O2    
220 N N3    . C A 11 ? 1.2466 1.1986 1.2574 0.1538  0.1267  -0.0811 11 C A N3    
221 C C4    . C A 11 ? 1.1695 1.1708 1.2077 0.1509  0.1271  -0.0579 11 C A C4    
222 N N4    . C A 11 ? 1.1055 1.1194 1.1564 0.1231  0.1064  -0.0572 11 C A N4    
223 C C5    . C A 11 ? 1.0302 1.0695 1.0863 0.1788  0.1495  -0.0295 11 C A C5    
224 C C6    . C A 11 ? 0.9371 0.9528 0.9713 0.2124  0.1732  -0.0321 11 C A C6    
225 P P     . A A 12 ? 0.8795 0.9826 1.0306 0.2687  0.2127  0.0712  12 A A P     
226 O OP1   . A A 12 ? 1.0234 1.1667 1.2093 0.2987  0.2376  0.1145  12 A A OP1   
227 O OP2   . A A 12 ? 0.7090 0.8583 0.8819 0.2408  0.1905  0.0830  12 A A OP2   
228 O "O5'" . A A 12 ? 0.6992 0.7643 0.8416 0.2387  0.1853  0.0392  12 A A "O5'" 
229 C "C5'" . A A 12 ? 0.8848 0.8855 1.0015 0.2517  0.1951  0.0151  12 A A "C5'" 
230 C "C4'" . A A 12 ? 1.0084 0.9979 1.1296 0.2225  0.1672  -0.0006 12 A A "C4'" 
231 O "O4'" . A A 12 ? 1.0063 0.9569 1.0926 0.2003  0.1494  -0.0340 12 A A "O4'" 
232 C "C3'" . A A 12 ? 0.8415 0.8946 0.9957 0.2010  0.1436  0.0206  12 A A "C3'" 
233 O "O3'" . A A 12 ? 0.9546 1.0499 1.1457 0.2156  0.1528  0.0532  12 A A "O3'" 
234 C "C2'" . A A 12 ? 0.8854 0.9105 1.0182 0.1775  0.1185  -0.0056 12 A A "C2'" 
235 O "O2'" . A A 12 ? 0.9416 0.9501 1.0823 0.1869  0.1222  -0.0034 12 A A "O2'" 
236 C "C1'" . A A 12 ? 1.1048 1.0773 1.2003 0.1738  0.1225  -0.0351 12 A A "C1'" 
237 N N9    . A A 12 ? 1.0400 1.0280 1.1258 0.1551  0.1093  -0.0413 12 A A N9    
238 C C8    . A A 12 ? 1.0805 1.0943 1.1737 0.1605  0.1189  -0.0292 12 A A C8    
239 N N7    . A A 12 ? 1.1231 1.1456 1.2123 0.1394  0.1029  -0.0350 12 A A N7    
240 C C5    . A A 12 ? 1.1155 1.1115 1.1866 0.1217  0.0836  -0.0543 12 A A C5    
241 C C6    . A A 12 ? 1.0100 0.9956 1.0656 0.1004  0.0647  -0.0669 12 A A C6    
242 N N6    . A A 12 ? 0.8243 0.8236 0.8858 0.0884  0.0595  -0.0631 12 A A N6    
243 N N1    . A A 12 ? 1.0597 1.0218 1.0954 0.0958  0.0538  -0.0783 12 A A N1    
244 C C2    . A A 12 ? 1.0054 0.9607 1.0449 0.1086  0.0594  -0.0750 12 A A C2    
245 N N3    . A A 12 ? 1.0351 0.9963 1.0937 0.1253  0.0750  -0.0645 12 A A N3    
246 C C4    . A A 12 ? 1.0611 1.0403 1.1312 0.1320  0.0874  -0.0561 12 A A C4    
247 P P     . G A 13 ? 0.9184 1.0889 1.1439 0.1974  0.1281  0.0827  13 G A P     
248 O OP1   . G A 13 ? 1.0092 1.2264 1.2742 0.2206  0.1475  0.1224  13 G A OP1   
249 O OP2   . G A 13 ? 0.5907 0.7882 0.8219 0.1768  0.1109  0.0892  13 G A OP2   
250 O "O5'" . G A 13 ? 0.9153 1.0665 1.1188 0.1792  0.1003  0.0584  13 G A "O5'" 
251 C "C5'" . G A 13 ? 0.8175 0.9834 1.0078 0.1524  0.0652  0.0499  13 G A "C5'" 
252 C "C4'" . G A 13 ? 0.7843 0.9141 0.9382 0.1475  0.0503  0.0231  13 G A "C4'" 
253 O "O4'" . G A 13 ? 0.7256 0.8022 0.8517 0.1417  0.0565  -0.0041 13 G A "O4'" 
254 C "C3'" . G A 13 ? 0.7901 0.9297 0.9205 0.1280  0.0136  0.0145  13 G A "C3'" 
255 O "O3'" . G A 13 ? 1.0172 1.1993 1.1555 0.1353  0.0006  0.0323  13 G A "O3'" 
256 C "C2'" . G A 13 ? 0.7301 0.8179 0.8165 0.1260  0.0091  -0.0149 13 G A "C2'" 
257 O "O2'" . G A 13 ? 0.6670 0.7536 0.7460 0.1463  0.0169  -0.0108 13 G A "O2'" 
258 C "C1'" . G A 13 ? 0.7361 0.7940 0.8287 0.1257  0.0326  -0.0233 13 G A "C1'" 
259 N N9    . G A 13 ? 0.8867 0.9401 0.9772 0.1070  0.0246  -0.0301 13 G A N9    
260 C C8    . G A 13 ? 1.0272 1.1061 1.1480 0.1072  0.0363  -0.0130 13 G A C8    
261 N N7    . G A 13 ? 1.0188 1.0951 1.1389 0.0905  0.0272  -0.0166 13 G A N7    
262 C C5    . G A 13 ? 1.0574 1.0973 1.1414 0.0783  0.0091  -0.0409 13 G A C5    
263 C C6    . G A 13 ? 1.0466 1.0654 1.1162 0.0599  -0.0049 -0.0528 13 G A C6    
264 O O6    . G A 13 ? 0.9985 1.0321 1.0913 0.0485  -0.0058 -0.0421 13 G A O6    
265 N N1    . G A 13 ? 1.1059 1.0866 1.1329 0.0595  -0.0160 -0.0737 13 G A N1    
266 C C2    . G A 13 ? 1.1410 1.1133 1.1456 0.0761  -0.0140 -0.0783 13 G A C2    
267 N N2    . G A 13 ? 1.2466 1.1863 1.2088 0.0805  -0.0216 -0.0922 13 G A N2    
268 N N3    . G A 13 ? 1.0621 1.0591 1.0866 0.0912  -0.0027 -0.0650 13 G A N3    
269 C C4    . G A 13 ? 1.0014 1.0279 1.0642 0.0903  0.0082  -0.0487 13 G A C4    
270 P P     . G A 14 ? 0.8290 1.0569 0.9805 0.1136  -0.0330 0.0490  14 G A P     
271 O OP1   . G A 14 ? 0.9725 1.2506 1.1332 0.1280  -0.0393 0.0705  14 G A OP1   
272 O OP2   . G A 14 ? 0.6731 0.9227 0.8667 0.1015  -0.0243 0.0700  14 G A OP2   
273 O "O5'" . G A 14 ? 0.6887 0.8700 0.7860 0.0922  -0.0703 0.0151  14 G A "O5'" 
274 C "C5'" . G A 14 ? 0.7420 0.8975 0.7847 0.1066  -0.0826 -0.0060 14 G A "C5'" 
275 C "C4'" . G A 14 ? 0.8393 0.9314 0.8282 0.0947  -0.1020 -0.0396 14 G A "C4'" 
276 O "O4'" . G A 14 ? 0.8313 0.8940 0.8341 0.0897  -0.0770 -0.0468 14 G A "O4'" 
277 C "C3'" . G A 14 ? 0.8138 0.8918 0.7911 0.0618  -0.1456 -0.0485 14 G A "C3'" 
278 O "O3'" . G A 14 ? 1.1812 1.2628 1.1181 0.0613  -0.1837 -0.0555 14 G A "O3'" 
279 C "C2'" . G A 14 ? 0.9526 0.9647 0.8950 0.0552  -0.1448 -0.0760 14 G A "C2'" 
280 O "O2'" . G A 14 ? 1.2337 1.2020 1.1037 0.0787  -0.1505 -0.1002 14 G A "O2'" 
281 C "C1'" . G A 14 ? 0.9083 0.9290 0.8852 0.0679  -0.0990 -0.0668 14 G A "C1'" 
282 N N9    . G A 14 ? 0.8949 0.9301 0.9203 0.0472  -0.0917 -0.0537 14 G A N9    
283 C C8    . G A 14 ? 0.9091 0.9915 0.9898 0.0495  -0.0704 -0.0258 14 G A C8    
284 N N7    . G A 14 ? 0.7328 0.8219 0.8431 0.0350  -0.0666 -0.0157 14 G A N7    
285 C C5    . G A 14 ? 0.8378 0.8806 0.9163 0.0181  -0.0879 -0.0386 14 G A C5    
286 C C6    . G A 14 ? 1.0514 1.0828 1.1468 -0.0014 -0.0933 -0.0362 14 G A C6    
287 O O6    . G A 14 ? 1.0210 1.0878 1.1638 -0.0059 -0.0804 -0.0109 14 G A O6    
288 N N1    . G A 14 ? 1.1067 1.0806 1.1573 -0.0113 -0.1138 -0.0629 14 G A N1    
289 C C2    . G A 14 ? 1.1452 1.0774 1.1347 0.0008  -0.1261 -0.0888 14 G A C2    
290 N N2    . G A 14 ? 1.2157 1.0890 1.1623 -0.0050 -0.1416 -0.1107 14 G A N2    
291 N N3    . G A 14 ? 1.0695 1.0184 1.0417 0.0217  -0.1207 -0.0892 14 G A N3    
292 C C4    . G A 14 ? 0.9712 0.9759 0.9935 0.0267  -0.1024 -0.0635 14 G A C4    
293 P P     . C A 15 ? 1.0549 1.1552 1.0108 0.0203  -0.2357 -0.0452 15 C A P     
294 O OP1   . C A 15 ? 1.0712 1.1805 0.9755 0.0290  -0.2708 -0.0535 15 C A OP1   
295 O OP2   . C A 15 ? 0.8643 1.0312 0.9094 0.0038  -0.2202 -0.0021 15 C A OP2   
296 O "O5'" . C A 15 ? 0.9939 1.0164 0.9173 -0.0053 -0.2616 -0.0749 15 C A "O5'" 
297 C "C5'" . C A 15 ? 1.1146 1.0592 0.9474 0.0096  -0.2783 -0.1161 15 C A "C5'" 
298 C "C4'" . C A 15 ? 1.2502 1.1246 1.0690 -0.0141 -0.2937 -0.1364 15 C A "C4'" 
299 O "O4'" . C A 15 ? 1.0552 0.9415 0.9212 -0.0097 -0.2476 -0.1239 15 C A "O4'" 
300 C "C3'" . C A 15 ? 1.2607 1.1333 1.1203 -0.0653 -0.3435 -0.1250 15 C A "C3'" 
301 O "O3'" . C A 15 ? 1.2358 1.0569 1.0300 -0.0799 -0.4028 -0.1511 15 C A "O3'" 
302 C "C2'" . C A 15 ? 1.3711 1.2018 1.2510 -0.0782 -0.3290 -0.1290 15 C A "C2'" 
303 O "O2'" . C A 15 ? 1.4063 1.1391 1.2015 -0.0698 -0.3466 -0.1705 15 C A "O2'" 
304 C "C1'" . C A 15 ? 1.1000 0.9672 1.0028 -0.0445 -0.2640 -0.1184 15 C A "C1'" 
305 N N1    . C A 15 ? 1.0887 1.0317 1.0824 -0.0562 -0.2405 -0.0776 15 C A N1    
306 C C2    . C A 15 ? 1.0148 0.9608 1.0586 -0.0782 -0.2372 -0.0611 15 C A C2    
307 O O2    . C A 15 ? 1.0132 0.8967 1.0292 -0.0910 -0.2549 -0.0815 15 C A O2    
308 N N3    . C A 15 ? 0.9587 0.9752 1.0776 -0.0803 -0.2127 -0.0211 15 C A N3    
309 C C4    . C A 15 ? 1.0028 1.0781 1.1459 -0.0619 -0.1916 0.0004  15 C A C4    
310 N N4    . C A 15 ? 0.9597 1.0980 1.1676 -0.0567 -0.1644 0.0404  15 C A N4    
311 C C5    . C A 15 ? 1.0246 1.0972 1.1245 -0.0432 -0.1948 -0.0151 15 C A C5    
312 C C6    . C A 15 ? 1.1258 1.1364 1.1536 -0.0407 -0.2195 -0.0526 15 C A C6    
313 P P     . G A 16 ? 1.4878 1.3444 1.3308 -0.1326 -0.4654 -0.1261 16 G A P     
314 O OP1   . G A 16 ? 1.6604 1.4802 1.4145 -0.1283 -0.5157 -0.1568 16 G A OP1   
315 O OP2   . G A 16 ? 1.3190 1.2875 1.2691 -0.1394 -0.4349 -0.0694 16 G A OP2   
316 O "O5'" . G A 16 ? 1.5973 1.3912 1.4642 -0.1771 -0.5005 -0.1298 16 G A "O5'" 
317 C "C5'" . G A 16 ? 1.6199 1.3075 1.4168 -0.1652 -0.4989 -0.1725 16 G A "C5'" 
318 C "C4'" . G A 16 ? 1.4254 1.0967 1.2924 -0.2022 -0.5053 -0.1528 16 G A "C4'" 
319 O "O4'" . G A 16 ? 1.1230 0.8622 1.0595 -0.1833 -0.4392 -0.1217 16 G A "O4'" 
320 C "C3'" . G A 16 ? 1.4588 1.1726 1.4124 -0.2619 -0.5611 -0.1114 16 G A "C3'" 
321 O "O3'" . G A 16 ? 1.4629 1.0962 1.3660 -0.2898 -0.6212 -0.1359 16 G A "O3'" 
322 C "C2'" . G A 16 ? 1.3178 1.0704 1.3694 -0.2757 -0.5291 -0.0708 16 G A "C2'" 
323 O "O2'" . G A 16 ? 1.3644 1.0208 1.3934 -0.2923 -0.5499 -0.0941 16 G A "O2'" 
324 C "C1'" . G A 16 ? 1.2139 1.0045 1.2550 -0.2215 -0.4484 -0.0745 16 G A "C1'" 
325 N N9    . G A 16 ? 1.1816 1.0872 1.2975 -0.2109 -0.4128 -0.0273 16 G A N9    
326 C C8    . G A 16 ? 1.1564 1.1144 1.2609 -0.1915 -0.4043 -0.0213 16 G A C8    
327 N N7    . G A 16 ? 1.0005 1.0508 1.1789 -0.1812 -0.3673 0.0247  16 G A N7    
328 C C5    . G A 16 ? 0.8994 0.9625 1.1373 -0.1915 -0.3494 0.0500  16 G A C5    
329 C C6    . G A 16 ? 0.8497 0.9953 1.1682 -0.1801 -0.3076 0.1009  16 G A C6    
330 O O6    . G A 16 ? 0.9106 1.1283 1.2630 -0.1576 -0.2756 0.1329  16 G A O6    
331 N N1    . G A 16 ? 0.8511 0.9887 1.2085 -0.1916 -0.3011 0.1155  16 G A N1    
332 C C2    . G A 16 ? 0.9699 1.0286 1.2998 -0.2147 -0.3311 0.0869  16 G A C2    
333 N N2    . G A 16 ? 0.9380 1.0110 1.3223 -0.2216 -0.3168 0.1134  16 G A N2    
334 N N3    . G A 16 ? 1.1196 1.0916 1.3716 -0.2251 -0.3695 0.0376  16 G A N3    
335 C C4    . G A 16 ? 1.0953 1.0749 1.3015 -0.2115 -0.3770 0.0206  16 G A C4    
336 P P     . C B 1  ? 1.2826 2.5922 2.0134 -0.1175 0.0386  0.4488  1  C B P     
337 O OP1   . C B 1  ? 1.2006 2.6428 1.9637 -0.1086 0.0486  0.4893  1  C B OP1   
338 O OP2   . C B 1  ? 1.2260 2.4728 1.9212 -0.1191 0.0571  0.4321  1  C B OP2   
339 O "O5'" . C B 1  ? 1.2401 2.4883 1.9739 -0.1928 -0.0172 0.4629  1  C B "O5'" 
340 C "C5'" . C B 1  ? 1.0422 2.1718 1.7514 -0.1997 -0.0360 0.4299  1  C B "C5'" 
341 C "C4'" . C B 1  ? 0.8654 1.9193 1.5519 -0.2787 -0.0931 0.4524  1  C B "C4'" 
342 O "O4'" . C B 1  ? 0.7803 1.8543 1.4902 -0.2896 -0.1250 0.4662  1  C B "O4'" 
343 C "C3'" . C B 1  ? 0.7868 1.6996 1.4285 -0.2944 -0.1131 0.4237  1  C B "C3'" 
344 O "O3'" . C B 1  ? 0.6928 1.5566 1.2957 -0.3141 -0.1042 0.4207  1  C B "O3'" 
345 C "C2'" . C B 1  ? 0.7604 1.5994 1.3748 -0.3523 -0.1750 0.4446  1  C B "C2'" 
346 O "O2'" . C B 1  ? 0.8630 1.6734 1.4325 -0.4185 -0.2078 0.4806  1  C B "O2'" 
347 C "C1'" . C B 1  ? 0.8695 1.8160 1.5393 -0.3323 -0.1742 0.4609  1  C B "C1'" 
348 N N1    . C B 1  ? 0.9008 1.8189 1.5882 -0.2883 -0.1759 0.4294  1  C B N1    
349 C C2    . C B 1  ? 0.9279 1.7339 1.5812 -0.3238 -0.2305 0.4297  1  C B C2    
350 O O2    . C B 1  ? 0.9855 1.7093 1.5839 -0.3878 -0.2751 0.4546  1  C B O2    
351 N N3    . C B 1  ? 0.8684 1.6242 1.5178 -0.2776 -0.2312 0.3959  1  C B N3    
352 C C4    . C B 1  ? 0.6303 1.4483 1.3096 -0.2035 -0.1830 0.3655  1  C B C4    
353 N N4    . C B 1  ? 0.6677 1.4054 1.3165 -0.1589 -0.1843 0.3282  1  C B N4    
354 C C5    . C B 1  ? 0.5801 1.5322 1.3081 -0.1710 -0.1338 0.3730  1  C B C5    
355 C C6    . C B 1  ? 0.7111 1.6952 1.4321 -0.2119 -0.1293 0.4006  1  C B C6    
356 P P     . G B 2  ? 0.9661 1.7446 1.5390 -0.2685 -0.0745 0.3720  2  G B P     
357 O OP1   . G B 2  ? 0.7754 1.5405 1.3187 -0.2807 -0.0569 0.3740  2  G B OP1   
358 O OP2   . G B 2  ? 0.9756 1.8083 1.5842 -0.1955 -0.0381 0.3449  2  G B OP2   
359 O "O5'" . G B 2  ? 0.8210 1.4253 1.3164 -0.2848 -0.1164 0.3475  2  G B "O5'" 
360 C "C5'" . G B 2  ? 0.8267 1.3450 1.2623 -0.3510 -0.1655 0.3727  2  G B "C5'" 
361 C "C4'" . G B 2  ? 0.9075 1.2770 1.2735 -0.3523 -0.2049 0.3545  2  G B "C4'" 
362 O "O4'" . G B 2  ? 0.9258 1.3405 1.3355 -0.3567 -0.2256 0.3691  2  G B "O4'" 
363 C "C3'" . G B 2  ? 0.7879 1.0599 1.1142 -0.2870 -0.1782 0.2995  2  G B "C3'" 
364 O "O3'" . G B 2  ? 0.9150 1.1037 1.1784 -0.2779 -0.1699 0.2795  2  G B "O3'" 
365 C "C2'" . G B 2  ? 0.8808 1.0526 1.1641 -0.2893 -0.2163 0.2953  2  G B "C2'" 
366 O "O2'" . G B 2  ? 1.0385 1.0829 1.2276 -0.3343 -0.2679 0.3140  2  G B "O2'" 
367 C "C1'" . G B 2  ? 0.8987 1.1923 1.2594 -0.3160 -0.2309 0.3304  2  G B "C1'" 
368 N N9    . G B 2  ? 0.7926 1.1620 1.2154 -0.2577 -0.1932 0.3052  2  G B N9    
369 C C8    . G B 2  ? 0.6467 1.1573 1.1439 -0.2246 -0.1495 0.3049  2  G B C8    
370 N N7    . G B 2  ? 0.6729 1.1999 1.1903 -0.1734 -0.1306 0.2793  2  G B N7    
371 C C5    . G B 2  ? 0.8217 1.2171 1.2832 -0.1754 -0.1614 0.2621  2  G B C5    
372 C C6    . G B 2  ? 0.7977 1.1382 1.2438 -0.1344 -0.1597 0.2321  2  G B C6    
373 O O6    . G B 2  ? 0.7852 1.1779 1.2596 -0.0866 -0.1321 0.2122  2  G B O6    
374 N N1    . G B 2  ? 0.8016 0.9974 1.1775 -0.1492 -0.1953 0.2250  2  G B N1    
375 C C2    . G B 2  ? 1.0180 1.1253 1.3352 -0.1942 -0.2310 0.2442  2  G B C2    
376 N N2    . G B 2  ? 1.1223 1.0824 1.3601 -0.1935 -0.2628 0.2352  2  G B N2    
377 N N3    . G B 2  ? 0.9822 1.1325 1.3061 -0.2345 -0.2366 0.2712  2  G B N3    
378 C C4    . G B 2  ? 0.8510 1.1484 1.2524 -0.2242 -0.1994 0.2784  2  G B C4    
379 P P     . C B 3  ? 1.0331 1.2122 1.3024 -0.2109 -0.1202 0.2310  3  C B P     
380 O OP1   . C B 3  ? 0.9611 1.1057 1.1890 -0.2144 -0.1127 0.2249  3  C B OP1   
381 O OP2   . C B 3  ? 1.1157 1.4135 1.4651 -0.1779 -0.0824 0.2245  3  C B OP2   
382 O "O5'" . C B 3  ? 0.9940 1.0558 1.2115 -0.1803 -0.1316 0.2027  3  C B "O5'" 
383 C "C5'" . C B 3  ? 0.8722 0.8126 1.0071 -0.2048 -0.1777 0.2148  3  C B "C5'" 
384 C "C4'" . C B 3  ? 1.0100 0.8661 1.1122 -0.1684 -0.1806 0.1914  3  C B "C4'" 
385 O "O4'" . C B 3  ? 0.8426 0.7367 0.9865 -0.1796 -0.1953 0.2041  3  C B "O4'" 
386 C "C3'" . C B 3  ? 0.7742 0.6447 0.9013 -0.1122 -0.1338 0.1519  3  C B "C3'" 
387 O "O3'" . C B 3  ? 1.0166 0.8324 1.0965 -0.0887 -0.1215 0.1342  3  C B "O3'" 
388 C "C2'" . C B 3  ? 0.9183 0.7340 1.0311 -0.0918 -0.1416 0.1413  3  C B "C2'" 
389 O "O2'" . C B 3  ? 1.0966 0.7769 1.1143 -0.0855 -0.1697 0.1420  3  C B "O2'" 
390 C "C1'" . C B 3  ? 0.8038 0.6744 0.9549 -0.1310 -0.1708 0.1718  3  C B "C1'" 
391 N N1    . C B 3  ? 0.8307 0.8253 1.0689 -0.1144 -0.1397 0.1655  3  C B N1    
392 C C2    . C B 3  ? 1.0936 1.0786 1.3433 -0.0880 -0.1365 0.1501  3  C B C2    
393 O O2    . C B 3  ? 1.1965 1.0718 1.3886 -0.0810 -0.1575 0.1424  3  C B O2    
394 N N3    . C B 3  ? 0.9282 1.0142 1.2397 -0.0656 -0.1109 0.1435  3  C B N3    
395 C C4    . C B 3  ? 0.8037 0.9999 1.1656 -0.0665 -0.0875 0.1537  3  C B C4    
396 N N4    . C B 3  ? 0.6144 0.8991 1.0205 -0.0346 -0.0631 0.1475  3  C B N4    
397 C C5    . C B 3  ? 0.7538 0.9655 1.1113 -0.0955 -0.0884 0.1704  3  C B C5    
398 C C6    . C B 3  ? 0.7175 0.8270 1.0133 -0.1199 -0.1154 0.1749  3  C B C6    
399 P P     . C B 4  ? 0.9548 0.8328 1.0817 -0.0512 -0.0732 0.1043  4  C B P     
400 O OP1   . C B 4  ? 0.9250 0.7633 1.0066 -0.0403 -0.0714 0.0972  4  C B OP1   
401 O OP2   . C B 4  ? 1.0954 1.0864 1.2975 -0.0590 -0.0520 0.1086  4  C B OP2   
402 O "O5'" . C B 4  ? 0.8040 0.6494 0.9308 -0.0163 -0.0578 0.0818  4  C B "O5'" 
403 C "C5'" . C B 4  ? 0.7423 0.4835 0.8007 -0.0001 -0.0745 0.0796  4  C B "C5'" 
404 C "C4'" . C B 4  ? 0.8388 0.5656 0.9088 0.0250  -0.0586 0.0625  4  C B "C4'" 
405 O "O4'" . C B 4  ? 0.8533 0.5999 0.9496 0.0052  -0.0762 0.0734  4  C B "O4'" 
406 C "C3'" . C B 4  ? 0.7136 0.5054 0.8347 0.0455  -0.0182 0.0388  4  C B "C3'" 
407 O "O3'" . C B 4  ? 0.7492 0.5247 0.8517 0.0698  0.0016  0.0264  4  C B "O3'" 
408 C "C2'" . C B 4  ? 0.7723 0.5479 0.9000 0.0544  -0.0161 0.0299  4  C B "C2'" 
409 O "O2'" . C B 4  ? 0.9687 0.6561 1.0424 0.0765  -0.0178 0.0238  4  C B "O2'" 
410 C "C1'" . C B 4  ? 0.9196 0.7004 1.0527 0.0266  -0.0501 0.0529  4  C B "C1'" 
411 N N1    . C B 4  ? 0.8416 0.7273 1.0393 0.0151  -0.0410 0.0582  4  C B N1    
412 C C2    . C B 4  ? 0.7621 0.6753 0.9832 0.0335  -0.0283 0.0446  4  C B C2    
413 O O2    . C B 4  ? 0.9173 0.7628 1.1062 0.0522  -0.0260 0.0282  4  C B O2    
414 N N3    . C B 4  ? 0.8120 0.8190 1.0804 0.0352  -0.0181 0.0500  4  C B N3    
415 C C4    . C B 4  ? 0.6618 0.7417 0.9618 0.0161  -0.0176 0.0701  4  C B C4    
416 N N4    . C B 4  ? 0.5691 0.7453 0.9113 0.0265  -0.0033 0.0775  4  C B N4    
417 C C5    . C B 4  ? 0.6771 0.7277 0.9564 -0.0097 -0.0310 0.0835  4  C B C5    
418 C C6    . C B 4  ? 0.7488 0.7012 0.9748 -0.0077 -0.0434 0.0762  4  C B C6    
419 P P     . U B 5  ? 0.7886 0.6361 0.9382 0.0770  0.0344  0.0094  5  U B P     
420 O OP1   . U B 5  ? 1.1077 0.9390 1.2346 0.0986  0.0456  0.0057  5  U B OP1   
421 O OP2   . U B 5  ? 0.8306 0.7459 1.0194 0.0588  0.0361  0.0131  5  U B OP2   
422 O "O5'" . U B 5  ? 0.6951 0.5460 0.8609 0.0841  0.0505  -0.0057 5  U B "O5'" 
423 C "C5'" . U B 5  ? 0.6772 0.4684 0.8109 0.1006  0.0546  -0.0117 5  U B "C5'" 
424 C "C4'" . U B 5  ? 0.6893 0.4868 0.8344 0.1025  0.0694  -0.0279 5  U B "C4'" 
425 O "O4'" . U B 5  ? 0.7540 0.5439 0.9012 0.0984  0.0531  -0.0262 5  U B "O4'" 
426 C "C3'" . U B 5  ? 0.6435 0.4990 0.8174 0.0948  0.0856  -0.0381 5  U B "C3'" 
427 O "O3'" . U B 5  ? 0.7071 0.5740 0.8824 0.0943  0.1024  -0.0425 5  U B "O3'" 
428 C "C2'" . U B 5  ? 0.7140 0.5526 0.8765 0.0997  0.0867  -0.0506 5  U B "C2'" 
429 O "O2'" . U B 5  ? 0.7227 0.5091 0.8541 0.1060  0.0975  -0.0617 5  U B "O2'" 
430 C "C1'" . U B 5  ? 0.8885 0.7138 1.0517 0.1006  0.0648  -0.0392 5  U B "C1'" 
431 N N1    . U B 5  ? 0.8197 0.7121 1.0171 0.0923  0.0567  -0.0274 5  U B N1    
432 C C2    . U B 5  ? 0.7736 0.6993 0.9773 0.1042  0.0631  -0.0351 5  U B C2    
433 O O2    . U B 5  ? 0.7143 0.6052 0.8889 0.1190  0.0712  -0.0530 5  U B O2    
434 N N3    . U B 5  ? 0.8541 0.8522 1.0904 0.1009  0.0598  -0.0195 5  U B N3    
435 C C4    . U B 5  ? 1.0052 1.0414 1.2680 0.0798  0.0497  0.0023  5  U B C4    
436 O O4    . U B 5  ? 1.0676 1.1753 1.3593 0.0778  0.0509  0.0174  5  U B O4    
437 C C5    . U B 5  ? 0.9986 0.9825 1.2431 0.0654  0.0393  0.0063  5  U B C5    
438 C C6    . U B 5  ? 0.8901 0.8080 1.1034 0.0760  0.0439  -0.0082 5  U B C6    
439 P P     . G B 6  ? 0.7804 0.7019 0.9793 0.0812  0.1095  -0.0459 6  G B P     
440 O OP1   . G B 6  ? 0.9196 0.8560 1.1233 0.0772  0.1218  -0.0441 6  G B OP1   
441 O OP2   . G B 6  ? 0.9750 0.9305 1.1926 0.0781  0.0991  -0.0370 6  G B OP2   
442 O "O5'" . G B 6  ? 0.7459 0.6554 0.9278 0.0783  0.1116  -0.0594 6  G B "O5'" 
443 C "C5'" . G B 6  ? 0.7599 0.6241 0.9095 0.0774  0.1183  -0.0705 6  G B "C5'" 
444 C "C4'" . G B 6  ? 0.7366 0.5768 0.8518 0.0833  0.1148  -0.0837 6  G B "C4'" 
445 O "O4'" . G B 6  ? 0.7468 0.5898 0.8666 0.1023  0.1067  -0.0827 6  G B "O4'" 
446 C "C3'" . G B 6  ? 0.5858 0.4499 0.6944 0.0799  0.1123  -0.0848 6  G B "C3'" 
447 O "O3'" . G B 6  ? 0.8451 0.6925 0.9310 0.0578  0.1129  -0.0876 6  G B "O3'" 
448 C "C2'" . G B 6  ? 0.6539 0.4946 0.7239 0.1043  0.1085  -0.0946 6  G B "C2'" 
449 O "O2'" . G B 6  ? 0.9282 0.6988 0.9346 0.1040  0.1075  -0.1099 6  G B "O2'" 
450 C "C1'" . G B 6  ? 0.7920 0.6474 0.8926 0.1164  0.1051  -0.0882 6  G B "C1'" 
451 N N9    . G B 6  ? 1.0115 0.9324 1.1550 0.1213  0.1013  -0.0725 6  G B N9    
452 C C8    . G B 6  ? 1.0391 0.9933 1.2242 0.1059  0.0973  -0.0568 6  G B C8    
453 N N7    . G B 6  ? 1.1668 1.1754 1.3791 0.1080  0.0935  -0.0425 6  G B N7    
454 C C5    . G B 6  ? 1.1755 1.1971 1.3679 0.1321  0.0984  -0.0480 6  G B C5    
455 C C6    . G B 6  ? 1.2356 1.3230 1.4450 0.1491  0.1012  -0.0341 6  G B C6    
456 O O6    . G B 6  ? 1.2928 1.4409 1.5427 0.1375  0.0992  -0.0129 6  G B O6    
457 N N1    . G B 6  ? 1.1991 1.2767 1.3662 0.1845  0.1074  -0.0451 6  G B N1    
458 C C2    . G B 6  ? 1.2544 1.2531 1.3611 0.1956  0.1068  -0.0685 6  G B C2    
459 N N2    . G B 6  ? 1.2254 1.2114 1.2782 0.2360  0.1101  -0.0772 6  G B N2    
460 N N3    . G B 6  ? 1.1769 1.1141 1.2704 0.1710  0.1037  -0.0803 6  G B N3    
461 C C4    . G B 6  ? 1.0121 0.9715 1.1545 0.1426  0.1015  -0.0683 6  G B C4    
462 P P     . U B 7  ? 0.6509 0.5224 0.7361 0.0463  0.1061  -0.0834 7  U B P     
463 O OP1   . U B 7  ? 0.9067 0.7543 0.9673 0.0144  0.1018  -0.0827 7  U B OP1   
464 O OP2   . U B 7  ? 0.6358 0.5674 0.7760 0.0506  0.1074  -0.0719 7  U B OP2   
465 O "O5'" . U B 7  ? 0.6306 0.4690 0.6601 0.0702  0.1001  -0.0924 7  U B "O5'" 
466 C "C5'" . U B 7  ? 0.7678 0.5308 0.7175 0.0747  0.0938  -0.1057 7  U B "C5'" 
467 C "C4'" . U B 7  ? 0.7965 0.5383 0.6928 0.1148  0.0913  -0.1121 7  U B "C4'" 
468 O "O4'" . U B 7  ? 0.7626 0.5576 0.7052 0.1438  0.1006  -0.1078 7  U B "O4'" 
469 C "C3'" . U B 7  ? 0.7612 0.5200 0.6467 0.1241  0.0878  -0.1050 7  U B "C3'" 
470 O "O3'" . U B 7  ? 1.0105 0.7006 0.8242 0.1040  0.0711  -0.1084 7  U B "O3'" 
471 C "C2'" . U B 7  ? 0.7194 0.4911 0.5791 0.1759  0.0952  -0.1058 7  U B "C2'" 
472 O "O2'" . U B 7  ? 1.0214 0.7046 0.7750 0.2001  0.0865  -0.1206 7  U B "O2'" 
473 C "C1'" . U B 7  ? 0.8947 0.7199 0.8244 0.1780  0.1037  -0.1022 7  U B "C1'" 
474 N N1    . U B 7  ? 0.9470 0.8619 0.9630 0.1722  0.1109  -0.0838 7  U B N1    
475 C C2    . U B 7  ? 0.9354 0.9039 0.9586 0.2036  0.1184  -0.0720 7  U B C2    
476 O O2    . U B 7  ? 0.8825 0.8298 0.8434 0.2433  0.1212  -0.0767 7  U B O2    
477 N N3    . U B 7  ? 0.8501 0.8949 0.9470 0.1889  0.1223  -0.0529 7  U B N3    
478 C C4    . U B 7  ? 0.8864 0.9452 1.0363 0.1525  0.1171  -0.0470 7  U B C4    
479 O O4    . U B 7  ? 0.9583 1.0718 1.1548 0.1414  0.1172  -0.0295 7  U B O4    
480 C C5    . U B 7  ? 0.8125 0.8156 0.9488 0.1321  0.1117  -0.0606 7  U B C5    
481 C C6    . U B 7  ? 0.8089 0.7499 0.8861 0.1395  0.1100  -0.0769 7  U B C6    
482 P P     . A B 8  ? 0.8411 0.5490 0.6624 0.0935  0.0629  -0.0984 8  A B P     
483 O OP1   . A B 8  ? 0.9598 0.5789 0.6931 0.0656  0.0373  -0.1008 8  A B OP1   
484 O OP2   . A B 8  ? 0.7335 0.5342 0.6641 0.0768  0.0741  -0.0873 8  A B OP2   
485 O "O5'" . A B 8  ? 0.8690 0.5785 0.6517 0.1479  0.0707  -0.0975 8  A B "O5'" 
486 C "C5'" . A B 8  ? 1.0065 0.6262 0.6695 0.1835  0.0615  -0.1067 8  A B "C5'" 
487 C "C4'" . A B 8  ? 1.1558 0.8064 0.8002 0.2425  0.0764  -0.1002 8  A B "C4'" 
488 O "O4'" . A B 8  ? 1.1011 0.8498 0.8316 0.2614  0.0979  -0.0936 8  A B "O4'" 
489 C "C3'" . A B 8  ? 1.1679 0.8565 0.8408 0.2431  0.0801  -0.0872 8  A B "C3'" 
490 O "O3'" . A B 8  ? 1.2091 0.7971 0.7775 0.2434  0.0581  -0.0901 8  A B "O3'" 
491 C "C2'" . A B 8  ? 0.8794 0.6416 0.5733 0.2980  0.1052  -0.0759 8  A B "C2'" 
492 O "O2'" . A B 8  ? 1.1269 0.8186 0.7006 0.3572  0.1041  -0.0810 8  A B "O2'" 
493 C "C1'" . A B 8  ? 1.0234 0.8482 0.7923 0.2892  0.1143  -0.0769 8  A B "C1'" 
494 N N9    . A B 8  ? 0.9452 0.8609 0.8329 0.2513  0.1216  -0.0647 8  A B N9    
495 C C8    . A B 8  ? 1.0228 0.9438 0.9681 0.2026  0.1139  -0.0684 8  A B C8    
496 N N7    . A B 8  ? 0.9731 0.9688 1.0022 0.1845  0.1204  -0.0548 8  A B N7    
497 C C5    . A B 8  ? 0.9686 1.0174 1.0018 0.2165  0.1335  -0.0400 8  A B C5    
498 C C6    . A B 8  ? 0.9739 1.1056 1.0710 0.2107  0.1429  -0.0190 8  A B C6    
499 N N6    . A B 8  ? 0.9124 1.0715 1.0709 0.1718  0.1364  -0.0125 8  A B N6    
500 N N1    . A B 8  ? 0.9673 1.1478 1.0534 0.2471  0.1584  -0.0031 8  A B N1    
501 C C2    . A B 8  ? 1.0095 1.1505 1.0164 0.2958  0.1643  -0.0099 8  A B C2    
502 N N3    . A B 8  ? 0.9207 0.9665 0.8479 0.3082  0.1526  -0.0317 8  A B N3    
503 C C4    . A B 8  ? 0.8894 0.8963 0.8395 0.2618  0.1371  -0.0453 8  A B C4    
504 P P     . G B 9  ? 1.1286 0.7262 0.7173 0.2244  0.0505  -0.0804 9  G B P     
505 O OP1   . G B 9  ? 1.3763 0.8393 0.8304 0.2220  0.0184  -0.0854 9  G B OP1   
506 O OP2   . G B 9  ? 0.9882 0.6696 0.7000 0.1730  0.0529  -0.0754 9  G B OP2   
507 O "O5'" . G B 9  ? 1.1279 0.7899 0.7335 0.2795  0.0784  -0.0680 9  G B "O5'" 
508 C "C5'" . G B 9  ? 1.1985 0.8165 0.7024 0.3479  0.0874  -0.0663 9  G B "C5'" 
509 C "C4'" . G B 9  ? 1.1581 0.8790 0.7163 0.3884  0.1199  -0.0476 9  G B "C4'" 
510 O "O4'" . G B 9  ? 1.2536 1.0946 0.9286 0.3763  0.1393  -0.0401 9  G B "O4'" 
511 C "C3'" . G B 9  ? 1.0813 0.8354 0.6890 0.3649  0.1226  -0.0373 9  G B "C3'" 
512 O "O3'" . G B 9  ? 1.1353 0.7918 0.6309 0.3943  0.1112  -0.0372 9  G B "O3'" 
513 C "C2'" . G B 9  ? 0.9955 0.8845 0.6971 0.3818  0.1558  -0.0167 9  G B "C2'" 
514 O "O2'" . G B 9  ? 1.0452 0.9472 0.6828 0.4535  0.1785  -0.0027 9  G B "O2'" 
515 C "C1'" . G B 9  ? 1.1261 1.0674 0.8915 0.3645  0.1574  -0.0211 9  G B "C1'" 
516 N N9    . G B 9  ? 1.0275 1.0059 0.8905 0.2995  0.1473  -0.0244 9  G B N9    
517 C C8    . G B 9  ? 1.0591 0.9814 0.9209 0.2586  0.1256  -0.0413 9  G B C8    
518 N N7    . G B 9  ? 0.9787 0.9501 0.9272 0.2149  0.1231  -0.0390 9  G B N7    
519 C C5    . G B 9  ? 1.0057 1.0584 1.0092 0.2217  0.1398  -0.0208 9  G B C5    
520 C C6    . G B 9  ? 1.0647 1.1773 1.1480 0.1873  0.1403  -0.0107 9  G B C6    
521 O O6    . G B 9  ? 1.0300 1.1368 1.1500 0.1526  0.1284  -0.0172 9  G B O6    
522 N N1    . G B 9  ? 1.1031 1.2847 1.2136 0.1988  0.1560  0.0111  9  G B N1    
523 C C2    . G B 9  ? 1.1220 1.3278 1.1972 0.2431  0.1743  0.0235  9  G B C2    
524 N N2    . G B 9  ? 1.0944 1.3827 1.2114 0.2421  0.1897  0.0496  9  G B N2    
525 N N3    . G B 9  ? 1.1253 1.2754 1.1216 0.2862  0.1765  0.0133  9  G B N3    
526 C C4    . G B 9  ? 1.0193 1.0867 0.9791 0.2704  0.1563  -0.0097 9  G B C4    
527 P P     . A B 10 ? 1.1200 0.7489 0.6282 0.3571  0.0945  -0.0361 10 A B P     
528 O OP1   . A B 10 ? 1.2470 0.7497 0.6030 0.4054  0.0814  -0.0360 10 A B OP1   
529 O OP2   . A B 10 ? 1.0439 0.6781 0.6212 0.2850  0.0698  -0.0457 10 A B OP2   
530 O "O5'" . A B 10 ? 1.1495 0.9023 0.7595 0.3608  0.1270  -0.0186 10 A B "O5'" 
531 C "C5'" . A B 10 ? 1.1746 0.9708 0.7580 0.4217  0.1589  -0.0004 10 A B "C5'" 
532 C "C4'" . A B 10 ? 1.0380 0.9483 0.7229 0.4037  0.1827  0.0184  10 A B "C4'" 
533 O "O4'" . A B 10 ? 1.0297 1.0418 0.8255 0.3682  0.1895  0.0230  10 A B "O4'" 
534 C "C3'" . A B 10 ? 0.9104 0.7986 0.6240 0.3583  0.1667  0.0133  10 A B "C3'" 
535 O "O3'" . A B 10 ? 1.1114 0.9216 0.7345 0.3906  0.1649  0.0154  10 A B "O3'" 
536 C "C2'" . A B 10 ? 0.8190 0.8283 0.6413 0.3311  0.1871  0.0309  10 A B "C2'" 
537 O "O2'" . A B 10 ? 1.0327 1.0964 0.8414 0.3718  0.2189  0.0559  10 A B "O2'" 
538 C "C1'" . A B 10 ? 1.0251 1.0953 0.9025 0.3231  0.1909  0.0315  10 A B "C1'" 
539 N N9    . A B 10 ? 0.8496 0.9134 0.7847 0.2682  0.1679  0.0158  10 A B N9    
540 C C8    . A B 10 ? 0.7683 0.7682 0.6815 0.2516  0.1453  -0.0048 10 A B C8    
541 N N7    . A B 10 ? 0.6605 0.6808 0.6385 0.2061  0.1326  -0.0113 10 A B N7    
542 C C5    . A B 10 ? 0.7483 0.8363 0.7835 0.1926  0.1439  0.0040  10 A B C5    
543 C C6    . A B 10 ? 0.7846 0.9076 0.8826 0.1544  0.1364  0.0064  10 A B C6    
544 N N6    . A B 10 ? 0.7089 0.8137 0.8298 0.1293  0.1204  -0.0068 10 A B N6    
545 N N1    . A B 10 ? 0.8504 1.0217 0.9757 0.1450  0.1455  0.0245  10 A B N1    
546 C C2    . A B 10 ? 0.8643 1.0640 0.9684 0.1714  0.1654  0.0416  10 A B C2    
547 N N3    . A B 10 ? 0.8446 1.0266 0.8954 0.2159  0.1789  0.0425  10 A B N3    
548 C C4    . A B 10 ? 0.7811 0.8991 0.7943 0.2251  0.1650  0.0217  10 A B C4    
549 P P     . G B 11 ? 1.2488 0.9930 0.8622 0.3532  0.1371  0.0042  11 G B P     
550 O OP1   . G B 11 ? 1.5108 1.1699 1.0121 0.4036  0.1406  0.0099  11 G B OP1   
551 O OP2   . G B 11 ? 1.2647 0.9585 0.8864 0.3066  0.0993  -0.0152 11 G B OP2   
552 O "O5'" . G B 11 ? 0.9707 0.8158 0.6897 0.3179  0.1527  0.0145  11 G B "O5'" 
553 C "C5'" . G B 11 ? 0.9873 0.8901 0.7118 0.3437  0.1857  0.0371  11 G B "C5'" 
554 C "C4'" . G B 11 ? 0.8535 0.8364 0.6686 0.2971  0.1911  0.0461  11 G B "C4'" 
555 O "O4'" . G B 11 ? 0.9255 0.9888 0.8230 0.2686  0.1927  0.0501  11 G B "O4'" 
556 C "C3'" . G B 11 ? 0.9762 0.9116 0.8044 0.2553  0.1613  0.0277  11 G B "C3'" 
557 O "O3'" . G B 11 ? 1.0712 0.9460 0.8407 0.2691  0.1591  0.0269  11 G B "O3'" 
558 C "C2'" . G B 11 ? 1.0659 1.0837 0.9803 0.2131  0.1647  0.0365  11 G B "C2'" 
559 O "O2'" . G B 11 ? 1.1429 1.2121 1.0637 0.2150  0.1893  0.0613  11 G B "O2'" 
560 C "C1'" . G B 11 ? 0.9854 1.0583 0.9385 0.2174  0.1736  0.0419  11 G B "C1'" 
561 N N9    . G B 11 ? 0.9661 1.0022 0.9303 0.1997  0.1486  0.0195  11 G B N9    
562 C C8    . G B 11 ? 1.0781 1.0600 0.9930 0.2217  0.1405  0.0078  11 G B C8    
563 N N7    . G B 11 ? 1.0390 1.0014 0.9744 0.1952  0.1193  -0.0075 11 G B N7    
564 C C5    . G B 11 ? 0.9600 0.9675 0.9616 0.1608  0.1147  -0.0067 11 G B C5    
565 C C6    . G B 11 ? 1.0816 1.0956 1.1261 0.1300  0.0973  -0.0175 11 G B C6    
566 O O6    . G B 11 ? 1.1546 1.1446 1.1947 0.1217  0.0844  -0.0279 11 G B O6    
567 N N1    . G B 11 ? 1.1097 1.1579 1.1954 0.1098  0.0959  -0.0129 11 G B N1    
568 C C2    . G B 11 ? 1.0293 1.0980 1.1129 0.1102  0.1068  0.0010  11 G B C2    
569 N N2    . G B 11 ? 0.7380 0.8184 0.8445 0.0876  0.0975  0.0030  11 G B N2    
570 N N3    . G B 11 ? 0.9533 1.0270 1.0063 0.1327  0.1253  0.0137  11 G B N3    
571 C C4    . G B 11 ? 0.9319 0.9763 0.9458 0.1614  0.1296  0.0088  11 G B C4    
572 P P     . G B 12 ? 1.0688 0.8547 0.8089 0.2490  0.1196  0.0027  12 G B P     
573 O OP1   . G B 12 ? 1.2751 0.9866 0.9328 0.2784  0.1215  0.0047  12 G B OP1   
574 O OP2   . G B 12 ? 1.1998 0.9506 0.9312 0.2423  0.0956  -0.0111 12 G B OP2   
575 O "O5'" . G B 12 ? 0.9552 0.7914 0.7726 0.2021  0.1080  -0.0030 12 G B "O5'" 
576 C "C5'" . G B 12 ? 1.0659 0.9423 0.9033 0.1899  0.1240  0.0103  12 G B "C5'" 
577 C "C4'" . G B 12 ? 1.1175 1.0093 1.0001 0.1523  0.1031  0.0002  12 G B "C4'" 
578 O "O4'" . G B 12 ? 0.9091 0.8639 0.8549 0.1326  0.1055  0.0048  12 G B "O4'" 
579 C "C3'" . G B 12 ? 0.9871 0.8293 0.8623 0.1452  0.0688  -0.0234 12 G B "C3'" 
580 O "O3'" . G B 12 ? 1.1745 0.9522 0.9954 0.1546  0.0558  -0.0319 12 G B "O3'" 
581 C "C2'" . G B 12 ? 0.8961 0.7826 0.8266 0.1186  0.0587  -0.0269 12 G B "C2'" 
582 O "O2'" . G B 12 ? 0.8312 0.7103 0.7453 0.1078  0.0583  -0.0226 12 G B "O2'" 
583 C "C1'" . G B 12 ? 1.1060 1.0520 1.0777 0.1135  0.0798  -0.0120 12 G B "C1'" 
584 N N9    . G B 12 ? 1.0493 1.0021 1.0440 0.1152  0.0726  -0.0206 12 G B N9    
585 C C8    . G B 12 ? 0.9892 0.9201 0.9565 0.1339  0.0775  -0.0210 12 G B C8    
586 N N7    . G B 12 ? 0.9872 0.9220 0.9760 0.1240  0.0661  -0.0289 12 G B N7    
587 C C5    . G B 12 ? 1.0437 1.0135 1.0828 0.1017  0.0566  -0.0329 12 G B C5    
588 C C6    . G B 12 ? 1.0660 1.0603 1.1458 0.0859  0.0463  -0.0386 12 G B C6    
589 O O6    . G B 12 ? 1.0398 1.0293 1.1225 0.0809  0.0419  -0.0418 12 G B O6    
590 N N1    . G B 12 ? 1.1028 1.1233 1.2125 0.0771  0.0408  -0.0395 12 G B N1    
591 C C2    . G B 12 ? 1.1995 1.2121 1.2930 0.0790  0.0406  -0.0366 12 G B C2    
592 N N2    . G B 12 ? 1.2116 1.2352 1.3173 0.0756  0.0312  -0.0385 12 G B N2    
593 N N3    . G B 12 ? 1.2518 1.2413 1.3093 0.0858  0.0490  -0.0309 12 G B N3    
594 C C4    . G B 12 ? 1.1028 1.0775 1.1395 0.0986  0.0587  -0.0288 12 G B C4    
595 P P     . A B 13 ? 1.1321 0.8478 0.9250 0.1583  0.0200  -0.0506 13 A B P     
596 O OP1   . A B 13 ? 1.2320 0.8777 0.9597 0.1730  0.0123  -0.0559 13 A B OP1   
597 O OP2   . A B 13 ? 0.9065 0.6070 0.6886 0.1648  0.0155  -0.0495 13 A B OP2   
598 O "O5'" . A B 13 ? 0.9771 0.7376 0.8310 0.1342  -0.0024 -0.0614 13 A B "O5'" 
599 C "C5'" . A B 13 ? 1.0364 0.8152 0.9019 0.1270  -0.0027 -0.0635 13 A B "C5'" 
600 C "C4'" . A B 13 ? 1.0022 0.8302 0.9214 0.1157  -0.0179 -0.0698 13 A B "C4'" 
601 O "O4'" . A B 13 ? 0.9436 0.8252 0.9115 0.1049  -0.0012 -0.0601 13 A B "O4'" 
602 C "C3'" . A B 13 ? 0.9561 0.7887 0.8936 0.1138  -0.0457 -0.0789 13 A B "C3'" 
603 O "O3'" . A B 13 ? 1.2296 1.0242 1.1333 0.1238  -0.0698 -0.0902 13 A B "O3'" 
604 C "C2'" . A B 13 ? 0.9050 0.8084 0.9054 0.1045  -0.0450 -0.0765 13 A B "C2'" 
605 O "O2'" . A B 13 ? 0.7912 0.7060 0.7889 0.1152  -0.0519 -0.0815 13 A B "O2'" 
606 C "C1'" . A B 13 ? 0.7706 0.6907 0.7835 0.0985  -0.0161 -0.0653 13 A B "C1'" 
607 N N9    . A B 13 ? 0.8748 0.8089 0.9086 0.0901  -0.0104 -0.0608 13 A B N9    
608 C C8    . A B 13 ? 0.9814 0.8817 0.9815 0.0962  0.0002  -0.0562 13 A B C8    
609 N N7    . A B 13 ? 0.9548 0.8636 0.9678 0.0884  0.0000  -0.0544 13 A B N7    
610 C C5    . A B 13 ? 0.8150 0.7744 0.8822 0.0727  -0.0088 -0.0560 13 A B C5    
611 C C6    . A B 13 ? 0.7690 0.7583 0.8698 0.0563  -0.0119 -0.0538 13 A B C6    
612 N N6    . A B 13 ? 0.6890 0.6485 0.7642 0.0511  -0.0107 -0.0519 13 A B N6    
613 N N1    . A B 13 ? 0.7283 0.7739 0.8796 0.0487  -0.0165 -0.0528 13 A B N1    
614 C C2    . A B 13 ? 0.7296 0.7917 0.8878 0.0618  -0.0198 -0.0556 13 A B C2    
615 N N3    . A B 13 ? 0.7626 0.7889 0.8837 0.0755  -0.0212 -0.0602 13 A B N3    
616 C C4    . A B 13 ? 0.8360 0.8142 0.9162 0.0776  -0.0144 -0.0595 13 A B C4    
617 P P     . U B 14 ? 1.0039 0.7974 0.9179 0.1182  -0.1057 -0.0957 14 U B P     
618 O OP1   . U B 14 ? 1.3334 1.0789 1.2018 0.1342  -0.1276 -0.1080 14 U B OP1   
619 O OP2   . U B 14 ? 0.9189 0.6845 0.8197 0.1059  -0.1080 -0.0884 14 U B OP2   
620 O "O5'" . U B 14 ? 0.9008 0.7867 0.8885 0.1109  -0.1110 -0.0929 14 U B "O5'" 
621 C "C5'" . U B 14 ? 0.9519 0.8836 0.9774 0.1021  -0.1407 -0.0914 14 U B "C5'" 
622 C "C4'" . U B 14 ? 0.9470 0.9737 1.0422 0.0979  -0.1314 -0.0826 14 U B "C4'" 
623 O "O4'" . U B 14 ? 0.8925 0.9218 0.9972 0.0915  -0.0999 -0.0771 14 U B "O4'" 
624 C "C3'" . U B 14 ? 0.8894 0.9776 1.0377 0.0704  -0.1519 -0.0700 14 U B "C3'" 
625 O "O3'" . U B 14 ? 1.1564 1.2877 1.3251 0.0753  -0.1829 -0.0690 14 U B "O3'" 
626 C "C2'" . U B 14 ? 0.8383 0.9984 1.0396 0.0682  -0.1269 -0.0605 14 U B "C2'" 
627 O "O2'" . U B 14 ? 0.9241 1.1434 1.1477 0.0993  -0.1236 -0.0614 14 U B "O2'" 
628 C "C1'" . U B 14 ? 0.8535 0.9528 1.0169 0.0749  -0.0971 -0.0661 14 U B "C1'" 
629 N N1    . U B 14 ? 0.8680 0.9339 1.0205 0.0507  -0.0911 -0.0610 14 U B N1    
630 C C2    . U B 14 ? 0.9726 1.0856 1.1671 0.0296  -0.0856 -0.0509 14 U B C2    
631 O O2    . U B 14 ? 1.0014 1.1909 1.2487 0.0293  -0.0824 -0.0435 14 U B O2    
632 N N3    . U B 14 ? 0.8164 0.8801 0.9806 0.0124  -0.0829 -0.0487 14 U B N3    
633 C C4    . U B 14 ? 0.8614 0.8406 0.9586 0.0205  -0.0833 -0.0540 14 U B C4    
634 O O4    . U B 14 ? 0.9086 0.8463 0.9729 0.0111  -0.0818 -0.0513 14 U B O4    
635 C C5    . U B 14 ? 0.9402 0.8839 1.0042 0.0431  -0.0853 -0.0620 14 U B C5    
636 C C6    . U B 14 ? 0.8311 0.8153 0.9226 0.0542  -0.0900 -0.0659 14 U B C6    
637 P P     . G B 15 ? 1.0686 1.1861 1.2359 0.0401  -0.2251 -0.0602 15 G B P     
638 O OP1   . G B 15 ? 1.1615 1.3089 1.3357 0.0589  -0.2547 -0.0645 15 G B OP1   
639 O OP2   . G B 15 ? 0.9068 0.9075 1.0015 0.0264  -0.2257 -0.0645 15 G B OP2   
640 O "O5'" . G B 15 ? 1.1751 1.3932 1.4180 0.0044  -0.2272 -0.0376 15 G B "O5'" 
641 C "C5'" . G B 15 ? 1.1091 1.4461 1.4223 0.0216  -0.2106 -0.0284 15 G B "C5'" 
642 C "C4'" . G B 15 ? 0.9729 1.3679 1.3341 -0.0099 -0.1947 -0.0103 15 G B "C4'" 
643 O "O4'" . G B 15 ? 0.7504 1.0717 1.0728 -0.0057 -0.1629 -0.0207 15 G B "O4'" 
644 C "C3'" . G B 15 ? 0.8295 1.2230 1.1983 -0.0693 -0.2276 0.0082  15 G B "C3'" 
645 O "O3'" . G B 15 ? 0.9265 1.4304 1.3598 -0.0901 -0.2573 0.0302  15 G B "O3'" 
646 C "C2'" . G B 15 ? 0.9603 1.3520 1.3363 -0.0898 -0.2002 0.0148  15 G B "C2'" 
647 O "O2'" . G B 15 ? 0.7539 1.2707 1.2067 -0.0849 -0.1795 0.0313  15 G B "O2'" 
648 C "C1'" . G B 15 ? 0.9151 1.2263 1.2412 -0.0487 -0.1656 -0.0086 15 G B "C1'" 
649 N N9    . G B 15 ? 1.1807 1.3666 1.4259 -0.0576 -0.1742 -0.0194 15 G B N9    
650 C C8    . G B 15 ? 1.3660 1.4696 1.5509 -0.0332 -0.1801 -0.0347 15 G B C8    
651 N N7    . G B 15 ? 1.4142 1.4161 1.5270 -0.0390 -0.1833 -0.0388 15 G B N7    
652 C C5    . G B 15 ? 1.2847 1.2947 1.4053 -0.0702 -0.1827 -0.0278 15 G B C5    
653 C C6    . G B 15 ? 1.2217 1.1382 1.2690 -0.0825 -0.1868 -0.0274 15 G B C6    
654 O O6    . G B 15 ? 1.0722 0.8838 1.0331 -0.0632 -0.1898 -0.0352 15 G B O6    
655 N N1    . G B 15 ? 1.2361 1.1892 1.3106 -0.1163 -0.1864 -0.0155 15 G B N1    
656 C C2    . G B 15 ? 1.2021 1.2725 1.3671 -0.1350 -0.1795 -0.0032 15 G B C2    
657 N N2    . G B 15 ? 1.1279 1.2127 1.3010 -0.1688 -0.1785 0.0084  15 G B N2    
658 N N3    . G B 15 ? 1.1768 1.3409 1.4112 -0.1174 -0.1731 -0.0016 15 G B N3    
659 C C4    . G B 15 ? 1.2070 1.3307 1.4117 -0.0855 -0.1767 -0.0155 15 G B C4    
660 P P     . G B 16 ? 1.0514 1.5212 1.4647 -0.1454 -0.3155 0.0448  16 G B P     
661 O OP1   . G B 16 ? 0.9918 1.5918 1.4782 -0.1447 -0.3426 0.0627  16 G B OP1   
662 O OP2   . G B 16 ? 1.1451 1.4498 1.4542 -0.1373 -0.3287 0.0222  16 G B OP2   
663 O "O5'" . G B 16 ? 1.1221 1.5991 1.5447 -0.2087 -0.3211 0.0680  16 G B "O5'" 
664 C "C5'" . G B 16 ? 1.0768 1.6724 1.5746 -0.2151 -0.2899 0.0860  16 G B "C5'" 
665 C "C4'" . G B 16 ? 1.0082 1.5617 1.4808 -0.2754 -0.2973 0.1013  16 G B "C4'" 
666 O "O4'" . G B 16 ? 0.9232 1.3565 1.3239 -0.2513 -0.2657 0.0762  16 G B "O4'" 
667 C "C3'" . G B 16 ? 0.9668 1.4381 1.3806 -0.3404 -0.3577 0.1157  16 G B "C3'" 
668 O "O3'" . G B 16 ? 0.9583 1.5547 1.4459 -0.3935 -0.3952 0.1526  16 G B "O3'" 
669 C "C2'" . G B 16 ? 0.9708 1.3298 1.3079 -0.3692 -0.3507 0.1124  16 G B "C2'" 
670 O "O2'" . G B 16 ? 0.8492 1.3030 1.2431 -0.4168 -0.3445 0.1406  16 G B "O2'" 
671 C "C1'" . G B 16 ? 1.1112 1.4291 1.4306 -0.2992 -0.2937 0.0801  16 G B "C1'" 
672 N N9    . G B 16 ? 1.2150 1.3821 1.4329 -0.2671 -0.2985 0.0538  16 G B N9    
673 C C8    . G B 16 ? 1.0833 1.2193 1.2825 -0.2296 -0.3062 0.0383  16 G B C8    
674 N N7    . G B 16 ? 1.0338 1.0324 1.1347 -0.2054 -0.3054 0.0199  16 G B N7    
675 C C5    . G B 16 ? 1.1836 1.1185 1.2330 -0.2241 -0.2978 0.0221  16 G B C5    
676 C C6    . G B 16 ? 1.2877 1.0817 1.2249 -0.2035 -0.2923 0.0089  16 G B C6    
677 O O6    . G B 16 ? 1.3196 1.0222 1.1845 -0.1645 -0.2896 -0.0055 16 G B O6    
678 N N1    . G B 16 ? 1.3909 1.1563 1.2980 -0.2276 -0.2874 0.0147  16 G B N1    
679 C C2    . G B 16 ? 1.2655 1.1223 1.2417 -0.2719 -0.2872 0.0321  16 G B C2    
680 N N2    . G B 16 ? 1.1856 0.9819 1.1056 -0.2906 -0.2842 0.0337  16 G B N2    
681 N N3    . G B 16 ? 1.2092 1.2057 1.2953 -0.2922 -0.2890 0.0476  16 G B N3    
682 C C4    . G B 16 ? 1.1864 1.2168 1.3037 -0.2643 -0.2947 0.0414  16 G B C4    
# 
loop_
_pdbx_poly_seq_scheme.asym_id 
_pdbx_poly_seq_scheme.entity_id 
_pdbx_poly_seq_scheme.seq_id 
_pdbx_poly_seq_scheme.mon_id 
_pdbx_poly_seq_scheme.ndb_seq_num 
_pdbx_poly_seq_scheme.pdb_seq_num 
_pdbx_poly_seq_scheme.auth_seq_num 
_pdbx_poly_seq_scheme.pdb_mon_id 
_pdbx_poly_seq_scheme.auth_mon_id 
_pdbx_poly_seq_scheme.pdb_strand_id 
_pdbx_poly_seq_scheme.pdb_ins_code 
_pdbx_poly_seq_scheme.hetero 
A 1 1  C 1  1  1  C C A . n 
A 1 2  C 2  2  2  C C A . n 
A 1 3  A 3  3  3  A A A . n 
A 1 4  U 4  4  4  U U A . n 
A 1 5  C 5  5  5  C C A . n 
A 1 6  C 6  6  6  C C A . n 
A 1 7  U 7  7  7  U U A . n 
A 1 8  C 8  8  8  C C A . n 
A 1 9  U 9  9  9  U U A . n 
A 1 10 A 10 10 10 A A A . n 
A 1 11 C 11 11 11 C C A . n 
A 1 12 A 12 12 12 A A A . n 
A 1 13 G 13 13 13 G G A . n 
A 1 14 G 14 14 14 G G A . n 
A 1 15 C 15 15 15 C C A . n 
A 1 16 G 16 16 16 G G A . n 
B 2 1  C 1  1  1  C C B . n 
B 2 2  G 2  2  2  G G B . n 
B 2 3  C 3  3  3  C C B . n 
B 2 4  C 4  4  4  C C B . n 
B 2 5  U 5  5  5  U U B . n 
B 2 6  G 6  6  6  G G B . n 
B 2 7  U 7  7  7  U U B . n 
B 2 8  A 8  8  8  A A B . n 
B 2 9  G 9  9  9  G G B . n 
B 2 10 A 10 10 10 A A B . n 
B 2 11 G 11 11 11 G G B . n 
B 2 12 G 12 12 12 G G B . n 
B 2 13 A 13 13 13 A A B . n 
B 2 14 U 14 14 14 U U B . n 
B 2 15 G 15 15 15 G G B . n 
B 2 16 G 16 16 16 G G B . n 
# 
_pdbx_SG_project.id                    1 
_pdbx_SG_project.project_name          PSI:Biology 
_pdbx_SG_project.full_name_of_center   'Northeast Structural Genomics Consortium' 
_pdbx_SG_project.initial_of_center     NESG 
# 
loop_
_pdbx_nonpoly_scheme.asym_id 
_pdbx_nonpoly_scheme.entity_id 
_pdbx_nonpoly_scheme.mon_id 
_pdbx_nonpoly_scheme.ndb_seq_num 
_pdbx_nonpoly_scheme.pdb_seq_num 
_pdbx_nonpoly_scheme.auth_seq_num 
_pdbx_nonpoly_scheme.pdb_mon_id 
_pdbx_nonpoly_scheme.auth_mon_id 
_pdbx_nonpoly_scheme.pdb_strand_id 
_pdbx_nonpoly_scheme.pdb_ins_code 
C 3 ARG 1 101 20 ARG ARG A . 
D 4 HOH 1 201 5  HOH HOH A . 
D 4 HOH 2 202 1  HOH HOH A . 
D 4 HOH 3 203 4  HOH HOH A . 
D 4 HOH 4 204 7  HOH HOH A . 
D 4 HOH 5 205 10 HOH HOH A . 
D 4 HOH 6 206 3  HOH HOH A . 
D 4 HOH 7 207 8  HOH HOH A . 
E 4 HOH 1 101 9  HOH HOH B . 
E 4 HOH 2 102 2  HOH HOH B . 
E 4 HOH 3 103 6  HOH HOH B . 
# 
_pdbx_struct_assembly.id                   1 
_pdbx_struct_assembly.details              author_and_software_defined_assembly 
_pdbx_struct_assembly.method_details       PISA 
_pdbx_struct_assembly.oligomeric_details   dimeric 
_pdbx_struct_assembly.oligomeric_count     2 
# 
_pdbx_struct_assembly_gen.assembly_id       1 
_pdbx_struct_assembly_gen.oper_expression   1 
_pdbx_struct_assembly_gen.asym_id_list      A,B,C,D,E 
# 
loop_
_pdbx_struct_assembly_prop.biol_id 
_pdbx_struct_assembly_prop.type 
_pdbx_struct_assembly_prop.value 
_pdbx_struct_assembly_prop.details 
1 'ABSA (A^2)' 1600 ? 
1 MORE         -3   ? 
1 'SSA (A^2)'  6210 ? 
# 
_pdbx_struct_oper_list.id                   1 
_pdbx_struct_oper_list.type                 'identity operation' 
_pdbx_struct_oper_list.name                 1_555 
_pdbx_struct_oper_list.symmetry_operation   x,y,z 
_pdbx_struct_oper_list.matrix[1][1]         1.0000000000 
_pdbx_struct_oper_list.matrix[1][2]         0.0000000000 
_pdbx_struct_oper_list.matrix[1][3]         0.0000000000 
_pdbx_struct_oper_list.vector[1]            0.0000000000 
_pdbx_struct_oper_list.matrix[2][1]         0.0000000000 
_pdbx_struct_oper_list.matrix[2][2]         1.0000000000 
_pdbx_struct_oper_list.matrix[2][3]         0.0000000000 
_pdbx_struct_oper_list.vector[2]            0.0000000000 
_pdbx_struct_oper_list.matrix[3][1]         0.0000000000 
_pdbx_struct_oper_list.matrix[3][2]         0.0000000000 
_pdbx_struct_oper_list.matrix[3][3]         1.0000000000 
_pdbx_struct_oper_list.vector[3]            0.0000000000 
# 
_pdbx_struct_special_symmetry.id              1 
_pdbx_struct_special_symmetry.PDB_model_num   1 
_pdbx_struct_special_symmetry.auth_asym_id    A 
_pdbx_struct_special_symmetry.auth_comp_id    HOH 
_pdbx_struct_special_symmetry.auth_seq_id     207 
_pdbx_struct_special_symmetry.PDB_ins_code    ? 
_pdbx_struct_special_symmetry.label_asym_id   D 
_pdbx_struct_special_symmetry.label_comp_id   HOH 
_pdbx_struct_special_symmetry.label_seq_id    . 
# 
loop_
_pdbx_audit_revision_history.ordinal 
_pdbx_audit_revision_history.data_content_type 
_pdbx_audit_revision_history.major_revision 
_pdbx_audit_revision_history.minor_revision 
_pdbx_audit_revision_history.revision_date 
1 'Structure model' 1 0 2016-08-03 
2 'Structure model' 1 1 2023-10-04 
# 
_pdbx_audit_revision_details.ordinal             1 
_pdbx_audit_revision_details.revision_ordinal    1 
_pdbx_audit_revision_details.data_content_type   'Structure model' 
_pdbx_audit_revision_details.provider            repository 
_pdbx_audit_revision_details.type                'Initial release' 
_pdbx_audit_revision_details.description         ? 
_pdbx_audit_revision_details.details             ? 
# 
loop_
_pdbx_audit_revision_group.ordinal 
_pdbx_audit_revision_group.revision_ordinal 
_pdbx_audit_revision_group.data_content_type 
_pdbx_audit_revision_group.group 
1 2 'Structure model' 'Data collection'        
2 2 'Structure model' 'Database references'    
3 2 'Structure model' 'Derived calculations'   
4 2 'Structure model' 'Refinement description' 
# 
loop_
_pdbx_audit_revision_category.ordinal 
_pdbx_audit_revision_category.revision_ordinal 
_pdbx_audit_revision_category.data_content_type 
_pdbx_audit_revision_category.category 
1 2 'Structure model' chem_comp_atom                
2 2 'Structure model' chem_comp_bond                
3 2 'Structure model' database_2                    
4 2 'Structure model' pdbx_initial_refinement_model 
5 2 'Structure model' pdbx_struct_oper_list         
# 
loop_
_pdbx_audit_revision_item.ordinal 
_pdbx_audit_revision_item.revision_ordinal 
_pdbx_audit_revision_item.data_content_type 
_pdbx_audit_revision_item.item 
1 2 'Structure model' '_database_2.pdbx_DOI'                      
2 2 'Structure model' '_database_2.pdbx_database_accession'       
3 2 'Structure model' '_pdbx_struct_oper_list.symmetry_operation' 
# 
loop_
_pdbx_refine_tls.pdbx_refine_id 
_pdbx_refine_tls.id 
_pdbx_refine_tls.details 
_pdbx_refine_tls.method 
_pdbx_refine_tls.origin_x 
_pdbx_refine_tls.origin_y 
_pdbx_refine_tls.origin_z 
_pdbx_refine_tls.T[1][1] 
_pdbx_refine_tls.T[2][2] 
_pdbx_refine_tls.T[3][3] 
_pdbx_refine_tls.T[1][2] 
_pdbx_refine_tls.T[1][3] 
_pdbx_refine_tls.T[2][3] 
_pdbx_refine_tls.L[1][1] 
_pdbx_refine_tls.L[2][2] 
_pdbx_refine_tls.L[3][3] 
_pdbx_refine_tls.L[1][2] 
_pdbx_refine_tls.L[1][3] 
_pdbx_refine_tls.L[2][3] 
_pdbx_refine_tls.S[1][1] 
_pdbx_refine_tls.S[1][2] 
_pdbx_refine_tls.S[1][3] 
_pdbx_refine_tls.S[2][1] 
_pdbx_refine_tls.S[2][2] 
_pdbx_refine_tls.S[2][3] 
_pdbx_refine_tls.S[3][1] 
_pdbx_refine_tls.S[3][2] 
_pdbx_refine_tls.S[3][3] 
'X-RAY DIFFRACTION' 1 ? refined -14.5904 -4.0119 -20.0628 0.5382 0.4725 0.4720 0.0692 0.0883 -0.1238 5.8445  4.0268 5.4789  -2.6287 0.5165 -5.4372 -0.0750 -0.5904 0.1665  0.3444 0.2213 0.4528 -0.5571 -0.4215 -0.1267 
'X-RAY DIFFRACTION' 2 ? refined -11.6095 -5.0511 -15.5977 0.4296 0.5567 0.6390 0.0835 0.1049 -0.0154 -0.9455 4.5942 10.3726 -1.6595 2.5841 -2.5875 -0.0816 -0.4100 -0.1137 0.4455 0.2761 0.0808 -0.5012 -0.6100 -0.2436 
# 
loop_
_pdbx_refine_tls_group.pdbx_refine_id 
_pdbx_refine_tls_group.id 
_pdbx_refine_tls_group.refine_tls_id 
_pdbx_refine_tls_group.beg_auth_asym_id 
_pdbx_refine_tls_group.beg_auth_seq_id 
_pdbx_refine_tls_group.beg_label_asym_id 
_pdbx_refine_tls_group.beg_label_seq_id 
_pdbx_refine_tls_group.end_auth_asym_id 
_pdbx_refine_tls_group.end_auth_seq_id 
_pdbx_refine_tls_group.end_label_asym_id 
_pdbx_refine_tls_group.end_label_seq_id 
_pdbx_refine_tls_group.selection 
_pdbx_refine_tls_group.selection_details 
'X-RAY DIFFRACTION' 1 1 ? ? ? ? ? ? ? ? ? 'chain A' 
'X-RAY DIFFRACTION' 2 2 ? ? ? ? ? ? ? ? ? 'chain B' 
# 
loop_
_software.citation_id 
_software.classification 
_software.compiler_name 
_software.compiler_version 
_software.contact_author 
_software.contact_author_email 
_software.date 
_software.description 
_software.dependencies 
_software.hardware 
_software.language 
_software.location 
_software.mods 
_software.name 
_software.os 
_software.os_version 
_software.type 
_software.version 
_software.pdbx_ordinal 
? refinement       ? ? ? ? ? ? ? ? ? ? ? PHENIX   ? ? ? '(1.10.1_2155)' 1 
? 'data reduction' ? ? ? ? ? ? ? ? ? ? ? HKL-2000 ? ? ? .               2 
? 'data scaling'   ? ? ? ? ? ? ? ? ? ? ? HKL-2000 ? ? ? .               3 
? phasing          ? ? ? ? ? ? ? ? ? ? ? MOLREP   ? ? ? .               4 
# 
_pdbx_validate_close_contact.id               1 
_pdbx_validate_close_contact.PDB_model_num    1 
_pdbx_validate_close_contact.auth_atom_id_1   OP2 
_pdbx_validate_close_contact.auth_asym_id_1   A 
_pdbx_validate_close_contact.auth_comp_id_1   C 
_pdbx_validate_close_contact.auth_seq_id_1    1 
_pdbx_validate_close_contact.PDB_ins_code_1   ? 
_pdbx_validate_close_contact.label_alt_id_1   ? 
_pdbx_validate_close_contact.auth_atom_id_2   O 
_pdbx_validate_close_contact.auth_asym_id_2   A 
_pdbx_validate_close_contact.auth_comp_id_2   HOH 
_pdbx_validate_close_contact.auth_seq_id_2    201 
_pdbx_validate_close_contact.PDB_ins_code_2   ? 
_pdbx_validate_close_contact.label_alt_id_2   ? 
_pdbx_validate_close_contact.dist             2.14 
# 
_pdbx_validate_rmsd_angle.id                         1 
_pdbx_validate_rmsd_angle.PDB_model_num              1 
_pdbx_validate_rmsd_angle.auth_atom_id_1             OP1 
_pdbx_validate_rmsd_angle.auth_asym_id_1             A 
_pdbx_validate_rmsd_angle.auth_comp_id_1             C 
_pdbx_validate_rmsd_angle.auth_seq_id_1              8 
_pdbx_validate_rmsd_angle.PDB_ins_code_1             ? 
_pdbx_validate_rmsd_angle.label_alt_id_1             ? 
_pdbx_validate_rmsd_angle.auth_atom_id_2             P 
_pdbx_validate_rmsd_angle.auth_asym_id_2             A 
_pdbx_validate_rmsd_angle.auth_comp_id_2             C 
_pdbx_validate_rmsd_angle.auth_seq_id_2              8 
_pdbx_validate_rmsd_angle.PDB_ins_code_2             ? 
_pdbx_validate_rmsd_angle.label_alt_id_2             ? 
_pdbx_validate_rmsd_angle.auth_atom_id_3             OP2 
_pdbx_validate_rmsd_angle.auth_asym_id_3             A 
_pdbx_validate_rmsd_angle.auth_comp_id_3             C 
_pdbx_validate_rmsd_angle.auth_seq_id_3              8 
_pdbx_validate_rmsd_angle.PDB_ins_code_3             ? 
_pdbx_validate_rmsd_angle.label_alt_id_3             ? 
_pdbx_validate_rmsd_angle.angle_value                130.48 
_pdbx_validate_rmsd_angle.angle_target_value         119.60 
_pdbx_validate_rmsd_angle.angle_deviation            10.88 
_pdbx_validate_rmsd_angle.angle_standard_deviation   1.50 
_pdbx_validate_rmsd_angle.linker_flag                N 
# 
_pdbx_validate_planes.id              1 
_pdbx_validate_planes.PDB_model_num   1 
_pdbx_validate_planes.auth_comp_id    ARG 
_pdbx_validate_planes.auth_asym_id    A 
_pdbx_validate_planes.auth_seq_id     101 
_pdbx_validate_planes.PDB_ins_code    ? 
_pdbx_validate_planes.label_alt_id    ? 
_pdbx_validate_planes.rmsd            0.312 
_pdbx_validate_planes.type            'SIDE CHAIN' 
# 
loop_
_chem_comp_atom.comp_id 
_chem_comp_atom.atom_id 
_chem_comp_atom.type_symbol 
_chem_comp_atom.pdbx_aromatic_flag 
_chem_comp_atom.pdbx_stereo_config 
_chem_comp_atom.pdbx_ordinal 
A   OP3    O N N 1   
A   P      P N N 2   
A   OP1    O N N 3   
A   OP2    O N N 4   
A   "O5'"  O N N 5   
A   "C5'"  C N N 6   
A   "C4'"  C N R 7   
A   "O4'"  O N N 8   
A   "C3'"  C N S 9   
A   "O3'"  O N N 10  
A   "C2'"  C N R 11  
A   "O2'"  O N N 12  
A   "C1'"  C N R 13  
A   N9     N Y N 14  
A   C8     C Y N 15  
A   N7     N Y N 16  
A   C5     C Y N 17  
A   C6     C Y N 18  
A   N6     N N N 19  
A   N1     N Y N 20  
A   C2     C Y N 21  
A   N3     N Y N 22  
A   C4     C Y N 23  
A   HOP3   H N N 24  
A   HOP2   H N N 25  
A   "H5'"  H N N 26  
A   "H5''" H N N 27  
A   "H4'"  H N N 28  
A   "H3'"  H N N 29  
A   "HO3'" H N N 30  
A   "H2'"  H N N 31  
A   "HO2'" H N N 32  
A   "H1'"  H N N 33  
A   H8     H N N 34  
A   H61    H N N 35  
A   H62    H N N 36  
A   H2     H N N 37  
ARG N      N N N 38  
ARG CA     C N S 39  
ARG C      C N N 40  
ARG O      O N N 41  
ARG CB     C N N 42  
ARG CG     C N N 43  
ARG CD     C N N 44  
ARG NE     N N N 45  
ARG CZ     C N N 46  
ARG NH1    N N N 47  
ARG NH2    N N N 48  
ARG OXT    O N N 49  
ARG H      H N N 50  
ARG H2     H N N 51  
ARG HA     H N N 52  
ARG HB2    H N N 53  
ARG HB3    H N N 54  
ARG HG2    H N N 55  
ARG HG3    H N N 56  
ARG HD2    H N N 57  
ARG HD3    H N N 58  
ARG HE     H N N 59  
ARG HH11   H N N 60  
ARG HH12   H N N 61  
ARG HH21   H N N 62  
ARG HH22   H N N 63  
ARG HXT    H N N 64  
C   OP3    O N N 65  
C   P      P N N 66  
C   OP1    O N N 67  
C   OP2    O N N 68  
C   "O5'"  O N N 69  
C   "C5'"  C N N 70  
C   "C4'"  C N R 71  
C   "O4'"  O N N 72  
C   "C3'"  C N S 73  
C   "O3'"  O N N 74  
C   "C2'"  C N R 75  
C   "O2'"  O N N 76  
C   "C1'"  C N R 77  
C   N1     N N N 78  
C   C2     C N N 79  
C   O2     O N N 80  
C   N3     N N N 81  
C   C4     C N N 82  
C   N4     N N N 83  
C   C5     C N N 84  
C   C6     C N N 85  
C   HOP3   H N N 86  
C   HOP2   H N N 87  
C   "H5'"  H N N 88  
C   "H5''" H N N 89  
C   "H4'"  H N N 90  
C   "H3'"  H N N 91  
C   "HO3'" H N N 92  
C   "H2'"  H N N 93  
C   "HO2'" H N N 94  
C   "H1'"  H N N 95  
C   H41    H N N 96  
C   H42    H N N 97  
C   H5     H N N 98  
C   H6     H N N 99  
G   OP3    O N N 100 
G   P      P N N 101 
G   OP1    O N N 102 
G   OP2    O N N 103 
G   "O5'"  O N N 104 
G   "C5'"  C N N 105 
G   "C4'"  C N R 106 
G   "O4'"  O N N 107 
G   "C3'"  C N S 108 
G   "O3'"  O N N 109 
G   "C2'"  C N R 110 
G   "O2'"  O N N 111 
G   "C1'"  C N R 112 
G   N9     N Y N 113 
G   C8     C Y N 114 
G   N7     N Y N 115 
G   C5     C Y N 116 
G   C6     C N N 117 
G   O6     O N N 118 
G   N1     N N N 119 
G   C2     C N N 120 
G   N2     N N N 121 
G   N3     N N N 122 
G   C4     C Y N 123 
G   HOP3   H N N 124 
G   HOP2   H N N 125 
G   "H5'"  H N N 126 
G   "H5''" H N N 127 
G   "H4'"  H N N 128 
G   "H3'"  H N N 129 
G   "HO3'" H N N 130 
G   "H2'"  H N N 131 
G   "HO2'" H N N 132 
G   "H1'"  H N N 133 
G   H8     H N N 134 
G   H1     H N N 135 
G   H21    H N N 136 
G   H22    H N N 137 
HOH O      O N N 138 
HOH H1     H N N 139 
HOH H2     H N N 140 
U   OP3    O N N 141 
U   P      P N N 142 
U   OP1    O N N 143 
U   OP2    O N N 144 
U   "O5'"  O N N 145 
U   "C5'"  C N N 146 
U   "C4'"  C N R 147 
U   "O4'"  O N N 148 
U   "C3'"  C N S 149 
U   "O3'"  O N N 150 
U   "C2'"  C N R 151 
U   "O2'"  O N N 152 
U   "C1'"  C N R 153 
U   N1     N N N 154 
U   C2     C N N 155 
U   O2     O N N 156 
U   N3     N N N 157 
U   C4     C N N 158 
U   O4     O N N 159 
U   C5     C N N 160 
U   C6     C N N 161 
U   HOP3   H N N 162 
U   HOP2   H N N 163 
U   "H5'"  H N N 164 
U   "H5''" H N N 165 
U   "H4'"  H N N 166 
U   "H3'"  H N N 167 
U   "HO3'" H N N 168 
U   "H2'"  H N N 169 
U   "HO2'" H N N 170 
U   "H1'"  H N N 171 
U   H3     H N N 172 
U   H5     H N N 173 
U   H6     H N N 174 
# 
loop_
_chem_comp_bond.comp_id 
_chem_comp_bond.atom_id_1 
_chem_comp_bond.atom_id_2 
_chem_comp_bond.value_order 
_chem_comp_bond.pdbx_aromatic_flag 
_chem_comp_bond.pdbx_stereo_config 
_chem_comp_bond.pdbx_ordinal 
A   OP3   P      sing N N 1   
A   OP3   HOP3   sing N N 2   
A   P     OP1    doub N N 3   
A   P     OP2    sing N N 4   
A   P     "O5'"  sing N N 5   
A   OP2   HOP2   sing N N 6   
A   "O5'" "C5'"  sing N N 7   
A   "C5'" "C4'"  sing N N 8   
A   "C5'" "H5'"  sing N N 9   
A   "C5'" "H5''" sing N N 10  
A   "C4'" "O4'"  sing N N 11  
A   "C4'" "C3'"  sing N N 12  
A   "C4'" "H4'"  sing N N 13  
A   "O4'" "C1'"  sing N N 14  
A   "C3'" "O3'"  sing N N 15  
A   "C3'" "C2'"  sing N N 16  
A   "C3'" "H3'"  sing N N 17  
A   "O3'" "HO3'" sing N N 18  
A   "C2'" "O2'"  sing N N 19  
A   "C2'" "C1'"  sing N N 20  
A   "C2'" "H2'"  sing N N 21  
A   "O2'" "HO2'" sing N N 22  
A   "C1'" N9     sing N N 23  
A   "C1'" "H1'"  sing N N 24  
A   N9    C8     sing Y N 25  
A   N9    C4     sing Y N 26  
A   C8    N7     doub Y N 27  
A   C8    H8     sing N N 28  
A   N7    C5     sing Y N 29  
A   C5    C6     sing Y N 30  
A   C5    C4     doub Y N 31  
A   C6    N6     sing N N 32  
A   C6    N1     doub Y N 33  
A   N6    H61    sing N N 34  
A   N6    H62    sing N N 35  
A   N1    C2     sing Y N 36  
A   C2    N3     doub Y N 37  
A   C2    H2     sing N N 38  
A   N3    C4     sing Y N 39  
ARG N     CA     sing N N 40  
ARG N     H      sing N N 41  
ARG N     H2     sing N N 42  
ARG CA    C      sing N N 43  
ARG CA    CB     sing N N 44  
ARG CA    HA     sing N N 45  
ARG C     O      doub N N 46  
ARG C     OXT    sing N N 47  
ARG CB    CG     sing N N 48  
ARG CB    HB2    sing N N 49  
ARG CB    HB3    sing N N 50  
ARG CG    CD     sing N N 51  
ARG CG    HG2    sing N N 52  
ARG CG    HG3    sing N N 53  
ARG CD    NE     sing N N 54  
ARG CD    HD2    sing N N 55  
ARG CD    HD3    sing N N 56  
ARG NE    CZ     sing N N 57  
ARG NE    HE     sing N N 58  
ARG CZ    NH1    sing N N 59  
ARG CZ    NH2    doub N N 60  
ARG NH1   HH11   sing N N 61  
ARG NH1   HH12   sing N N 62  
ARG NH2   HH21   sing N N 63  
ARG NH2   HH22   sing N N 64  
ARG OXT   HXT    sing N N 65  
C   OP3   P      sing N N 66  
C   OP3   HOP3   sing N N 67  
C   P     OP1    doub N N 68  
C   P     OP2    sing N N 69  
C   P     "O5'"  sing N N 70  
C   OP2   HOP2   sing N N 71  
C   "O5'" "C5'"  sing N N 72  
C   "C5'" "C4'"  sing N N 73  
C   "C5'" "H5'"  sing N N 74  
C   "C5'" "H5''" sing N N 75  
C   "C4'" "O4'"  sing N N 76  
C   "C4'" "C3'"  sing N N 77  
C   "C4'" "H4'"  sing N N 78  
C   "O4'" "C1'"  sing N N 79  
C   "C3'" "O3'"  sing N N 80  
C   "C3'" "C2'"  sing N N 81  
C   "C3'" "H3'"  sing N N 82  
C   "O3'" "HO3'" sing N N 83  
C   "C2'" "O2'"  sing N N 84  
C   "C2'" "C1'"  sing N N 85  
C   "C2'" "H2'"  sing N N 86  
C   "O2'" "HO2'" sing N N 87  
C   "C1'" N1     sing N N 88  
C   "C1'" "H1'"  sing N N 89  
C   N1    C2     sing N N 90  
C   N1    C6     sing N N 91  
C   C2    O2     doub N N 92  
C   C2    N3     sing N N 93  
C   N3    C4     doub N N 94  
C   C4    N4     sing N N 95  
C   C4    C5     sing N N 96  
C   N4    H41    sing N N 97  
C   N4    H42    sing N N 98  
C   C5    C6     doub N N 99  
C   C5    H5     sing N N 100 
C   C6    H6     sing N N 101 
G   OP3   P      sing N N 102 
G   OP3   HOP3   sing N N 103 
G   P     OP1    doub N N 104 
G   P     OP2    sing N N 105 
G   P     "O5'"  sing N N 106 
G   OP2   HOP2   sing N N 107 
G   "O5'" "C5'"  sing N N 108 
G   "C5'" "C4'"  sing N N 109 
G   "C5'" "H5'"  sing N N 110 
G   "C5'" "H5''" sing N N 111 
G   "C4'" "O4'"  sing N N 112 
G   "C4'" "C3'"  sing N N 113 
G   "C4'" "H4'"  sing N N 114 
G   "O4'" "C1'"  sing N N 115 
G   "C3'" "O3'"  sing N N 116 
G   "C3'" "C2'"  sing N N 117 
G   "C3'" "H3'"  sing N N 118 
G   "O3'" "HO3'" sing N N 119 
G   "C2'" "O2'"  sing N N 120 
G   "C2'" "C1'"  sing N N 121 
G   "C2'" "H2'"  sing N N 122 
G   "O2'" "HO2'" sing N N 123 
G   "C1'" N9     sing N N 124 
G   "C1'" "H1'"  sing N N 125 
G   N9    C8     sing Y N 126 
G   N9    C4     sing Y N 127 
G   C8    N7     doub Y N 128 
G   C8    H8     sing N N 129 
G   N7    C5     sing Y N 130 
G   C5    C6     sing N N 131 
G   C5    C4     doub Y N 132 
G   C6    O6     doub N N 133 
G   C6    N1     sing N N 134 
G   N1    C2     sing N N 135 
G   N1    H1     sing N N 136 
G   C2    N2     sing N N 137 
G   C2    N3     doub N N 138 
G   N2    H21    sing N N 139 
G   N2    H22    sing N N 140 
G   N3    C4     sing N N 141 
HOH O     H1     sing N N 142 
HOH O     H2     sing N N 143 
U   OP3   P      sing N N 144 
U   OP3   HOP3   sing N N 145 
U   P     OP1    doub N N 146 
U   P     OP2    sing N N 147 
U   P     "O5'"  sing N N 148 
U   OP2   HOP2   sing N N 149 
U   "O5'" "C5'"  sing N N 150 
U   "C5'" "C4'"  sing N N 151 
U   "C5'" "H5'"  sing N N 152 
U   "C5'" "H5''" sing N N 153 
U   "C4'" "O4'"  sing N N 154 
U   "C4'" "C3'"  sing N N 155 
U   "C4'" "H4'"  sing N N 156 
U   "O4'" "C1'"  sing N N 157 
U   "C3'" "O3'"  sing N N 158 
U   "C3'" "C2'"  sing N N 159 
U   "C3'" "H3'"  sing N N 160 
U   "O3'" "HO3'" sing N N 161 
U   "C2'" "O2'"  sing N N 162 
U   "C2'" "C1'"  sing N N 163 
U   "C2'" "H2'"  sing N N 164 
U   "O2'" "HO2'" sing N N 165 
U   "C1'" N1     sing N N 166 
U   "C1'" "H1'"  sing N N 167 
U   N1    C2     sing N N 168 
U   N1    C6     sing N N 169 
U   C2    O2     doub N N 170 
U   C2    N3     sing N N 171 
U   N3    C4     sing N N 172 
U   N3    H3     sing N N 173 
U   C4    O4     doub N N 174 
U   C4    C5     sing N N 175 
U   C5    C6     doub N N 176 
U   C5    H5     sing N N 177 
U   C6    H6     sing N N 178 
# 
_ndb_struct_conf_na.entry_id   5KVJ 
_ndb_struct_conf_na.feature    'a-form double helix' 
# 
loop_
_ndb_struct_na_base_pair.model_number 
_ndb_struct_na_base_pair.i_label_asym_id 
_ndb_struct_na_base_pair.i_label_comp_id 
_ndb_struct_na_base_pair.i_label_seq_id 
_ndb_struct_na_base_pair.i_symmetry 
_ndb_struct_na_base_pair.j_label_asym_id 
_ndb_struct_na_base_pair.j_label_comp_id 
_ndb_struct_na_base_pair.j_label_seq_id 
_ndb_struct_na_base_pair.j_symmetry 
_ndb_struct_na_base_pair.shear 
_ndb_struct_na_base_pair.stretch 
_ndb_struct_na_base_pair.stagger 
_ndb_struct_na_base_pair.buckle 
_ndb_struct_na_base_pair.propeller 
_ndb_struct_na_base_pair.opening 
_ndb_struct_na_base_pair.pair_number 
_ndb_struct_na_base_pair.pair_name 
_ndb_struct_na_base_pair.i_auth_asym_id 
_ndb_struct_na_base_pair.i_auth_seq_id 
_ndb_struct_na_base_pair.i_PDB_ins_code 
_ndb_struct_na_base_pair.j_auth_asym_id 
_ndb_struct_na_base_pair.j_auth_seq_id 
_ndb_struct_na_base_pair.j_PDB_ins_code 
_ndb_struct_na_base_pair.hbond_type_28 
_ndb_struct_na_base_pair.hbond_type_12 
1 A C 1  1_555 B G 16 1_555 -0.399 -0.160 -0.837 11.812  -22.420 -0.959 1  A_C1:G16_B A 1  ? B 16 ? 19 1 
1 A C 2  1_555 B G 15 1_555 -1.289 -0.246 0.588  8.581   -13.554 5.547  2  A_C2:G15_B A 2  ? B 15 ? 19 1 
1 A A 3  1_555 B U 14 1_555 0.384  -0.404 -0.448 7.539   -9.406  -7.440 3  A_A3:U14_B A 3  ? B 14 ? 20 1 
1 A U 4  1_555 B A 13 1_555 0.448  -0.197 -0.203 12.979  -10.947 5.258  4  A_U4:A13_B A 4  ? B 13 ? 20 1 
1 A C 5  1_555 B G 12 1_555 0.692  -0.162 -0.184 11.686  -17.673 11.746 5  A_C5:G12_B A 5  ? B 12 ? 19 1 
1 A C 6  1_555 B G 11 1_555 -1.423 -0.001 0.257  9.815   -13.114 6.683  6  A_C6:G11_B A 6  ? B 11 ? ?  1 
1 A U 7  1_555 B A 10 1_555 0.302  -0.403 0.076  0.087   -5.905  2.188  7  A_U7:A10_B A 7  ? B 10 ? 20 1 
1 A C 8  1_555 B G 9  1_555 -0.756 -0.059 -0.259 0.253   -7.453  6.303  8  A_C8:G9_B  A 8  ? B 9  ? 19 1 
1 A U 9  1_555 B A 8  1_555 0.413  -0.194 0.143  2.116   -4.567  1.212  9  A_U9:A8_B  A 9  ? B 8  ? 20 1 
1 A A 10 1_555 B U 7  1_555 -0.018 -0.400 0.440  4.498   -10.417 -1.282 10 A_A10:U7_B A 10 ? B 7  ? 20 1 
1 A C 11 1_555 B G 6  1_555 0.100  -0.154 0.080  4.381   -19.242 4.237  11 A_C11:G6_B A 11 ? B 6  ? 19 1 
1 A A 12 1_555 B U 5  1_555 -0.365 -0.112 0.290  7.584   -2.477  5.554  12 A_A12:U5_B A 12 ? B 5  ? 20 1 
1 A G 13 1_555 B C 4  1_555 -0.545 -0.316 -0.168 0.075   -16.606 -0.511 13 A_G13:C4_B A 13 ? B 4  ? 19 1 
1 A G 14 1_555 B C 3  1_555 -0.240 -0.631 -0.405 -12.302 -16.857 -0.130 14 A_G14:C3_B A 14 ? B 3  ? 19 1 
1 A C 15 1_555 B G 2  1_555 0.220  -0.486 0.219  -4.979  -14.230 6.157  15 A_C15:G2_B A 15 ? B 2  ? 19 1 
1 A G 16 1_555 B C 1  1_555 0.625  -0.147 -0.589 -9.199  -25.057 0.861  16 A_G16:C1_B A 16 ? B 1  ? 19 1 
# 
loop_
_ndb_struct_na_base_pair_step.model_number 
_ndb_struct_na_base_pair_step.i_label_asym_id_1 
_ndb_struct_na_base_pair_step.i_label_comp_id_1 
_ndb_struct_na_base_pair_step.i_label_seq_id_1 
_ndb_struct_na_base_pair_step.i_symmetry_1 
_ndb_struct_na_base_pair_step.j_label_asym_id_1 
_ndb_struct_na_base_pair_step.j_label_comp_id_1 
_ndb_struct_na_base_pair_step.j_label_seq_id_1 
_ndb_struct_na_base_pair_step.j_symmetry_1 
_ndb_struct_na_base_pair_step.i_label_asym_id_2 
_ndb_struct_na_base_pair_step.i_label_comp_id_2 
_ndb_struct_na_base_pair_step.i_label_seq_id_2 
_ndb_struct_na_base_pair_step.i_symmetry_2 
_ndb_struct_na_base_pair_step.j_label_asym_id_2 
_ndb_struct_na_base_pair_step.j_label_comp_id_2 
_ndb_struct_na_base_pair_step.j_label_seq_id_2 
_ndb_struct_na_base_pair_step.j_symmetry_2 
_ndb_struct_na_base_pair_step.shift 
_ndb_struct_na_base_pair_step.slide 
_ndb_struct_na_base_pair_step.rise 
_ndb_struct_na_base_pair_step.tilt 
_ndb_struct_na_base_pair_step.roll 
_ndb_struct_na_base_pair_step.twist 
_ndb_struct_na_base_pair_step.x_displacement 
_ndb_struct_na_base_pair_step.y_displacement 
_ndb_struct_na_base_pair_step.helical_rise 
_ndb_struct_na_base_pair_step.inclination 
_ndb_struct_na_base_pair_step.tip 
_ndb_struct_na_base_pair_step.helical_twist 
_ndb_struct_na_base_pair_step.step_number 
_ndb_struct_na_base_pair_step.step_name 
_ndb_struct_na_base_pair_step.i_auth_asym_id_1 
_ndb_struct_na_base_pair_step.i_auth_seq_id_1 
_ndb_struct_na_base_pair_step.i_PDB_ins_code_1 
_ndb_struct_na_base_pair_step.j_auth_asym_id_1 
_ndb_struct_na_base_pair_step.j_auth_seq_id_1 
_ndb_struct_na_base_pair_step.j_PDB_ins_code_1 
_ndb_struct_na_base_pair_step.i_auth_asym_id_2 
_ndb_struct_na_base_pair_step.i_auth_seq_id_2 
_ndb_struct_na_base_pair_step.i_PDB_ins_code_2 
_ndb_struct_na_base_pair_step.j_auth_asym_id_2 
_ndb_struct_na_base_pair_step.j_auth_seq_id_2 
_ndb_struct_na_base_pair_step.j_PDB_ins_code_2 
1 A C 1  1_555 B G 16 1_555 A C 2  1_555 B G 15 1_555 0.542  -1.762 3.301 -14.338 9.835  30.937 -4.207 -2.799 2.205 16.871 24.596  
35.384 1  AA_C1C2:G15G16_BB A 1  ? B 16 ? A 2  ? B 15 ? 
1 A C 2  1_555 B G 15 1_555 A A 3  1_555 B U 14 1_555 -0.802 -1.233 3.374 4.655   4.942  39.219 -2.383 1.716  3.091 7.296  -6.873  
39.779 2  AA_C2A3:U14G15_BB A 2  ? B 15 ? A 3  ? B 14 ? 
1 A A 3  1_555 B U 14 1_555 A U 4  1_555 B A 13 1_555 0.660  -1.488 3.148 -1.865  4.926  31.100 -3.584 -1.535 2.841 9.105  3.448   
31.532 3  AA_A3U4:A13U14_BB A 3  ? B 14 ? A 4  ? B 13 ? 
1 A U 4  1_555 B A 13 1_555 A C 5  1_555 B G 12 1_555 -0.179 -1.305 3.155 3.973   14.812 30.985 -4.221 0.844  2.276 25.836 -6.930  
34.489 4  AA_U4C5:G12A13_BB A 4  ? B 13 ? A 5  ? B 12 ? 
1 A C 5  1_555 B G 12 1_555 A C 6  1_555 B G 11 1_555 0.132  -2.054 3.004 -5.103  14.751 19.078 -8.029 -1.420 1.089 37.418 12.945  
24.604 5  AA_C5C6:G11G12_BB A 5  ? B 12 ? A 6  ? B 11 ? 
1 A C 6  1_555 B G 11 1_555 A U 7  1_555 B A 10 1_555 -0.079 -1.251 3.548 1.291   8.568  43.595 -2.488 0.230  3.255 11.402 -1.718  
44.406 6  AA_C6U7:A10G11_BB A 6  ? B 11 ? A 7  ? B 10 ? 
1 A U 7  1_555 B A 10 1_555 A C 8  1_555 B G 9  1_555 0.324  -2.031 3.190 0.952   7.400  22.281 -7.188 -0.513 2.410 18.496 -2.379  
23.482 7  AA_U7C8:G9A10_BB  A 7  ? B 10 ? A 8  ? B 9  ? 
1 A C 8  1_555 B G 9  1_555 A U 9  1_555 B A 8  1_555 -0.143 -1.453 3.340 -1.891  0.249  37.612 -2.283 -0.028 3.333 0.386  2.931   
37.658 8  AA_C8U9:A8G9_BB   A 8  ? B 9  ? A 9  ? B 8  ? 
1 A U 9  1_555 B A 8  1_555 A A 10 1_555 B U 7  1_555 0.068  -1.819 3.091 -0.189  5.806  29.530 -4.566 -0.166 2.692 11.254 0.366   
30.084 9  AA_U9A10:U7A8_BB  A 9  ? B 8  ? A 10 ? B 7  ? 
1 A A 10 1_555 B U 7  1_555 A C 11 1_555 B G 6  1_555 0.415  -1.653 3.283 6.187   4.909  30.724 -3.911 0.355  3.013 9.077  -11.442 
31.700 10 AA_A10C11:G6U7_BB A 10 ? B 7  ? A 11 ? B 6  ? 
1 A C 11 1_555 B G 6  1_555 A A 12 1_555 B U 5  1_555 0.031  -1.827 2.782 -2.355  16.033 30.100 -4.945 -0.322 1.623 28.430 4.175   
34.096 11 AA_C11A12:U5G6_BB A 11 ? B 6  ? A 12 ? B 5  ? 
1 A A 12 1_555 B U 5  1_555 A G 13 1_555 B C 4  1_555 0.234  -1.674 3.373 5.506   10.611 30.377 -4.748 0.500  2.656 19.336 -10.032 
32.593 12 AA_A12G13:C4U5_BB A 12 ? B 5  ? A 13 ? B 4  ? 
1 A G 13 1_555 B C 4  1_555 A G 14 1_555 B C 3  1_555 0.160  -1.424 3.506 1.555   16.833 30.079 -4.950 -0.036 2.402 29.673 -2.741  
34.408 13 AA_G13G14:C3C4_BB A 13 ? B 4  ? A 14 ? B 3  ? 
1 A G 14 1_555 B C 3  1_555 A C 15 1_555 B G 2  1_555 0.141  -1.376 2.964 -4.939  5.891  36.048 -2.874 -0.807 2.672 9.388  7.871   
36.832 14 AA_G14C15:G2C3_BB A 14 ? B 3  ? A 15 ? B 2  ? 
1 A C 15 1_555 B G 2  1_555 A G 16 1_555 B C 1  1_555 -0.479 -1.067 3.605 7.372   8.609  35.779 -2.850 1.763  3.119 13.598 -11.644 
37.475 15 AA_C15G16:C1G2_BB A 15 ? B 2  ? A 16 ? B 1  ? 
# 
loop_
_pdbx_entity_nonpoly.entity_id 
_pdbx_entity_nonpoly.name 
_pdbx_entity_nonpoly.comp_id 
3 ARGININE ARG 
4 water    HOH 
# 
_pdbx_initial_refinement_model.id               1 
_pdbx_initial_refinement_model.entity_id_list   ? 
_pdbx_initial_refinement_model.type             'experimental model' 
_pdbx_initial_refinement_model.source_name      PDB 
_pdbx_initial_refinement_model.accession_code   3ND3 
_pdbx_initial_refinement_model.details          ? 
# 
